data_3FQZ
# 
_entry.id   3FQZ 
# 
_audit_conform.dict_name       mmcif_pdbx.dic 
_audit_conform.dict_version    5.389 
_audit_conform.dict_location   http://mmcif.pdb.org/dictionaries/ascii/mmcif_pdbx.dic 
# 
loop_
_database_2.database_id 
_database_2.database_code 
_database_2.pdbx_database_accession 
_database_2.pdbx_DOI 
PDB   3FQZ         pdb_00003fqz 10.2210/pdb3fqz/pdb 
RCSB  RCSB050933   ?            ?                   
WWPDB D_1000050933 ?            ?                   
# 
loop_
_pdbx_audit_revision_history.ordinal 
_pdbx_audit_revision_history.data_content_type 
_pdbx_audit_revision_history.major_revision 
_pdbx_audit_revision_history.minor_revision 
_pdbx_audit_revision_history.revision_date 
1 'Structure model' 1 0 2009-03-24 
2 'Structure model' 1 1 2011-07-13 
3 'Structure model' 1 2 2013-11-20 
4 'Structure model' 1 3 2017-11-01 
5 'Structure model' 1 4 2024-02-21 
6 'Structure model' 1 5 2024-04-03 
# 
_pdbx_audit_revision_details.ordinal             1 
_pdbx_audit_revision_details.revision_ordinal    1 
_pdbx_audit_revision_details.data_content_type   'Structure model' 
_pdbx_audit_revision_details.provider            repository 
_pdbx_audit_revision_details.type                'Initial release' 
_pdbx_audit_revision_details.description         ? 
_pdbx_audit_revision_details.details             ? 
# 
loop_
_pdbx_audit_revision_group.ordinal 
_pdbx_audit_revision_group.revision_ordinal 
_pdbx_audit_revision_group.data_content_type 
_pdbx_audit_revision_group.group 
1 2 'Structure model' 'Version format compliance' 
2 3 'Structure model' 'Non-polymer description'   
3 4 'Structure model' 'Refinement description'    
4 5 'Structure model' 'Data collection'           
5 5 'Structure model' 'Database references'       
6 5 'Structure model' 'Derived calculations'      
7 6 'Structure model' 'Refinement description'    
# 
loop_
_pdbx_audit_revision_category.ordinal 
_pdbx_audit_revision_category.revision_ordinal 
_pdbx_audit_revision_category.data_content_type 
_pdbx_audit_revision_category.category 
1 4 'Structure model' software                      
2 5 'Structure model' chem_comp_atom                
3 5 'Structure model' chem_comp_bond                
4 5 'Structure model' database_2                    
5 5 'Structure model' struct_site                   
6 6 'Structure model' pdbx_initial_refinement_model 
# 
loop_
_pdbx_audit_revision_item.ordinal 
_pdbx_audit_revision_item.revision_ordinal 
_pdbx_audit_revision_item.data_content_type 
_pdbx_audit_revision_item.item 
1 5 'Structure model' '_database_2.pdbx_DOI'                
2 5 'Structure model' '_database_2.pdbx_database_accession' 
3 5 'Structure model' '_struct_site.pdbx_auth_asym_id'      
4 5 'Structure model' '_struct_site.pdbx_auth_comp_id'      
5 5 'Structure model' '_struct_site.pdbx_auth_seq_id'       
# 
_pdbx_database_status.entry_id                        3FQZ 
_pdbx_database_status.deposit_site                    RCSB 
_pdbx_database_status.process_site                    RCSB 
_pdbx_database_status.recvd_initial_deposition_date   2009-01-07 
_pdbx_database_status.status_code                     REL 
_pdbx_database_status.status_code_sf                  REL 
_pdbx_database_status.status_code_mr                  ? 
_pdbx_database_status.SG_entry                        ? 
_pdbx_database_status.status_code_cs                  ? 
_pdbx_database_status.pdb_format_compatible           Y 
_pdbx_database_status.methods_development_category    ? 
_pdbx_database_status.status_code_nmr_data            ? 
# 
loop_
_pdbx_database_related.db_name 
_pdbx_database_related.db_id 
_pdbx_database_related.details 
_pdbx_database_related.content_type 
PDB 3F0B 
;Staphylococcus aureus dihydrofolate reductase complexed with NADPH and 2,4-Diamino-5-[3-(3-methoxy-5-phenylphenyl)but-1-ynyl]-6-methylpyrimidine
;
unspecified 
PDB 3F0U 
;Staphylococcus aureus F98Y mutant dihydrofolate reductase complexed with NADPH and 2,4-Diamino-5-[3-(3-methoxy-5-phenylphenyl)but-1-ynyl]-6-methylpyrimidine
;
unspecified 
PDB 3F0Q 
;Staphylococcus aureus dihydrofolate reductase complexed with NADPH and 2,4-Diamino-5-[3-(3-methoxy-5-(2,6-dimethylphenyl)phenyl)but-1-ynyl]-6-methylpyrimidine
;
unspecified 
PDB 3F0V 
;Staphylococcus aureus F98Y mutant dihydrofolate reductase complexed with NADPH and 2,4-Diamino-5-[3-(3-methoxy-5-(2,6-dimethylphenyl)phenyl)but-1-ynyl]-6-methylpyrimidine
;
unspecified 
PDB 3F0S 
;Staphylococcus aureus dihydrofolate reductase complexed with NADPH and 2,4-Diamino-5-[3-(3-methoxy-5-(3,5-dimethylphenyl)phenyl)but-1-ynyl]-6-methylpyrimidine
;
unspecified 
PDB 3F0X 
;Staphylococcus aureus F98Y mutant dihydrofolate reductase complexed with NADPH and 2,4-Diamino-5-[3-(3-methoxy-5-(3,5-dimethylphenyl)phenyl)but-1-ynyl]-6-methylpyrimidine
;
unspecified 
PDB 3FQ0 
;Staphylococcus aureus dihydrofolate reductase complexed with NADPH and 2,4-diamino-5-(3-(2,5-dimethoxyphenyl)prop-1-ynyl)-6-ethylpyrimidine (UCP120B)
;
unspecified 
PDB 3FQC 
;Staphylococcus aureus dihydrofolate reductase complexed with NADPH and 2,4-diamino-5-[3-(3,4,5-trimethoxyphenyl)pent-1-ynyl]-6-methylpyrimidine (UCP115A)
;
unspecified 
PDB 3FQF 
;Staphylococcus aureus F98Y mutant dihydrofolate reductase complexed with NADPH and 2,4-diamino-5-[3-(3,4,5-trimethoxyphenyl)pent-1-ynyl]-6-methylpyrimidine (UCP115A)
;
unspecified 
PDB 3FQO 
;Staphylococcus aureus F98Y mutant dihydrofolate reductase complexed with NADPH and 2,4-diamino-5-[3-(2,5-dimethoxyphenyl)prop-1-ynyl]-6-ethylpyrimidine (UCP120B)
;
unspecified 
PDB 3FQV 
;Staphylococcus aureus F98Y mutant dihydrofolate reductase complexed with NADPH and 2,4-diamino-5-[3-(3-methoxy-4-phenylphenyl)but-1-ynyl]-6-methylpyrimidine
;
unspecified 
# 
loop_
_audit_author.name 
_audit_author.pdbx_ordinal 
'Anderson, A.C.' 1 
'Frey, K.M.'     2 
'Liu, J.'        3 
'Lombardo, M.N.' 4 
# 
_citation.id                        primary 
_citation.title                     
;Crystal structures of wild-type and mutant methicillin-resistant Staphylococcus aureus dihydrofolate reductase reveal an alternate conformation of NADPH that may be linked to trimethoprim resistance.
;
_citation.journal_abbrev            J.Mol.Biol. 
_citation.journal_volume            387 
_citation.page_first                1298 
_citation.page_last                 1308 
_citation.year                      2009 
_citation.journal_id_ASTM           JMOBAK 
_citation.country                   UK 
_citation.journal_id_ISSN           0022-2836 
_citation.journal_id_CSD            0070 
_citation.book_publisher            ? 
_citation.pdbx_database_id_PubMed   19249312 
_citation.pdbx_database_id_DOI      10.1016/j.jmb.2009.02.045 
# 
loop_
_citation_author.citation_id 
_citation_author.name 
_citation_author.ordinal 
_citation_author.identifier_ORCID 
primary 'Frey, K.M.'     1 ? 
primary 'Liu, J.'        2 ? 
primary 'Lombardo, M.N.' 3 ? 
primary 'Bolstad, D.B.'  4 ? 
primary 'Wright, D.L.'   5 ? 
primary 'Anderson, A.C.' 6 ? 
# 
loop_
_entity.id 
_entity.type 
_entity.src_method 
_entity.pdbx_description 
_entity.formula_weight 
_entity.pdbx_number_of_molecules 
_entity.pdbx_ec 
_entity.pdbx_mutation 
_entity.pdbx_fragment 
_entity.details 
1 polymer     man 'Trimethoprim-sensitive dihydrofolate reductase'                                  18015.557 1   1.5.1.3 ? ? ? 
2 non-polymer syn '5-[(3S)-3-(2-methoxybiphenyl-4-yl)but-1-yn-1-yl]-6-methylpyrimidine-2,4-diamine' 358.436   1   ?       ? ? ? 
3 non-polymer syn 'NADPH DIHYDRO-NICOTINAMIDE-ADENINE-DINUCLEOTIDE PHOSPHATE'                       745.421   1   ?       ? ? ? 
4 water       nat water                                                                             18.015    131 ?       ? ? ? 
# 
_entity_poly.entity_id                      1 
_entity_poly.type                           'polypeptide(L)' 
_entity_poly.nstd_linkage                   no 
_entity_poly.nstd_monomer                   no 
_entity_poly.pdbx_seq_one_letter_code       
;TLSILVAHDLQRVIGFENQLPWHLPNDLKHVKKLSTGHTLVMGRKTFESIGKPLPNRRNVVLTSDTSFNVEGVDVIHSIE
DIYQLPGHVFIFGGQTLFEEMIDKVDDMYITVIEGKFRGDTFFPPYTFEDWEVASSVEGKLDEKNTIPHTFLHLIRK
;
_entity_poly.pdbx_seq_one_letter_code_can   
;TLSILVAHDLQRVIGFENQLPWHLPNDLKHVKKLSTGHTLVMGRKTFESIGKPLPNRRNVVLTSDTSFNVEGVDVIHSIE
DIYQLPGHVFIFGGQTLFEEMIDKVDDMYITVIEGKFRGDTFFPPYTFEDWEVASSVEGKLDEKNTIPHTFLHLIRK
;
_entity_poly.pdbx_strand_id                 A 
_entity_poly.pdbx_target_identifier         ? 
# 
loop_
_pdbx_entity_nonpoly.entity_id 
_pdbx_entity_nonpoly.name 
_pdbx_entity_nonpoly.comp_id 
2 '5-[(3S)-3-(2-methoxybiphenyl-4-yl)but-1-yn-1-yl]-6-methylpyrimidine-2,4-diamine' 11F 
3 'NADPH DIHYDRO-NICOTINAMIDE-ADENINE-DINUCLEOTIDE PHOSPHATE'                       NDP 
4 water                                                                             HOH 
# 
loop_
_entity_poly_seq.entity_id 
_entity_poly_seq.num 
_entity_poly_seq.mon_id 
_entity_poly_seq.hetero 
1 1   THR n 
1 2   LEU n 
1 3   SER n 
1 4   ILE n 
1 5   LEU n 
1 6   VAL n 
1 7   ALA n 
1 8   HIS n 
1 9   ASP n 
1 10  LEU n 
1 11  GLN n 
1 12  ARG n 
1 13  VAL n 
1 14  ILE n 
1 15  GLY n 
1 16  PHE n 
1 17  GLU n 
1 18  ASN n 
1 19  GLN n 
1 20  LEU n 
1 21  PRO n 
1 22  TRP n 
1 23  HIS n 
1 24  LEU n 
1 25  PRO n 
1 26  ASN n 
1 27  ASP n 
1 28  LEU n 
1 29  LYS n 
1 30  HIS n 
1 31  VAL n 
1 32  LYS n 
1 33  LYS n 
1 34  LEU n 
1 35  SER n 
1 36  THR n 
1 37  GLY n 
1 38  HIS n 
1 39  THR n 
1 40  LEU n 
1 41  VAL n 
1 42  MET n 
1 43  GLY n 
1 44  ARG n 
1 45  LYS n 
1 46  THR n 
1 47  PHE n 
1 48  GLU n 
1 49  SER n 
1 50  ILE n 
1 51  GLY n 
1 52  LYS n 
1 53  PRO n 
1 54  LEU n 
1 55  PRO n 
1 56  ASN n 
1 57  ARG n 
1 58  ARG n 
1 59  ASN n 
1 60  VAL n 
1 61  VAL n 
1 62  LEU n 
1 63  THR n 
1 64  SER n 
1 65  ASP n 
1 66  THR n 
1 67  SER n 
1 68  PHE n 
1 69  ASN n 
1 70  VAL n 
1 71  GLU n 
1 72  GLY n 
1 73  VAL n 
1 74  ASP n 
1 75  VAL n 
1 76  ILE n 
1 77  HIS n 
1 78  SER n 
1 79  ILE n 
1 80  GLU n 
1 81  ASP n 
1 82  ILE n 
1 83  TYR n 
1 84  GLN n 
1 85  LEU n 
1 86  PRO n 
1 87  GLY n 
1 88  HIS n 
1 89  VAL n 
1 90  PHE n 
1 91  ILE n 
1 92  PHE n 
1 93  GLY n 
1 94  GLY n 
1 95  GLN n 
1 96  THR n 
1 97  LEU n 
1 98  PHE n 
1 99  GLU n 
1 100 GLU n 
1 101 MET n 
1 102 ILE n 
1 103 ASP n 
1 104 LYS n 
1 105 VAL n 
1 106 ASP n 
1 107 ASP n 
1 108 MET n 
1 109 TYR n 
1 110 ILE n 
1 111 THR n 
1 112 VAL n 
1 113 ILE n 
1 114 GLU n 
1 115 GLY n 
1 116 LYS n 
1 117 PHE n 
1 118 ARG n 
1 119 GLY n 
1 120 ASP n 
1 121 THR n 
1 122 PHE n 
1 123 PHE n 
1 124 PRO n 
1 125 PRO n 
1 126 TYR n 
1 127 THR n 
1 128 PHE n 
1 129 GLU n 
1 130 ASP n 
1 131 TRP n 
1 132 GLU n 
1 133 VAL n 
1 134 ALA n 
1 135 SER n 
1 136 SER n 
1 137 VAL n 
1 138 GLU n 
1 139 GLY n 
1 140 LYS n 
1 141 LEU n 
1 142 ASP n 
1 143 GLU n 
1 144 LYS n 
1 145 ASN n 
1 146 THR n 
1 147 ILE n 
1 148 PRO n 
1 149 HIS n 
1 150 THR n 
1 151 PHE n 
1 152 LEU n 
1 153 HIS n 
1 154 LEU n 
1 155 ILE n 
1 156 ARG n 
1 157 LYS n 
# 
_entity_src_gen.entity_id                          1 
_entity_src_gen.pdbx_src_id                        1 
_entity_src_gen.pdbx_alt_source_flag               sample 
_entity_src_gen.pdbx_seq_type                      ? 
_entity_src_gen.pdbx_beg_seq_num                   ? 
_entity_src_gen.pdbx_end_seq_num                   ? 
_entity_src_gen.gene_src_common_name               ? 
_entity_src_gen.gene_src_genus                     ? 
_entity_src_gen.pdbx_gene_src_gene                 'dfrB, SAB1281c' 
_entity_src_gen.gene_src_species                   ? 
_entity_src_gen.gene_src_strain                    'RF122 / ET3-1' 
_entity_src_gen.gene_src_tissue                    ? 
_entity_src_gen.gene_src_tissue_fraction           ? 
_entity_src_gen.gene_src_details                   ? 
_entity_src_gen.pdbx_gene_src_fragment             ? 
_entity_src_gen.pdbx_gene_src_scientific_name      'Staphylococcus aureus RF122' 
_entity_src_gen.pdbx_gene_src_ncbi_taxonomy_id     273036 
_entity_src_gen.pdbx_gene_src_variant              ? 
_entity_src_gen.pdbx_gene_src_cell_line            ? 
_entity_src_gen.pdbx_gene_src_atcc                 ? 
_entity_src_gen.pdbx_gene_src_organ                ? 
_entity_src_gen.pdbx_gene_src_organelle            ? 
_entity_src_gen.pdbx_gene_src_cell                 ? 
_entity_src_gen.pdbx_gene_src_cellular_location    ? 
_entity_src_gen.host_org_common_name               ? 
_entity_src_gen.pdbx_host_org_scientific_name      'Escherichia coli' 
_entity_src_gen.pdbx_host_org_ncbi_taxonomy_id     562 
_entity_src_gen.host_org_genus                     ? 
_entity_src_gen.pdbx_host_org_gene                 ? 
_entity_src_gen.pdbx_host_org_organ                ? 
_entity_src_gen.host_org_species                   ? 
_entity_src_gen.pdbx_host_org_tissue               ? 
_entity_src_gen.pdbx_host_org_tissue_fraction      ? 
_entity_src_gen.pdbx_host_org_strain               'BL21(DE3)' 
_entity_src_gen.pdbx_host_org_variant              ? 
_entity_src_gen.pdbx_host_org_cell_line            ? 
_entity_src_gen.pdbx_host_org_atcc                 ? 
_entity_src_gen.pdbx_host_org_culture_collection   ? 
_entity_src_gen.pdbx_host_org_cell                 ? 
_entity_src_gen.pdbx_host_org_organelle            ? 
_entity_src_gen.pdbx_host_org_cellular_location    ? 
_entity_src_gen.pdbx_host_org_vector_type          plasmid 
_entity_src_gen.pdbx_host_org_vector               ? 
_entity_src_gen.host_org_details                   ? 
_entity_src_gen.expression_system_id               ? 
_entity_src_gen.plasmid_name                       pET41 
_entity_src_gen.plasmid_details                    ? 
_entity_src_gen.pdbx_description                   ? 
# 
loop_
_chem_comp.id 
_chem_comp.type 
_chem_comp.mon_nstd_flag 
_chem_comp.name 
_chem_comp.pdbx_synonyms 
_chem_comp.formula 
_chem_comp.formula_weight 
11F non-polymer         . '5-[(3S)-3-(2-methoxybiphenyl-4-yl)but-1-yn-1-yl]-6-methylpyrimidine-2,4-diamine' 
'2,4-Diamino-5-[3S-(3-methoxy-4-phenylphenyl)but-1-ynyl]-6-methylpyrimidine' 'C22 H22 N4 O'      358.436 
ALA 'L-peptide linking' y ALANINE                                                                           ? 'C3 H7 N O2'        
89.093  
ARG 'L-peptide linking' y ARGININE                                                                          ? 'C6 H15 N4 O2 1'    
175.209 
ASN 'L-peptide linking' y ASPARAGINE                                                                        ? 'C4 H8 N2 O3'       
132.118 
ASP 'L-peptide linking' y 'ASPARTIC ACID'                                                                   ? 'C4 H7 N O4'        
133.103 
GLN 'L-peptide linking' y GLUTAMINE                                                                         ? 'C5 H10 N2 O3'      
146.144 
GLU 'L-peptide linking' y 'GLUTAMIC ACID'                                                                   ? 'C5 H9 N O4'        
147.129 
GLY 'peptide linking'   y GLYCINE                                                                           ? 'C2 H5 N O2'        
75.067  
HIS 'L-peptide linking' y HISTIDINE                                                                         ? 'C6 H10 N3 O2 1'    
156.162 
HOH non-polymer         . WATER                                                                             ? 'H2 O'              
18.015  
ILE 'L-peptide linking' y ISOLEUCINE                                                                        ? 'C6 H13 N O2'       
131.173 
LEU 'L-peptide linking' y LEUCINE                                                                           ? 'C6 H13 N O2'       
131.173 
LYS 'L-peptide linking' y LYSINE                                                                            ? 'C6 H15 N2 O2 1'    
147.195 
MET 'L-peptide linking' y METHIONINE                                                                        ? 'C5 H11 N O2 S'     
149.211 
NDP non-polymer         . 'NADPH DIHYDRO-NICOTINAMIDE-ADENINE-DINUCLEOTIDE PHOSPHATE'                       ? 'C21 H30 N7 O17 P3' 
745.421 
PHE 'L-peptide linking' y PHENYLALANINE                                                                     ? 'C9 H11 N O2'       
165.189 
PRO 'L-peptide linking' y PROLINE                                                                           ? 'C5 H9 N O2'        
115.130 
SER 'L-peptide linking' y SERINE                                                                            ? 'C3 H7 N O3'        
105.093 
THR 'L-peptide linking' y THREONINE                                                                         ? 'C4 H9 N O3'        
119.119 
TRP 'L-peptide linking' y TRYPTOPHAN                                                                        ? 'C11 H12 N2 O2'     
204.225 
TYR 'L-peptide linking' y TYROSINE                                                                          ? 'C9 H11 N O3'       
181.189 
VAL 'L-peptide linking' y VALINE                                                                            ? 'C5 H11 N O2'       
117.146 
# 
loop_
_pdbx_poly_seq_scheme.asym_id 
_pdbx_poly_seq_scheme.entity_id 
_pdbx_poly_seq_scheme.seq_id 
_pdbx_poly_seq_scheme.mon_id 
_pdbx_poly_seq_scheme.ndb_seq_num 
_pdbx_poly_seq_scheme.pdb_seq_num 
_pdbx_poly_seq_scheme.auth_seq_num 
_pdbx_poly_seq_scheme.pdb_mon_id 
_pdbx_poly_seq_scheme.auth_mon_id 
_pdbx_poly_seq_scheme.pdb_strand_id 
_pdbx_poly_seq_scheme.pdb_ins_code 
_pdbx_poly_seq_scheme.hetero 
A 1 1   THR 1   1   1   THR THR A . n 
A 1 2   LEU 2   2   2   LEU LEU A . n 
A 1 3   SER 3   3   3   SER SER A . n 
A 1 4   ILE 4   4   4   ILE ILE A . n 
A 1 5   LEU 5   5   5   LEU LEU A . n 
A 1 6   VAL 6   6   6   VAL VAL A . n 
A 1 7   ALA 7   7   7   ALA ALA A . n 
A 1 8   HIS 8   8   8   HIS HIS A . n 
A 1 9   ASP 9   9   9   ASP ASP A . n 
A 1 10  LEU 10  10  10  LEU LEU A . n 
A 1 11  GLN 11  11  11  GLN GLN A . n 
A 1 12  ARG 12  12  12  ARG ARG A . n 
A 1 13  VAL 13  13  13  VAL VAL A . n 
A 1 14  ILE 14  14  14  ILE ILE A . n 
A 1 15  GLY 15  15  15  GLY GLY A . n 
A 1 16  PHE 16  16  16  PHE PHE A . n 
A 1 17  GLU 17  17  17  GLU GLU A . n 
A 1 18  ASN 18  18  18  ASN ASN A . n 
A 1 19  GLN 19  19  19  GLN GLN A . n 
A 1 20  LEU 20  20  20  LEU LEU A . n 
A 1 21  PRO 21  21  21  PRO PRO A . n 
A 1 22  TRP 22  22  22  TRP TRP A . n 
A 1 23  HIS 23  23  23  HIS HIS A . n 
A 1 24  LEU 24  24  24  LEU LEU A . n 
A 1 25  PRO 25  25  25  PRO PRO A . n 
A 1 26  ASN 26  26  26  ASN ASN A . n 
A 1 27  ASP 27  27  27  ASP ASP A . n 
A 1 28  LEU 28  28  28  LEU LEU A . n 
A 1 29  LYS 29  29  29  LYS LYS A . n 
A 1 30  HIS 30  30  30  HIS HIS A . n 
A 1 31  VAL 31  31  31  VAL VAL A . n 
A 1 32  LYS 32  32  32  LYS LYS A . n 
A 1 33  LYS 33  33  33  LYS LYS A . n 
A 1 34  LEU 34  34  34  LEU LEU A . n 
A 1 35  SER 35  35  35  SER SER A . n 
A 1 36  THR 36  36  36  THR THR A . n 
A 1 37  GLY 37  37  37  GLY GLY A . n 
A 1 38  HIS 38  38  38  HIS HIS A . n 
A 1 39  THR 39  39  39  THR THR A . n 
A 1 40  LEU 40  40  40  LEU LEU A . n 
A 1 41  VAL 41  41  41  VAL VAL A . n 
A 1 42  MET 42  42  42  MET MET A . n 
A 1 43  GLY 43  43  43  GLY GLY A . n 
A 1 44  ARG 44  44  44  ARG ARG A . n 
A 1 45  LYS 45  45  45  LYS LYS A . n 
A 1 46  THR 46  46  46  THR THR A . n 
A 1 47  PHE 47  47  47  PHE PHE A . n 
A 1 48  GLU 48  48  48  GLU GLU A . n 
A 1 49  SER 49  49  49  SER SER A . n 
A 1 50  ILE 50  50  50  ILE ILE A . n 
A 1 51  GLY 51  51  51  GLY GLY A . n 
A 1 52  LYS 52  52  52  LYS LYS A . n 
A 1 53  PRO 53  53  53  PRO PRO A . n 
A 1 54  LEU 54  54  54  LEU LEU A . n 
A 1 55  PRO 55  55  55  PRO PRO A . n 
A 1 56  ASN 56  56  56  ASN ASN A . n 
A 1 57  ARG 57  57  57  ARG ARG A . n 
A 1 58  ARG 58  58  58  ARG ARG A . n 
A 1 59  ASN 59  59  59  ASN ASN A . n 
A 1 60  VAL 60  60  60  VAL VAL A . n 
A 1 61  VAL 61  61  61  VAL VAL A . n 
A 1 62  LEU 62  62  62  LEU LEU A . n 
A 1 63  THR 63  63  63  THR THR A . n 
A 1 64  SER 64  64  64  SER SER A . n 
A 1 65  ASP 65  65  65  ASP ASP A . n 
A 1 66  THR 66  66  66  THR THR A . n 
A 1 67  SER 67  67  67  SER SER A . n 
A 1 68  PHE 68  68  68  PHE PHE A . n 
A 1 69  ASN 69  69  69  ASN ASN A . n 
A 1 70  VAL 70  70  70  VAL VAL A . n 
A 1 71  GLU 71  71  71  GLU GLU A . n 
A 1 72  GLY 72  72  72  GLY GLY A . n 
A 1 73  VAL 73  73  73  VAL VAL A . n 
A 1 74  ASP 74  74  74  ASP ASP A . n 
A 1 75  VAL 75  75  75  VAL VAL A . n 
A 1 76  ILE 76  76  76  ILE ILE A . n 
A 1 77  HIS 77  77  77  HIS HIS A . n 
A 1 78  SER 78  78  78  SER SER A . n 
A 1 79  ILE 79  79  79  ILE ILE A . n 
A 1 80  GLU 80  80  80  GLU GLU A . n 
A 1 81  ASP 81  81  81  ASP ASP A . n 
A 1 82  ILE 82  82  82  ILE ILE A . n 
A 1 83  TYR 83  83  83  TYR TYR A . n 
A 1 84  GLN 84  84  84  GLN GLN A . n 
A 1 85  LEU 85  85  85  LEU LEU A . n 
A 1 86  PRO 86  86  86  PRO PRO A . n 
A 1 87  GLY 87  87  87  GLY GLY A . n 
A 1 88  HIS 88  88  88  HIS HIS A . n 
A 1 89  VAL 89  89  89  VAL VAL A . n 
A 1 90  PHE 90  90  90  PHE PHE A . n 
A 1 91  ILE 91  91  91  ILE ILE A . n 
A 1 92  PHE 92  92  92  PHE PHE A . n 
A 1 93  GLY 93  93  93  GLY GLY A . n 
A 1 94  GLY 94  94  94  GLY GLY A . n 
A 1 95  GLN 95  95  95  GLN GLN A . n 
A 1 96  THR 96  96  96  THR THR A . n 
A 1 97  LEU 97  97  97  LEU LEU A . n 
A 1 98  PHE 98  98  98  PHE PHE A . n 
A 1 99  GLU 99  99  99  GLU GLU A . n 
A 1 100 GLU 100 100 100 GLU GLU A . n 
A 1 101 MET 101 101 101 MET MET A . n 
A 1 102 ILE 102 102 102 ILE ILE A . n 
A 1 103 ASP 103 103 103 ASP ASP A . n 
A 1 104 LYS 104 104 104 LYS LYS A . n 
A 1 105 VAL 105 105 105 VAL VAL A . n 
A 1 106 ASP 106 106 106 ASP ASP A . n 
A 1 107 ASP 107 107 107 ASP ASP A . n 
A 1 108 MET 108 108 108 MET MET A . n 
A 1 109 TYR 109 109 109 TYR TYR A . n 
A 1 110 ILE 110 110 110 ILE ILE A . n 
A 1 111 THR 111 111 111 THR THR A . n 
A 1 112 VAL 112 112 112 VAL VAL A . n 
A 1 113 ILE 113 113 113 ILE ILE A . n 
A 1 114 GLU 114 114 114 GLU GLU A . n 
A 1 115 GLY 115 115 115 GLY GLY A . n 
A 1 116 LYS 116 116 116 LYS LYS A . n 
A 1 117 PHE 117 117 117 PHE PHE A . n 
A 1 118 ARG 118 118 118 ARG ARG A . n 
A 1 119 GLY 119 119 119 GLY GLY A . n 
A 1 120 ASP 120 120 120 ASP ASP A . n 
A 1 121 THR 121 121 121 THR THR A . n 
A 1 122 PHE 122 122 122 PHE PHE A . n 
A 1 123 PHE 123 123 123 PHE PHE A . n 
A 1 124 PRO 124 124 124 PRO PRO A . n 
A 1 125 PRO 125 125 125 PRO PRO A . n 
A 1 126 TYR 126 126 126 TYR TYR A . n 
A 1 127 THR 127 127 127 THR THR A . n 
A 1 128 PHE 128 128 128 PHE PHE A . n 
A 1 129 GLU 129 129 129 GLU GLU A . n 
A 1 130 ASP 130 130 130 ASP ASP A . n 
A 1 131 TRP 131 131 131 TRP TRP A . n 
A 1 132 GLU 132 132 132 GLU GLU A . n 
A 1 133 VAL 133 133 133 VAL VAL A . n 
A 1 134 ALA 134 134 134 ALA ALA A . n 
A 1 135 SER 135 135 135 SER SER A . n 
A 1 136 SER 136 136 136 SER SER A . n 
A 1 137 VAL 137 137 137 VAL VAL A . n 
A 1 138 GLU 138 138 138 GLU GLU A . n 
A 1 139 GLY 139 139 139 GLY GLY A . n 
A 1 140 LYS 140 140 140 LYS LYS A . n 
A 1 141 LEU 141 141 141 LEU LEU A . n 
A 1 142 ASP 142 142 142 ASP ASP A . n 
A 1 143 GLU 143 143 143 GLU GLU A . n 
A 1 144 LYS 144 144 144 LYS LYS A . n 
A 1 145 ASN 145 145 145 ASN ASN A . n 
A 1 146 THR 146 146 146 THR THR A . n 
A 1 147 ILE 147 147 147 ILE ILE A . n 
A 1 148 PRO 148 148 148 PRO PRO A . n 
A 1 149 HIS 149 149 149 HIS HIS A . n 
A 1 150 THR 150 150 150 THR THR A . n 
A 1 151 PHE 151 151 151 PHE PHE A . n 
A 1 152 LEU 152 152 152 LEU LEU A . n 
A 1 153 HIS 153 153 153 HIS HIS A . n 
A 1 154 LEU 154 154 154 LEU LEU A . n 
A 1 155 ILE 155 155 155 ILE ILE A . n 
A 1 156 ARG 156 156 156 ARG ARG A . n 
A 1 157 LYS 157 157 157 LYS LYS A . n 
# 
loop_
_pdbx_nonpoly_scheme.asym_id 
_pdbx_nonpoly_scheme.entity_id 
_pdbx_nonpoly_scheme.mon_id 
_pdbx_nonpoly_scheme.ndb_seq_num 
_pdbx_nonpoly_scheme.pdb_seq_num 
_pdbx_nonpoly_scheme.auth_seq_num 
_pdbx_nonpoly_scheme.pdb_mon_id 
_pdbx_nonpoly_scheme.auth_mon_id 
_pdbx_nonpoly_scheme.pdb_strand_id 
_pdbx_nonpoly_scheme.pdb_ins_code 
B 2 11F 1   219 219 11F 11F A . 
C 3 NDP 1   207 207 NDP NAP A . 
D 4 HOH 1   158 1   HOH HOH A . 
D 4 HOH 2   159 2   HOH HOH A . 
D 4 HOH 3   160 3   HOH HOH A . 
D 4 HOH 4   161 4   HOH HOH A . 
D 4 HOH 5   162 5   HOH HOH A . 
D 4 HOH 6   163 6   HOH HOH A . 
D 4 HOH 7   164 7   HOH HOH A . 
D 4 HOH 8   165 8   HOH HOH A . 
D 4 HOH 9   166 9   HOH HOH A . 
D 4 HOH 10  167 10  HOH HOH A . 
D 4 HOH 11  168 11  HOH HOH A . 
D 4 HOH 12  169 12  HOH HOH A . 
D 4 HOH 13  170 13  HOH HOH A . 
D 4 HOH 14  171 14  HOH HOH A . 
D 4 HOH 15  172 15  HOH HOH A . 
D 4 HOH 16  173 16  HOH HOH A . 
D 4 HOH 17  174 17  HOH HOH A . 
D 4 HOH 18  175 18  HOH HOH A . 
D 4 HOH 19  176 19  HOH HOH A . 
D 4 HOH 20  177 20  HOH HOH A . 
D 4 HOH 21  178 21  HOH HOH A . 
D 4 HOH 22  179 22  HOH HOH A . 
D 4 HOH 23  180 23  HOH HOH A . 
D 4 HOH 24  181 24  HOH HOH A . 
D 4 HOH 25  182 25  HOH HOH A . 
D 4 HOH 26  183 26  HOH HOH A . 
D 4 HOH 27  184 27  HOH HOH A . 
D 4 HOH 28  185 28  HOH HOH A . 
D 4 HOH 29  186 29  HOH HOH A . 
D 4 HOH 30  187 30  HOH HOH A . 
D 4 HOH 31  188 31  HOH HOH A . 
D 4 HOH 32  189 32  HOH HOH A . 
D 4 HOH 33  190 33  HOH HOH A . 
D 4 HOH 34  191 34  HOH HOH A . 
D 4 HOH 35  192 35  HOH HOH A . 
D 4 HOH 36  193 36  HOH HOH A . 
D 4 HOH 37  194 37  HOH HOH A . 
D 4 HOH 38  195 38  HOH HOH A . 
D 4 HOH 39  196 39  HOH HOH A . 
D 4 HOH 40  197 40  HOH HOH A . 
D 4 HOH 41  198 41  HOH HOH A . 
D 4 HOH 42  199 42  HOH HOH A . 
D 4 HOH 43  200 43  HOH HOH A . 
D 4 HOH 44  201 44  HOH HOH A . 
D 4 HOH 45  202 45  HOH HOH A . 
D 4 HOH 46  203 46  HOH HOH A . 
D 4 HOH 47  204 47  HOH HOH A . 
D 4 HOH 48  205 48  HOH HOH A . 
D 4 HOH 49  206 49  HOH HOH A . 
D 4 HOH 50  208 50  HOH HOH A . 
D 4 HOH 51  209 51  HOH HOH A . 
D 4 HOH 52  210 52  HOH HOH A . 
D 4 HOH 53  211 53  HOH HOH A . 
D 4 HOH 54  212 54  HOH HOH A . 
D 4 HOH 55  213 55  HOH HOH A . 
D 4 HOH 56  214 56  HOH HOH A . 
D 4 HOH 57  215 57  HOH HOH A . 
D 4 HOH 58  216 58  HOH HOH A . 
D 4 HOH 59  217 59  HOH HOH A . 
D 4 HOH 60  218 60  HOH HOH A . 
D 4 HOH 61  220 61  HOH HOH A . 
D 4 HOH 62  221 62  HOH HOH A . 
D 4 HOH 63  222 63  HOH HOH A . 
D 4 HOH 64  223 64  HOH HOH A . 
D 4 HOH 65  224 65  HOH HOH A . 
D 4 HOH 66  225 66  HOH HOH A . 
D 4 HOH 67  226 67  HOH HOH A . 
D 4 HOH 68  227 68  HOH HOH A . 
D 4 HOH 69  228 69  HOH HOH A . 
D 4 HOH 70  229 70  HOH HOH A . 
D 4 HOH 71  230 71  HOH HOH A . 
D 4 HOH 72  231 72  HOH HOH A . 
D 4 HOH 73  232 73  HOH HOH A . 
D 4 HOH 74  233 74  HOH HOH A . 
D 4 HOH 75  234 75  HOH HOH A . 
D 4 HOH 76  235 76  HOH HOH A . 
D 4 HOH 77  236 77  HOH HOH A . 
D 4 HOH 78  237 78  HOH HOH A . 
D 4 HOH 79  238 79  HOH HOH A . 
D 4 HOH 80  239 80  HOH HOH A . 
D 4 HOH 81  240 81  HOH HOH A . 
D 4 HOH 82  241 82  HOH HOH A . 
D 4 HOH 83  242 83  HOH HOH A . 
D 4 HOH 84  243 84  HOH HOH A . 
D 4 HOH 85  244 85  HOH HOH A . 
D 4 HOH 86  245 86  HOH HOH A . 
D 4 HOH 87  246 87  HOH HOH A . 
D 4 HOH 88  247 88  HOH HOH A . 
D 4 HOH 89  248 89  HOH HOH A . 
D 4 HOH 90  249 90  HOH HOH A . 
D 4 HOH 91  250 91  HOH HOH A . 
D 4 HOH 92  251 92  HOH HOH A . 
D 4 HOH 93  252 93  HOH HOH A . 
D 4 HOH 94  253 94  HOH HOH A . 
D 4 HOH 95  254 95  HOH HOH A . 
D 4 HOH 96  255 96  HOH HOH A . 
D 4 HOH 97  256 97  HOH HOH A . 
D 4 HOH 98  257 98  HOH HOH A . 
D 4 HOH 99  258 99  HOH HOH A . 
D 4 HOH 100 259 100 HOH HOH A . 
D 4 HOH 101 260 101 HOH HOH A . 
D 4 HOH 102 261 102 HOH HOH A . 
D 4 HOH 103 262 103 HOH HOH A . 
D 4 HOH 104 263 104 HOH HOH A . 
D 4 HOH 105 264 105 HOH HOH A . 
D 4 HOH 106 265 106 HOH HOH A . 
D 4 HOH 107 266 107 HOH HOH A . 
D 4 HOH 108 267 108 HOH HOH A . 
D 4 HOH 109 268 109 HOH HOH A . 
D 4 HOH 110 269 110 HOH HOH A . 
D 4 HOH 111 270 111 HOH HOH A . 
D 4 HOH 112 271 112 HOH HOH A . 
D 4 HOH 113 272 113 HOH HOH A . 
D 4 HOH 114 273 114 HOH HOH A . 
D 4 HOH 115 274 115 HOH HOH A . 
D 4 HOH 116 275 116 HOH HOH A . 
D 4 HOH 117 276 117 HOH HOH A . 
D 4 HOH 118 277 118 HOH HOH A . 
D 4 HOH 119 278 119 HOH HOH A . 
D 4 HOH 120 279 121 HOH HOH A . 
D 4 HOH 121 280 122 HOH HOH A . 
D 4 HOH 122 281 124 HOH HOH A . 
D 4 HOH 123 282 125 HOH HOH A . 
D 4 HOH 124 283 126 HOH HOH A . 
D 4 HOH 125 284 128 HOH HOH A . 
D 4 HOH 126 285 129 HOH HOH A . 
D 4 HOH 127 286 130 HOH HOH A . 
D 4 HOH 128 287 132 HOH HOH A . 
D 4 HOH 129 288 133 HOH HOH A . 
D 4 HOH 130 289 134 HOH HOH A . 
D 4 HOH 131 290 135 HOH HOH A . 
# 
loop_
_software.name 
_software.version 
_software.date 
_software.type 
_software.contact_author 
_software.contact_author_email 
_software.classification 
_software.location 
_software.language 
_software.citation_id 
_software.pdbx_ordinal 
DENZO       .        ?               package 'Zbyszek Otwinowski' hkl@hkl-xray.com      'data reduction'  http://www.hkl-xray.com/ 
?          ? 1 
SCALEPACK   .        ?               package 'Zbyszek Otwinowski' hkl@hkl-xray.com      'data scaling'    http://www.hkl-xray.com/ 
?          ? 2 
REFMAC      5.2.0019 ?               program 'Garib N. Murshudov' garib@ysbl.york.ac.uk refinement        
http://www.ccp4.ac.uk/dist/html/refmac5.html Fortran_77 ? 3 
PDB_EXTRACT 3.006    'June 11, 2008' package PDB                  help@deposit.rcsb.org 'data extraction' 
http://sw-tools.pdb.org/apps/PDB_EXTRACT/    C++        ? 4 
CBASS       .        ?               ?       ?                    ?                     'data collection' ? ?          ? 5 
Coot        .        ?               ?       ?                    ?                     'model building'  ? ?          ? 6 
CCP4        .        ?               ?       ?                    ?                     phasing           ? ?          ? 7 
# 
_cell.length_a           79.054 
_cell.length_b           79.054 
_cell.length_c           108.340 
_cell.angle_alpha        90.000 
_cell.angle_beta         90.000 
_cell.angle_gamma        120.000 
_cell.entry_id           3FQZ 
_cell.pdbx_unique_axis   ? 
_cell.Z_PDB              12 
_cell.length_a_esd       ? 
_cell.length_b_esd       ? 
_cell.length_c_esd       ? 
_cell.angle_alpha_esd    ? 
_cell.angle_beta_esd     ? 
_cell.angle_gamma_esd    ? 
# 
_symmetry.space_group_name_H-M             'P 61 2 2' 
_symmetry.entry_id                         3FQZ 
_symmetry.pdbx_full_space_group_name_H-M   ? 
_symmetry.Int_Tables_number                178 
_symmetry.cell_setting                     ? 
_symmetry.space_group_name_Hall            ? 
# 
_exptl.crystals_number   1 
_exptl.entry_id          3FQZ 
_exptl.method            'X-RAY DIFFRACTION' 
# 
_exptl_crystal.id                    1 
_exptl_crystal.density_Matthews      2.71 
_exptl_crystal.density_meas          ? 
_exptl_crystal.density_percent_sol   54.65 
_exptl_crystal.description           ? 
_exptl_crystal.F_000                 ? 
_exptl_crystal.preparation           ? 
# 
_exptl_crystal_grow.crystal_id      1 
_exptl_crystal_grow.method          'VAPOR DIFFUSION, HANGING DROP' 
_exptl_crystal_grow.pH              6.5 
_exptl_crystal_grow.temp            277 
_exptl_crystal_grow.temp_details    ? 
_exptl_crystal_grow.pdbx_details    
'15% PEG 10000, 150mM Sodium acetate, 100mM MES pH 6.5, 5% Butyrlactone, VAPOR DIFFUSION, HANGING DROP, temperature 277K' 
_exptl_crystal_grow.pdbx_pH_range   ? 
# 
_diffrn.id                     1 
_diffrn.ambient_temp           77.2 
_diffrn.ambient_temp_details   ? 
_diffrn.crystal_id             1 
# 
_diffrn_detector.diffrn_id              1 
_diffrn_detector.detector               CCD 
_diffrn_detector.type                   'ADSC QUANTUM 315' 
_diffrn_detector.pdbx_collection_date   2008-08-16 
_diffrn_detector.details                ? 
# 
_diffrn_radiation.diffrn_id                        1 
_diffrn_radiation.wavelength_id                    1 
_diffrn_radiation.pdbx_diffrn_protocol             'SINGLE WAVELENGTH' 
_diffrn_radiation.monochromator                    ? 
_diffrn_radiation.pdbx_monochromatic_or_laue_m_l   M 
_diffrn_radiation.pdbx_scattering_type             x-ray 
# 
_diffrn_radiation_wavelength.id           1 
_diffrn_radiation_wavelength.wavelength   1.080900 
_diffrn_radiation_wavelength.wt           1.0 
# 
_diffrn_source.diffrn_id                   1 
_diffrn_source.source                      SYNCHROTRON 
_diffrn_source.type                        'NSLS BEAMLINE X29A' 
_diffrn_source.pdbx_wavelength             ? 
_diffrn_source.pdbx_wavelength_list        1.080900 
_diffrn_source.pdbx_synchrotron_site       NSLS 
_diffrn_source.pdbx_synchrotron_beamline   X29A 
# 
_reflns.entry_id                     3FQZ 
_reflns.observed_criterion_sigma_F   ? 
_reflns.observed_criterion_sigma_I   3.00 
_reflns.d_resolution_high            1.72 
_reflns.d_resolution_low             31.94 
_reflns.number_all                   ? 
_reflns.number_obs                   20665 
_reflns.percent_possible_obs         99.5 
_reflns.pdbx_Rmerge_I_obs            0.043 
_reflns.pdbx_Rsym_value              0.043 
_reflns.pdbx_netI_over_sigmaI        6.2 
_reflns.B_iso_Wilson_estimate        ? 
_reflns.pdbx_redundancy              11.1 
_reflns.R_free_details               ? 
_reflns.limit_h_max                  ? 
_reflns.limit_h_min                  ? 
_reflns.limit_k_max                  ? 
_reflns.limit_k_min                  ? 
_reflns.limit_l_max                  ? 
_reflns.limit_l_min                  ? 
_reflns.observed_criterion_F_max     ? 
_reflns.observed_criterion_F_min     ? 
_reflns.pdbx_chi_squared             ? 
_reflns.pdbx_scaling_rejects         ? 
_reflns.pdbx_ordinal                 1 
_reflns.pdbx_diffrn_id               1 
# 
_reflns_shell.d_res_high             1.72 
_reflns_shell.d_res_low              1.81 
_reflns_shell.percent_possible_obs   ? 
_reflns_shell.percent_possible_all   100 
_reflns_shell.Rmerge_I_obs           0.306 
_reflns_shell.meanI_over_sigI_obs    4.9 
_reflns_shell.pdbx_Rsym_value        0.306 
_reflns_shell.pdbx_redundancy        11.7 
_reflns_shell.number_unique_all      1488 
_reflns_shell.number_measured_all    ? 
_reflns_shell.number_measured_obs    ? 
_reflns_shell.number_unique_obs      ? 
_reflns_shell.pdbx_chi_squared       ? 
_reflns_shell.pdbx_ordinal           1 
_reflns_shell.pdbx_diffrn_id         1 
# 
_refine.entry_id                                 3FQZ 
_refine.ls_d_res_high                            1.72 
_refine.ls_d_res_low                             31.94 
_refine.pdbx_ls_sigma_F                          0.00 
_refine.ls_percent_reflns_obs                    99.5 
_refine.ls_number_reflns_obs                     20665 
_refine.pdbx_ls_cross_valid_method               THROUGHOUT 
_refine.pdbx_R_Free_selection_details            RANDOM 
_refine.details                                  'HYDROGENS HAVE BEEN ADDED IN THE RIDING POSITIONS' 
_refine.ls_R_factor_obs                          0.213 
_refine.ls_R_factor_R_work                       0.211 
_refine.ls_R_factor_R_free                       0.242 
_refine.ls_percent_reflns_R_free                 5.100 
_refine.ls_number_reflns_R_free                  1103 
_refine.B_iso_mean                               15.275 
_refine.aniso_B[1][1]                            0.000 
_refine.aniso_B[2][2]                            0.000 
_refine.aniso_B[3][3]                            -0.000 
_refine.aniso_B[1][2]                            0.000 
_refine.aniso_B[1][3]                            0.000 
_refine.aniso_B[2][3]                            0.000 
_refine.correlation_coeff_Fo_to_Fc               0.940 
_refine.correlation_coeff_Fo_to_Fc_free          0.918 
_refine.pdbx_overall_ESU_R                       0.121 
_refine.pdbx_overall_ESU_R_Free                  0.116 
_refine.overall_SU_ML                            0.076 
_refine.overall_SU_B                             2.301 
_refine.solvent_model_details                    MASK 
_refine.pdbx_solvent_vdw_probe_radii             1.200 
_refine.pdbx_solvent_ion_probe_radii             0.800 
_refine.pdbx_solvent_shrinkage_radii             0.800 
_refine.pdbx_method_to_determine_struct          'DIFFERENCE FOURIER' 
_refine.pdbx_stereochemistry_target_values       'MAXIMUM LIKELIHOOD' 
_refine.B_iso_max                                48.60 
_refine.B_iso_min                                2.00 
_refine.occupancy_max                            1.00 
_refine.occupancy_min                            0.30 
_refine.pdbx_ls_sigma_I                          ? 
_refine.ls_number_reflns_all                     20665 
_refine.ls_R_factor_all                          0.213 
_refine.ls_redundancy_reflns_obs                 ? 
_refine.pdbx_data_cutoff_high_absF               ? 
_refine.pdbx_data_cutoff_low_absF                ? 
_refine.ls_number_parameters                     ? 
_refine.ls_number_restraints                     ? 
_refine.ls_R_factor_R_free_error                 ? 
_refine.ls_R_factor_R_free_error_details         ? 
_refine.pdbx_starting_model                      
'Sa F98Y DHFR bound to Folate and NADPH (Dale et al., J.Mol.Biol. 1997, structure not deposited in the PDB)' 
_refine.pdbx_stereochem_target_val_spec_case     ? 
_refine.solvent_model_param_bsol                 ? 
_refine.solvent_model_param_ksol                 ? 
_refine.pdbx_isotropic_thermal_model             ? 
_refine.overall_SU_R_Cruickshank_DPI             ? 
_refine.overall_SU_R_free                        ? 
_refine.pdbx_data_cutoff_high_rms_absF           ? 
_refine.ls_wR_factor_R_free                      ? 
_refine.ls_wR_factor_R_work                      ? 
_refine.overall_FOM_free_R_set                   ? 
_refine.overall_FOM_work_R_set                   ? 
_refine.pdbx_overall_phase_error                 ? 
_refine.pdbx_refine_id                           'X-RAY DIFFRACTION' 
_refine.pdbx_diffrn_id                           1 
_refine.pdbx_TLS_residual_ADP_flag               ? 
_refine.pdbx_overall_SU_R_free_Cruickshank_DPI   ? 
_refine.pdbx_overall_SU_R_Blow_DPI               ? 
_refine.pdbx_overall_SU_R_free_Blow_DPI          ? 
# 
_refine_hist.pdbx_refine_id                   'X-RAY DIFFRACTION' 
_refine_hist.cycle_id                         LAST 
_refine_hist.pdbx_number_atoms_protein        1273 
_refine_hist.pdbx_number_atoms_nucleic_acid   0 
_refine_hist.pdbx_number_atoms_ligand         75 
_refine_hist.number_atoms_solvent             131 
_refine_hist.number_atoms_total               1479 
_refine_hist.d_res_high                       1.72 
_refine_hist.d_res_low                        31.94 
# 
loop_
_refine_ls_restr.type 
_refine_ls_restr.number 
_refine_ls_restr.dev_ideal 
_refine_ls_restr.dev_ideal_target 
_refine_ls_restr.weight 
_refine_ls_restr.pdbx_refine_id 
_refine_ls_restr.pdbx_restraint_function 
r_bond_refined_d         1468 0.008  0.022  ? 'X-RAY DIFFRACTION' ? 
r_bond_other_d           25   0.008  0.020  ? 'X-RAY DIFFRACTION' ? 
r_angle_refined_deg      2012 1.462  2.075  ? 'X-RAY DIFFRACTION' ? 
r_angle_other_deg        55   3.365  3.000  ? 'X-RAY DIFFRACTION' ? 
r_dihedral_angle_1_deg   156  6.348  5.000  ? 'X-RAY DIFFRACTION' ? 
r_dihedral_angle_2_deg   62   34.109 24.194 ? 'X-RAY DIFFRACTION' ? 
r_dihedral_angle_3_deg   226  12.777 15.000 ? 'X-RAY DIFFRACTION' ? 
r_dihedral_angle_4_deg   6    18.353 15.000 ? 'X-RAY DIFFRACTION' ? 
r_chiral_restr           217  0.235  0.200  ? 'X-RAY DIFFRACTION' ? 
r_gen_planes_refined     1087 0.004  0.020  ? 'X-RAY DIFFRACTION' ? 
r_nbd_refined            626  0.199  0.200  ? 'X-RAY DIFFRACTION' ? 
r_nbd_other              43   0.181  0.200  ? 'X-RAY DIFFRACTION' ? 
r_nbtor_refined          968  0.311  0.200  ? 'X-RAY DIFFRACTION' ? 
r_nbtor_other            11   0.099  0.200  ? 'X-RAY DIFFRACTION' ? 
r_xyhbond_nbd_refined    129  0.103  0.200  ? 'X-RAY DIFFRACTION' ? 
r_symmetry_vdw_refined   28   0.223  0.200  ? 'X-RAY DIFFRACTION' ? 
r_symmetry_vdw_other     2    0.045  0.200  ? 'X-RAY DIFFRACTION' ? 
r_symmetry_hbond_refined 16   0.159  0.200  ? 'X-RAY DIFFRACTION' ? 
r_mcbond_it              808  0.676  1.500  ? 'X-RAY DIFFRACTION' ? 
r_mcangle_it             1282 1.132  2.000  ? 'X-RAY DIFFRACTION' ? 
r_scbond_it              798  1.395  3.000  ? 'X-RAY DIFFRACTION' ? 
r_scangle_it             730  2.203  4.500  ? 'X-RAY DIFFRACTION' ? 
# 
_refine_ls_shell.d_res_high                       1.72 
_refine_ls_shell.d_res_low                        1.81 
_refine_ls_shell.pdbx_total_number_of_bins_used   20 
_refine_ls_shell.percent_reflns_obs               100.000 
_refine_ls_shell.number_reflns_R_work             1488 
_refine_ls_shell.R_factor_all                     ? 
_refine_ls_shell.R_factor_R_work                  0.248 
_refine_ls_shell.R_factor_R_free                  0.316 
_refine_ls_shell.percent_reflns_R_free            ? 
_refine_ls_shell.number_reflns_R_free             77 
_refine_ls_shell.R_factor_R_free_error            ? 
_refine_ls_shell.number_reflns_all                1565 
_refine_ls_shell.number_reflns_obs                20665 
_refine_ls_shell.redundancy_reflns_obs            ? 
_refine_ls_shell.pdbx_refine_id                   'X-RAY DIFFRACTION' 
# 
_struct.entry_id                  3FQZ 
_struct.title                     
;Staphylococcus aureus dihydrofolate reductase complexed with NADPH and 2,4-diamino-5-[3-(3-methoxy-4-phenylphenyl)but-1-ynyl]-6-methylpyrimidine
;
_struct.pdbx_model_details        ? 
_struct.pdbx_CASP_flag            ? 
_struct.pdbx_model_type_details   ? 
# 
_struct_keywords.entry_id        3FQZ 
_struct_keywords.pdbx_keywords   OXIDOREDUCTASE 
_struct_keywords.text            oxidoreductase 
# 
loop_
_struct_asym.id 
_struct_asym.pdbx_blank_PDB_chainid_flag 
_struct_asym.pdbx_modified 
_struct_asym.entity_id 
_struct_asym.details 
A N N 1 ? 
B N N 2 ? 
C N N 3 ? 
D N N 4 ? 
# 
_struct_ref.id                         1 
_struct_ref.db_name                    UNP 
_struct_ref.db_code                    Q2YY41_STAAB 
_struct_ref.pdbx_db_accession          Q2YY41 
_struct_ref.entity_id                  1 
_struct_ref.pdbx_seq_one_letter_code   
;TLSILVAHDLQRVIGFENQLPWHLPNDLKHVKKLSTGHTLVMGRKTFESIGKPLPNRRNVVLTSDTSFNVEGVDVIHSIE
DIYQLPGHVFIFGGQTLFEEMIDKVDDMYITVIEGKFRGDTFFPPYTFEDWEVASSVEGKLDEKNTIPHTFLHLIRK
;
_struct_ref.pdbx_align_begin           2 
_struct_ref.pdbx_db_isoform            ? 
# 
_struct_ref_seq.align_id                      1 
_struct_ref_seq.ref_id                        1 
_struct_ref_seq.pdbx_PDB_id_code              3FQZ 
_struct_ref_seq.pdbx_strand_id                A 
_struct_ref_seq.seq_align_beg                 1 
_struct_ref_seq.pdbx_seq_align_beg_ins_code   ? 
_struct_ref_seq.seq_align_end                 157 
_struct_ref_seq.pdbx_seq_align_end_ins_code   ? 
_struct_ref_seq.pdbx_db_accession             Q2YY41 
_struct_ref_seq.db_align_beg                  2 
_struct_ref_seq.pdbx_db_align_beg_ins_code    ? 
_struct_ref_seq.db_align_end                  158 
_struct_ref_seq.pdbx_db_align_end_ins_code    ? 
_struct_ref_seq.pdbx_auth_seq_align_beg       1 
_struct_ref_seq.pdbx_auth_seq_align_end       157 
# 
_pdbx_struct_assembly.id                   1 
_pdbx_struct_assembly.details              author_and_software_defined_assembly 
_pdbx_struct_assembly.method_details       PISA 
_pdbx_struct_assembly.oligomeric_details   monomeric 
_pdbx_struct_assembly.oligomeric_count     1 
# 
_pdbx_struct_assembly_gen.assembly_id       1 
_pdbx_struct_assembly_gen.oper_expression   1 
_pdbx_struct_assembly_gen.asym_id_list      A,B,C,D 
# 
_pdbx_struct_oper_list.id                   1 
_pdbx_struct_oper_list.type                 'identity operation' 
_pdbx_struct_oper_list.name                 1_555 
_pdbx_struct_oper_list.symmetry_operation   x,y,z 
_pdbx_struct_oper_list.matrix[1][1]         1.0000000000 
_pdbx_struct_oper_list.matrix[1][2]         0.0000000000 
_pdbx_struct_oper_list.matrix[1][3]         0.0000000000 
_pdbx_struct_oper_list.vector[1]            0.0000000000 
_pdbx_struct_oper_list.matrix[2][1]         0.0000000000 
_pdbx_struct_oper_list.matrix[2][2]         1.0000000000 
_pdbx_struct_oper_list.matrix[2][3]         0.0000000000 
_pdbx_struct_oper_list.vector[2]            0.0000000000 
_pdbx_struct_oper_list.matrix[3][1]         0.0000000000 
_pdbx_struct_oper_list.matrix[3][2]         0.0000000000 
_pdbx_struct_oper_list.matrix[3][3]         1.0000000000 
_pdbx_struct_oper_list.vector[3]            0.0000000000 
# 
_struct_biol.id        1 
_struct_biol.details   ? 
# 
loop_
_struct_conf.conf_type_id 
_struct_conf.id 
_struct_conf.pdbx_PDB_helix_id 
_struct_conf.beg_label_comp_id 
_struct_conf.beg_label_asym_id 
_struct_conf.beg_label_seq_id 
_struct_conf.pdbx_beg_PDB_ins_code 
_struct_conf.end_label_comp_id 
_struct_conf.end_label_asym_id 
_struct_conf.end_label_seq_id 
_struct_conf.pdbx_end_PDB_ins_code 
_struct_conf.beg_auth_comp_id 
_struct_conf.beg_auth_asym_id 
_struct_conf.beg_auth_seq_id 
_struct_conf.end_auth_comp_id 
_struct_conf.end_auth_asym_id 
_struct_conf.end_auth_seq_id 
_struct_conf.pdbx_PDB_helix_class 
_struct_conf.details 
_struct_conf.pdbx_PDB_helix_length 
HELX_P HELX_P1 1 LEU A 24 ? THR A 36  ? LEU A 24 THR A 36  1 ? 13 
HELX_P HELX_P2 2 ARG A 44 ? GLY A 51  ? ARG A 44 GLY A 51  1 ? 8  
HELX_P HELX_P3 3 SER A 78 ? LEU A 85  ? SER A 78 LEU A 85  5 ? 8  
HELX_P HELX_P4 4 GLY A 94 ? ILE A 102 ? GLY A 94 ILE A 102 1 ? 9  
# 
_struct_conf_type.id          HELX_P 
_struct_conf_type.criteria    ? 
_struct_conf_type.reference   ? 
# 
_struct_mon_prot_cis.pdbx_id                1 
_struct_mon_prot_cis.label_comp_id          GLY 
_struct_mon_prot_cis.label_seq_id           93 
_struct_mon_prot_cis.label_asym_id          A 
_struct_mon_prot_cis.label_alt_id           . 
_struct_mon_prot_cis.pdbx_PDB_ins_code      ? 
_struct_mon_prot_cis.auth_comp_id           GLY 
_struct_mon_prot_cis.auth_seq_id            93 
_struct_mon_prot_cis.auth_asym_id           A 
_struct_mon_prot_cis.pdbx_label_comp_id_2   GLY 
_struct_mon_prot_cis.pdbx_label_seq_id_2    94 
_struct_mon_prot_cis.pdbx_label_asym_id_2   A 
_struct_mon_prot_cis.pdbx_PDB_ins_code_2    ? 
_struct_mon_prot_cis.pdbx_auth_comp_id_2    GLY 
_struct_mon_prot_cis.pdbx_auth_seq_id_2     94 
_struct_mon_prot_cis.pdbx_auth_asym_id_2    A 
_struct_mon_prot_cis.pdbx_PDB_model_num     1 
_struct_mon_prot_cis.pdbx_omega_angle       3.56 
# 
loop_
_struct_sheet.id 
_struct_sheet.type 
_struct_sheet.number_strands 
_struct_sheet.details 
A ? 8 ? 
B ? 2 ? 
# 
loop_
_struct_sheet_order.sheet_id 
_struct_sheet_order.range_id_1 
_struct_sheet_order.range_id_2 
_struct_sheet_order.offset 
_struct_sheet_order.sense 
A 1 2 ? parallel      
A 2 3 ? parallel      
A 3 4 ? parallel      
A 4 5 ? parallel      
A 5 6 ? parallel      
A 6 7 ? anti-parallel 
A 7 8 ? anti-parallel 
B 1 2 ? anti-parallel 
# 
loop_
_struct_sheet_range.sheet_id 
_struct_sheet_range.id 
_struct_sheet_range.beg_label_comp_id 
_struct_sheet_range.beg_label_asym_id 
_struct_sheet_range.beg_label_seq_id 
_struct_sheet_range.pdbx_beg_PDB_ins_code 
_struct_sheet_range.end_label_comp_id 
_struct_sheet_range.end_label_asym_id 
_struct_sheet_range.end_label_seq_id 
_struct_sheet_range.pdbx_end_PDB_ins_code 
_struct_sheet_range.beg_auth_comp_id 
_struct_sheet_range.beg_auth_asym_id 
_struct_sheet_range.beg_auth_seq_id 
_struct_sheet_range.end_auth_comp_id 
_struct_sheet_range.end_auth_asym_id 
_struct_sheet_range.end_auth_seq_id 
A 1 ASP A 74  ? ILE A 76  ? ASP A 74  ILE A 76  
A 2 ARG A 58  ? LEU A 62  ? ARG A 58  LEU A 62  
A 3 THR A 39  ? GLY A 43  ? THR A 39  GLY A 43  
A 4 VAL A 89  ? GLY A 93  ? VAL A 89  GLY A 93  
A 5 LEU A 2   ? ASP A 9   ? LEU A 2   ASP A 9   
A 6 ASP A 107 ? ILE A 113 ? ASP A 107 ILE A 113 
A 7 HIS A 149 ? ARG A 156 ? HIS A 149 ARG A 156 
A 8 TRP A 131 ? GLU A 138 ? TRP A 131 GLU A 138 
B 1 VAL A 13  ? GLY A 15  ? VAL A 13  GLY A 15  
B 2 THR A 121 ? PHE A 122 ? THR A 121 PHE A 122 
# 
loop_
_pdbx_struct_sheet_hbond.sheet_id 
_pdbx_struct_sheet_hbond.range_id_1 
_pdbx_struct_sheet_hbond.range_id_2 
_pdbx_struct_sheet_hbond.range_1_label_atom_id 
_pdbx_struct_sheet_hbond.range_1_label_comp_id 
_pdbx_struct_sheet_hbond.range_1_label_asym_id 
_pdbx_struct_sheet_hbond.range_1_label_seq_id 
_pdbx_struct_sheet_hbond.range_1_PDB_ins_code 
_pdbx_struct_sheet_hbond.range_1_auth_atom_id 
_pdbx_struct_sheet_hbond.range_1_auth_comp_id 
_pdbx_struct_sheet_hbond.range_1_auth_asym_id 
_pdbx_struct_sheet_hbond.range_1_auth_seq_id 
_pdbx_struct_sheet_hbond.range_2_label_atom_id 
_pdbx_struct_sheet_hbond.range_2_label_comp_id 
_pdbx_struct_sheet_hbond.range_2_label_asym_id 
_pdbx_struct_sheet_hbond.range_2_label_seq_id 
_pdbx_struct_sheet_hbond.range_2_PDB_ins_code 
_pdbx_struct_sheet_hbond.range_2_auth_atom_id 
_pdbx_struct_sheet_hbond.range_2_auth_comp_id 
_pdbx_struct_sheet_hbond.range_2_auth_asym_id 
_pdbx_struct_sheet_hbond.range_2_auth_seq_id 
A 1 2 O ASP A 74  ? O ASP A 74  N ASN A 59  ? N ASN A 59  
A 2 3 O VAL A 60  ? O VAL A 60  N LEU A 40  ? N LEU A 40  
A 3 4 N VAL A 41  ? N VAL A 41  O PHE A 92  ? O PHE A 92  
A 4 5 O ILE A 91  ? O ILE A 91  N SER A 3   ? N SER A 3   
A 5 6 N ILE A 4   ? N ILE A 4   O TYR A 109 ? O TYR A 109 
A 6 7 N ILE A 110 ? N ILE A 110 O LEU A 152 ? O LEU A 152 
A 7 8 O PHE A 151 ? O PHE A 151 N VAL A 137 ? N VAL A 137 
B 1 2 N ILE A 14  ? N ILE A 14  O THR A 121 ? O THR A 121 
# 
loop_
_struct_site.id 
_struct_site.pdbx_evidence_code 
_struct_site.pdbx_auth_asym_id 
_struct_site.pdbx_auth_comp_id 
_struct_site.pdbx_auth_seq_id 
_struct_site.pdbx_auth_ins_code 
_struct_site.pdbx_num_residues 
_struct_site.details 
AC1 Software A 11F 219 ? 16 'BINDING SITE FOR RESIDUE 11F A 219' 
AC2 Software A NDP 207 ? 36 'BINDING SITE FOR RESIDUE NDP A 207' 
# 
loop_
_struct_site_gen.id 
_struct_site_gen.site_id 
_struct_site_gen.pdbx_num_res 
_struct_site_gen.label_comp_id 
_struct_site_gen.label_asym_id 
_struct_site_gen.label_seq_id 
_struct_site_gen.pdbx_auth_ins_code 
_struct_site_gen.auth_comp_id 
_struct_site_gen.auth_asym_id 
_struct_site_gen.auth_seq_id 
_struct_site_gen.label_atom_id 
_struct_site_gen.label_alt_id 
_struct_site_gen.symmetry 
_struct_site_gen.details 
1  AC1 16 LEU A 5   ? LEU A 5   . ? 1_555  ? 
2  AC1 16 VAL A 6   ? VAL A 6   . ? 1_555  ? 
3  AC1 16 ALA A 7   ? ALA A 7   . ? 1_555  ? 
4  AC1 16 GLN A 19  ? GLN A 19  . ? 1_555  ? 
5  AC1 16 LEU A 20  ? LEU A 20  . ? 1_555  ? 
6  AC1 16 ASP A 27  ? ASP A 27  . ? 1_555  ? 
7  AC1 16 VAL A 31  ? VAL A 31  . ? 1_555  ? 
8  AC1 16 THR A 46  ? THR A 46  . ? 1_555  ? 
9  AC1 16 SER A 49  ? SER A 49  . ? 1_555  ? 
10 AC1 16 ILE A 50  ? ILE A 50  . ? 1_555  ? 
11 AC1 16 LEU A 54  ? LEU A 54  . ? 1_555  ? 
12 AC1 16 PHE A 92  ? PHE A 92  . ? 1_555  ? 
13 AC1 16 THR A 111 ? THR A 111 . ? 1_555  ? 
14 AC1 16 HOH D .   ? HOH A 158 . ? 1_555  ? 
15 AC1 16 NDP C .   ? NDP A 207 . ? 1_555  ? 
16 AC1 16 HOH D .   ? HOH A 289 . ? 1_555  ? 
17 AC2 36 VAL A 6   ? VAL A 6   . ? 1_555  ? 
18 AC2 36 ALA A 7   ? ALA A 7   . ? 1_555  ? 
19 AC2 36 ILE A 14  ? ILE A 14  . ? 1_555  ? 
20 AC2 36 GLY A 15  ? GLY A 15  . ? 1_555  ? 
21 AC2 36 ASN A 18  ? ASN A 18  . ? 1_555  ? 
22 AC2 36 GLN A 19  ? GLN A 19  . ? 1_555  ? 
23 AC2 36 LEU A 20  ? LEU A 20  . ? 1_555  ? 
24 AC2 36 TRP A 22  ? TRP A 22  . ? 1_555  ? 
25 AC2 36 GLY A 43  ? GLY A 43  . ? 1_555  ? 
26 AC2 36 ARG A 44  ? ARG A 44  . ? 1_555  ? 
27 AC2 36 LYS A 45  ? LYS A 45  . ? 1_555  ? 
28 AC2 36 THR A 46  ? THR A 46  . ? 1_555  ? 
29 AC2 36 LEU A 62  ? LEU A 62  . ? 1_555  ? 
30 AC2 36 THR A 63  ? THR A 63  . ? 1_555  ? 
31 AC2 36 SER A 64  ? SER A 64  . ? 1_555  ? 
32 AC2 36 SER A 67  ? SER A 67  . ? 10_445 ? 
33 AC2 36 HIS A 77  ? HIS A 77  . ? 1_555  ? 
34 AC2 36 ILE A 79  ? ILE A 79  . ? 1_555  ? 
35 AC2 36 PHE A 92  ? PHE A 92  . ? 1_555  ? 
36 AC2 36 GLY A 94  ? GLY A 94  . ? 1_555  ? 
37 AC2 36 GLN A 95  ? GLN A 95  . ? 1_555  ? 
38 AC2 36 THR A 96  ? THR A 96  . ? 1_555  ? 
39 AC2 36 LEU A 97  ? LEU A 97  . ? 1_555  ? 
40 AC2 36 GLU A 100 ? GLU A 100 . ? 1_555  ? 
41 AC2 36 THR A 121 ? THR A 121 . ? 1_555  ? 
42 AC2 36 HOH D .   ? HOH A 164 . ? 1_555  ? 
43 AC2 36 HOH D .   ? HOH A 165 . ? 10_445 ? 
44 AC2 36 HOH D .   ? HOH A 190 . ? 1_555  ? 
45 AC2 36 HOH D .   ? HOH A 202 . ? 1_555  ? 
46 AC2 36 HOH D .   ? HOH A 205 . ? 1_555  ? 
47 AC2 36 HOH D .   ? HOH A 208 . ? 1_555  ? 
48 AC2 36 11F B .   ? 11F A 219 . ? 1_555  ? 
49 AC2 36 HOH D .   ? HOH A 238 . ? 1_555  ? 
50 AC2 36 HOH D .   ? HOH A 252 . ? 1_555  ? 
51 AC2 36 HOH D .   ? HOH A 289 . ? 1_555  ? 
52 AC2 36 HOH D .   ? HOH A 290 . ? 1_555  ? 
# 
_pdbx_validate_torsion.id              1 
_pdbx_validate_torsion.PDB_model_num   1 
_pdbx_validate_torsion.auth_comp_id    HIS 
_pdbx_validate_torsion.auth_asym_id    A 
_pdbx_validate_torsion.auth_seq_id     38 
_pdbx_validate_torsion.PDB_ins_code    ? 
_pdbx_validate_torsion.label_alt_id    ? 
_pdbx_validate_torsion.phi             -124.43 
_pdbx_validate_torsion.psi             -149.85 
# 
_pdbx_validate_chiral.id              1 
_pdbx_validate_chiral.PDB_model_num   1 
_pdbx_validate_chiral.auth_atom_id    C1D 
_pdbx_validate_chiral.label_alt_id    B 
_pdbx_validate_chiral.auth_asym_id    A 
_pdbx_validate_chiral.auth_comp_id    NDP 
_pdbx_validate_chiral.auth_seq_id     207 
_pdbx_validate_chiral.PDB_ins_code    ? 
_pdbx_validate_chiral.details         'WRONG HAND' 
_pdbx_validate_chiral.omega           . 
# 
loop_
_chem_comp_atom.comp_id 
_chem_comp_atom.atom_id 
_chem_comp_atom.type_symbol 
_chem_comp_atom.pdbx_aromatic_flag 
_chem_comp_atom.pdbx_stereo_config 
_chem_comp_atom.pdbx_ordinal 
11F C1K  C Y N 1   
11F C1I  C Y N 2   
11F C1H  C Y N 3   
11F C1J  C Y N 4   
11F C1L  C Y N 5   
11F C1V  C Y N 6   
11F C1Z  C Y N 7   
11F C1Y  C Y N 8   
11F C1O  C Y N 9   
11F O1R  O N N 10  
11F C1A  C N N 11  
11F C1N  C Y N 12  
11F C1M  C Y N 13  
11F C1W  C Y N 14  
11F C2A  C N R 15  
11F C1C  C N N 16  
11F C1G  C N N 17  
11F C1F  C N N 18  
11F C5   C Y N 19  
11F C6   C Y N 20  
11F C1B  C N N 21  
11F N1   N Y N 22  
11F C2   C Y N 23  
11F N1D  N N N 24  
11F N3   N Y N 25  
11F C4   C Y N 26  
11F N1E  N N N 27  
11F H1K  H N N 28  
11F H1I  H N N 29  
11F H1H  H N N 30  
11F H1J  H N N 31  
11F H1L  H N N 32  
11F H1O  H N N 33  
11F H1A  H N N 34  
11F H1AA H N N 35  
11F H1AB H N N 36  
11F H1N  H N N 37  
11F H1M  H N N 38  
11F H2A  H N N 39  
11F H1C  H N N 40  
11F H1CA H N N 41  
11F H1CB H N N 42  
11F H1B  H N N 43  
11F H1BA H N N 44  
11F H1BB H N N 45  
11F HN1D H N N 46  
11F HN1A H N N 47  
11F HN1E H N N 48  
11F HN1B H N N 49  
ALA N    N N N 50  
ALA CA   C N S 51  
ALA C    C N N 52  
ALA O    O N N 53  
ALA CB   C N N 54  
ALA OXT  O N N 55  
ALA H    H N N 56  
ALA H2   H N N 57  
ALA HA   H N N 58  
ALA HB1  H N N 59  
ALA HB2  H N N 60  
ALA HB3  H N N 61  
ALA HXT  H N N 62  
ARG N    N N N 63  
ARG CA   C N S 64  
ARG C    C N N 65  
ARG O    O N N 66  
ARG CB   C N N 67  
ARG CG   C N N 68  
ARG CD   C N N 69  
ARG NE   N N N 70  
ARG CZ   C N N 71  
ARG NH1  N N N 72  
ARG NH2  N N N 73  
ARG OXT  O N N 74  
ARG H    H N N 75  
ARG H2   H N N 76  
ARG HA   H N N 77  
ARG HB2  H N N 78  
ARG HB3  H N N 79  
ARG HG2  H N N 80  
ARG HG3  H N N 81  
ARG HD2  H N N 82  
ARG HD3  H N N 83  
ARG HE   H N N 84  
ARG HH11 H N N 85  
ARG HH12 H N N 86  
ARG HH21 H N N 87  
ARG HH22 H N N 88  
ARG HXT  H N N 89  
ASN N    N N N 90  
ASN CA   C N S 91  
ASN C    C N N 92  
ASN O    O N N 93  
ASN CB   C N N 94  
ASN CG   C N N 95  
ASN OD1  O N N 96  
ASN ND2  N N N 97  
ASN OXT  O N N 98  
ASN H    H N N 99  
ASN H2   H N N 100 
ASN HA   H N N 101 
ASN HB2  H N N 102 
ASN HB3  H N N 103 
ASN HD21 H N N 104 
ASN HD22 H N N 105 
ASN HXT  H N N 106 
ASP N    N N N 107 
ASP CA   C N S 108 
ASP C    C N N 109 
ASP O    O N N 110 
ASP CB   C N N 111 
ASP CG   C N N 112 
ASP OD1  O N N 113 
ASP OD2  O N N 114 
ASP OXT  O N N 115 
ASP H    H N N 116 
ASP H2   H N N 117 
ASP HA   H N N 118 
ASP HB2  H N N 119 
ASP HB3  H N N 120 
ASP HD2  H N N 121 
ASP HXT  H N N 122 
GLN N    N N N 123 
GLN CA   C N S 124 
GLN C    C N N 125 
GLN O    O N N 126 
GLN CB   C N N 127 
GLN CG   C N N 128 
GLN CD   C N N 129 
GLN OE1  O N N 130 
GLN NE2  N N N 131 
GLN OXT  O N N 132 
GLN H    H N N 133 
GLN H2   H N N 134 
GLN HA   H N N 135 
GLN HB2  H N N 136 
GLN HB3  H N N 137 
GLN HG2  H N N 138 
GLN HG3  H N N 139 
GLN HE21 H N N 140 
GLN HE22 H N N 141 
GLN HXT  H N N 142 
GLU N    N N N 143 
GLU CA   C N S 144 
GLU C    C N N 145 
GLU O    O N N 146 
GLU CB   C N N 147 
GLU CG   C N N 148 
GLU CD   C N N 149 
GLU OE1  O N N 150 
GLU OE2  O N N 151 
GLU OXT  O N N 152 
GLU H    H N N 153 
GLU H2   H N N 154 
GLU HA   H N N 155 
GLU HB2  H N N 156 
GLU HB3  H N N 157 
GLU HG2  H N N 158 
GLU HG3  H N N 159 
GLU HE2  H N N 160 
GLU HXT  H N N 161 
GLY N    N N N 162 
GLY CA   C N N 163 
GLY C    C N N 164 
GLY O    O N N 165 
GLY OXT  O N N 166 
GLY H    H N N 167 
GLY H2   H N N 168 
GLY HA2  H N N 169 
GLY HA3  H N N 170 
GLY HXT  H N N 171 
HIS N    N N N 172 
HIS CA   C N S 173 
HIS C    C N N 174 
HIS O    O N N 175 
HIS CB   C N N 176 
HIS CG   C Y N 177 
HIS ND1  N Y N 178 
HIS CD2  C Y N 179 
HIS CE1  C Y N 180 
HIS NE2  N Y N 181 
HIS OXT  O N N 182 
HIS H    H N N 183 
HIS H2   H N N 184 
HIS HA   H N N 185 
HIS HB2  H N N 186 
HIS HB3  H N N 187 
HIS HD1  H N N 188 
HIS HD2  H N N 189 
HIS HE1  H N N 190 
HIS HE2  H N N 191 
HIS HXT  H N N 192 
HOH O    O N N 193 
HOH H1   H N N 194 
HOH H2   H N N 195 
ILE N    N N N 196 
ILE CA   C N S 197 
ILE C    C N N 198 
ILE O    O N N 199 
ILE CB   C N S 200 
ILE CG1  C N N 201 
ILE CG2  C N N 202 
ILE CD1  C N N 203 
ILE OXT  O N N 204 
ILE H    H N N 205 
ILE H2   H N N 206 
ILE HA   H N N 207 
ILE HB   H N N 208 
ILE HG12 H N N 209 
ILE HG13 H N N 210 
ILE HG21 H N N 211 
ILE HG22 H N N 212 
ILE HG23 H N N 213 
ILE HD11 H N N 214 
ILE HD12 H N N 215 
ILE HD13 H N N 216 
ILE HXT  H N N 217 
LEU N    N N N 218 
LEU CA   C N S 219 
LEU C    C N N 220 
LEU O    O N N 221 
LEU CB   C N N 222 
LEU CG   C N N 223 
LEU CD1  C N N 224 
LEU CD2  C N N 225 
LEU OXT  O N N 226 
LEU H    H N N 227 
LEU H2   H N N 228 
LEU HA   H N N 229 
LEU HB2  H N N 230 
LEU HB3  H N N 231 
LEU HG   H N N 232 
LEU HD11 H N N 233 
LEU HD12 H N N 234 
LEU HD13 H N N 235 
LEU HD21 H N N 236 
LEU HD22 H N N 237 
LEU HD23 H N N 238 
LEU HXT  H N N 239 
LYS N    N N N 240 
LYS CA   C N S 241 
LYS C    C N N 242 
LYS O    O N N 243 
LYS CB   C N N 244 
LYS CG   C N N 245 
LYS CD   C N N 246 
LYS CE   C N N 247 
LYS NZ   N N N 248 
LYS OXT  O N N 249 
LYS H    H N N 250 
LYS H2   H N N 251 
LYS HA   H N N 252 
LYS HB2  H N N 253 
LYS HB3  H N N 254 
LYS HG2  H N N 255 
LYS HG3  H N N 256 
LYS HD2  H N N 257 
LYS HD3  H N N 258 
LYS HE2  H N N 259 
LYS HE3  H N N 260 
LYS HZ1  H N N 261 
LYS HZ2  H N N 262 
LYS HZ3  H N N 263 
LYS HXT  H N N 264 
MET N    N N N 265 
MET CA   C N S 266 
MET C    C N N 267 
MET O    O N N 268 
MET CB   C N N 269 
MET CG   C N N 270 
MET SD   S N N 271 
MET CE   C N N 272 
MET OXT  O N N 273 
MET H    H N N 274 
MET H2   H N N 275 
MET HA   H N N 276 
MET HB2  H N N 277 
MET HB3  H N N 278 
MET HG2  H N N 279 
MET HG3  H N N 280 
MET HE1  H N N 281 
MET HE2  H N N 282 
MET HE3  H N N 283 
MET HXT  H N N 284 
NDP PA   P N S 285 
NDP O1A  O N N 286 
NDP O2A  O N N 287 
NDP O5B  O N N 288 
NDP C5B  C N N 289 
NDP C4B  C N R 290 
NDP O4B  O N N 291 
NDP C3B  C N R 292 
NDP O3B  O N N 293 
NDP C2B  C N R 294 
NDP O2B  O N N 295 
NDP C1B  C N R 296 
NDP N9A  N Y N 297 
NDP C8A  C Y N 298 
NDP N7A  N Y N 299 
NDP C5A  C Y N 300 
NDP C6A  C Y N 301 
NDP N6A  N N N 302 
NDP N1A  N Y N 303 
NDP C2A  C Y N 304 
NDP N3A  N Y N 305 
NDP C4A  C Y N 306 
NDP O3   O N N 307 
NDP PN   P N S 308 
NDP O1N  O N N 309 
NDP O2N  O N N 310 
NDP O5D  O N N 311 
NDP C5D  C N N 312 
NDP C4D  C N R 313 
NDP O4D  O N N 314 
NDP C3D  C N S 315 
NDP O3D  O N N 316 
NDP C2D  C N R 317 
NDP O2D  O N N 318 
NDP C1D  C N R 319 
NDP N1N  N N N 320 
NDP C2N  C N N 321 
NDP C3N  C N N 322 
NDP C7N  C N N 323 
NDP O7N  O N N 324 
NDP N7N  N N N 325 
NDP C4N  C N N 326 
NDP C5N  C N N 327 
NDP C6N  C N N 328 
NDP P2B  P N N 329 
NDP O1X  O N N 330 
NDP O2X  O N N 331 
NDP O3X  O N N 332 
NDP HOA2 H N N 333 
NDP H51A H N N 334 
NDP H52A H N N 335 
NDP H4B  H N N 336 
NDP H3B  H N N 337 
NDP HO3A H N N 338 
NDP H2B  H N N 339 
NDP H1B  H N N 340 
NDP H8A  H N N 341 
NDP H61A H N N 342 
NDP H62A H N N 343 
NDP H2A  H N N 344 
NDP H21N H N N 345 
NDP H51N H N N 346 
NDP H52N H N N 347 
NDP H4D  H N N 348 
NDP H3D  H N N 349 
NDP HO3N H N N 350 
NDP H2D  H N N 351 
NDP HO2N H N N 352 
NDP H1D  H N N 353 
NDP H2N  H N N 354 
NDP H71N H N N 355 
NDP H72N H N N 356 
NDP H41N H N N 357 
NDP H42N H N N 358 
NDP H5N  H N N 359 
NDP H6N  H N N 360 
NDP HOP2 H N N 361 
NDP HOP3 H N N 362 
PHE N    N N N 363 
PHE CA   C N S 364 
PHE C    C N N 365 
PHE O    O N N 366 
PHE CB   C N N 367 
PHE CG   C Y N 368 
PHE CD1  C Y N 369 
PHE CD2  C Y N 370 
PHE CE1  C Y N 371 
PHE CE2  C Y N 372 
PHE CZ   C Y N 373 
PHE OXT  O N N 374 
PHE H    H N N 375 
PHE H2   H N N 376 
PHE HA   H N N 377 
PHE HB2  H N N 378 
PHE HB3  H N N 379 
PHE HD1  H N N 380 
PHE HD2  H N N 381 
PHE HE1  H N N 382 
PHE HE2  H N N 383 
PHE HZ   H N N 384 
PHE HXT  H N N 385 
PRO N    N N N 386 
PRO CA   C N S 387 
PRO C    C N N 388 
PRO O    O N N 389 
PRO CB   C N N 390 
PRO CG   C N N 391 
PRO CD   C N N 392 
PRO OXT  O N N 393 
PRO H    H N N 394 
PRO HA   H N N 395 
PRO HB2  H N N 396 
PRO HB3  H N N 397 
PRO HG2  H N N 398 
PRO HG3  H N N 399 
PRO HD2  H N N 400 
PRO HD3  H N N 401 
PRO HXT  H N N 402 
SER N    N N N 403 
SER CA   C N S 404 
SER C    C N N 405 
SER O    O N N 406 
SER CB   C N N 407 
SER OG   O N N 408 
SER OXT  O N N 409 
SER H    H N N 410 
SER H2   H N N 411 
SER HA   H N N 412 
SER HB2  H N N 413 
SER HB3  H N N 414 
SER HG   H N N 415 
SER HXT  H N N 416 
THR N    N N N 417 
THR CA   C N S 418 
THR C    C N N 419 
THR O    O N N 420 
THR CB   C N R 421 
THR OG1  O N N 422 
THR CG2  C N N 423 
THR OXT  O N N 424 
THR H    H N N 425 
THR H2   H N N 426 
THR HA   H N N 427 
THR HB   H N N 428 
THR HG1  H N N 429 
THR HG21 H N N 430 
THR HG22 H N N 431 
THR HG23 H N N 432 
THR HXT  H N N 433 
TRP N    N N N 434 
TRP CA   C N S 435 
TRP C    C N N 436 
TRP O    O N N 437 
TRP CB   C N N 438 
TRP CG   C Y N 439 
TRP CD1  C Y N 440 
TRP CD2  C Y N 441 
TRP NE1  N Y N 442 
TRP CE2  C Y N 443 
TRP CE3  C Y N 444 
TRP CZ2  C Y N 445 
TRP CZ3  C Y N 446 
TRP CH2  C Y N 447 
TRP OXT  O N N 448 
TRP H    H N N 449 
TRP H2   H N N 450 
TRP HA   H N N 451 
TRP HB2  H N N 452 
TRP HB3  H N N 453 
TRP HD1  H N N 454 
TRP HE1  H N N 455 
TRP HE3  H N N 456 
TRP HZ2  H N N 457 
TRP HZ3  H N N 458 
TRP HH2  H N N 459 
TRP HXT  H N N 460 
TYR N    N N N 461 
TYR CA   C N S 462 
TYR C    C N N 463 
TYR O    O N N 464 
TYR CB   C N N 465 
TYR CG   C Y N 466 
TYR CD1  C Y N 467 
TYR CD2  C Y N 468 
TYR CE1  C Y N 469 
TYR CE2  C Y N 470 
TYR CZ   C Y N 471 
TYR OH   O N N 472 
TYR OXT  O N N 473 
TYR H    H N N 474 
TYR H2   H N N 475 
TYR HA   H N N 476 
TYR HB2  H N N 477 
TYR HB3  H N N 478 
TYR HD1  H N N 479 
TYR HD2  H N N 480 
TYR HE1  H N N 481 
TYR HE2  H N N 482 
TYR HH   H N N 483 
TYR HXT  H N N 484 
VAL N    N N N 485 
VAL CA   C N S 486 
VAL C    C N N 487 
VAL O    O N N 488 
VAL CB   C N N 489 
VAL CG1  C N N 490 
VAL CG2  C N N 491 
VAL OXT  O N N 492 
VAL H    H N N 493 
VAL H2   H N N 494 
VAL HA   H N N 495 
VAL HB   H N N 496 
VAL HG11 H N N 497 
VAL HG12 H N N 498 
VAL HG13 H N N 499 
VAL HG21 H N N 500 
VAL HG22 H N N 501 
VAL HG23 H N N 502 
VAL HXT  H N N 503 
# 
loop_
_chem_comp_bond.comp_id 
_chem_comp_bond.atom_id_1 
_chem_comp_bond.atom_id_2 
_chem_comp_bond.value_order 
_chem_comp_bond.pdbx_aromatic_flag 
_chem_comp_bond.pdbx_stereo_config 
_chem_comp_bond.pdbx_ordinal 
11F C1V C1K  doub Y N 1   
11F C1K C1I  sing Y N 2   
11F C1K H1K  sing N N 3   
11F C1I C1H  doub Y N 4   
11F C1I H1I  sing N N 5   
11F C1J C1H  sing Y N 6   
11F C1H H1H  sing N N 7   
11F C1L C1J  doub Y N 8   
11F C1J H1J  sing N N 9   
11F C1V C1L  sing Y N 10  
11F C1L H1L  sing N N 11  
11F C1Z C1V  sing Y N 12  
11F C1Y C1Z  doub Y N 13  
11F C1N C1Z  sing Y N 14  
11F C1O C1Y  sing Y N 15  
11F C1Y O1R  sing N N 16  
11F C1W C1O  doub Y N 17  
11F C1O H1O  sing N N 18  
11F C1A O1R  sing N N 19  
11F C1A H1A  sing N N 20  
11F C1A H1AA sing N N 21  
11F C1A H1AB sing N N 22  
11F C1M C1N  doub Y N 23  
11F C1N H1N  sing N N 24  
11F C1W C1M  sing Y N 25  
11F C1M H1M  sing N N 26  
11F C2A C1W  sing N N 27  
11F C1G C2A  sing N N 28  
11F C2A C1C  sing N N 29  
11F C2A H2A  sing N N 30  
11F C1C H1C  sing N N 31  
11F C1C H1CA sing N N 32  
11F C1C H1CB sing N N 33  
11F C1F C1G  trip N N 34  
11F C5  C1F  sing N N 35  
11F C4  C5   doub Y N 36  
11F C5  C6   sing Y N 37  
11F N1  C6   doub Y N 38  
11F C6  C1B  sing N N 39  
11F C1B H1B  sing N N 40  
11F C1B H1BA sing N N 41  
11F C1B H1BB sing N N 42  
11F C2  N1   sing Y N 43  
11F N3  C2   doub Y N 44  
11F N1D C2   sing N N 45  
11F N1D HN1D sing N N 46  
11F N1D HN1A sing N N 47  
11F N3  C4   sing Y N 48  
11F N1E C4   sing N N 49  
11F N1E HN1E sing N N 50  
11F N1E HN1B sing N N 51  
ALA N   CA   sing N N 52  
ALA N   H    sing N N 53  
ALA N   H2   sing N N 54  
ALA CA  C    sing N N 55  
ALA CA  CB   sing N N 56  
ALA CA  HA   sing N N 57  
ALA C   O    doub N N 58  
ALA C   OXT  sing N N 59  
ALA CB  HB1  sing N N 60  
ALA CB  HB2  sing N N 61  
ALA CB  HB3  sing N N 62  
ALA OXT HXT  sing N N 63  
ARG N   CA   sing N N 64  
ARG N   H    sing N N 65  
ARG N   H2   sing N N 66  
ARG CA  C    sing N N 67  
ARG CA  CB   sing N N 68  
ARG CA  HA   sing N N 69  
ARG C   O    doub N N 70  
ARG C   OXT  sing N N 71  
ARG CB  CG   sing N N 72  
ARG CB  HB2  sing N N 73  
ARG CB  HB3  sing N N 74  
ARG CG  CD   sing N N 75  
ARG CG  HG2  sing N N 76  
ARG CG  HG3  sing N N 77  
ARG CD  NE   sing N N 78  
ARG CD  HD2  sing N N 79  
ARG CD  HD3  sing N N 80  
ARG NE  CZ   sing N N 81  
ARG NE  HE   sing N N 82  
ARG CZ  NH1  sing N N 83  
ARG CZ  NH2  doub N N 84  
ARG NH1 HH11 sing N N 85  
ARG NH1 HH12 sing N N 86  
ARG NH2 HH21 sing N N 87  
ARG NH2 HH22 sing N N 88  
ARG OXT HXT  sing N N 89  
ASN N   CA   sing N N 90  
ASN N   H    sing N N 91  
ASN N   H2   sing N N 92  
ASN CA  C    sing N N 93  
ASN CA  CB   sing N N 94  
ASN CA  HA   sing N N 95  
ASN C   O    doub N N 96  
ASN C   OXT  sing N N 97  
ASN CB  CG   sing N N 98  
ASN CB  HB2  sing N N 99  
ASN CB  HB3  sing N N 100 
ASN CG  OD1  doub N N 101 
ASN CG  ND2  sing N N 102 
ASN ND2 HD21 sing N N 103 
ASN ND2 HD22 sing N N 104 
ASN OXT HXT  sing N N 105 
ASP N   CA   sing N N 106 
ASP N   H    sing N N 107 
ASP N   H2   sing N N 108 
ASP CA  C    sing N N 109 
ASP CA  CB   sing N N 110 
ASP CA  HA   sing N N 111 
ASP C   O    doub N N 112 
ASP C   OXT  sing N N 113 
ASP CB  CG   sing N N 114 
ASP CB  HB2  sing N N 115 
ASP CB  HB3  sing N N 116 
ASP CG  OD1  doub N N 117 
ASP CG  OD2  sing N N 118 
ASP OD2 HD2  sing N N 119 
ASP OXT HXT  sing N N 120 
GLN N   CA   sing N N 121 
GLN N   H    sing N N 122 
GLN N   H2   sing N N 123 
GLN CA  C    sing N N 124 
GLN CA  CB   sing N N 125 
GLN CA  HA   sing N N 126 
GLN C   O    doub N N 127 
GLN C   OXT  sing N N 128 
GLN CB  CG   sing N N 129 
GLN CB  HB2  sing N N 130 
GLN CB  HB3  sing N N 131 
GLN CG  CD   sing N N 132 
GLN CG  HG2  sing N N 133 
GLN CG  HG3  sing N N 134 
GLN CD  OE1  doub N N 135 
GLN CD  NE2  sing N N 136 
GLN NE2 HE21 sing N N 137 
GLN NE2 HE22 sing N N 138 
GLN OXT HXT  sing N N 139 
GLU N   CA   sing N N 140 
GLU N   H    sing N N 141 
GLU N   H2   sing N N 142 
GLU CA  C    sing N N 143 
GLU CA  CB   sing N N 144 
GLU CA  HA   sing N N 145 
GLU C   O    doub N N 146 
GLU C   OXT  sing N N 147 
GLU CB  CG   sing N N 148 
GLU CB  HB2  sing N N 149 
GLU CB  HB3  sing N N 150 
GLU CG  CD   sing N N 151 
GLU CG  HG2  sing N N 152 
GLU CG  HG3  sing N N 153 
GLU CD  OE1  doub N N 154 
GLU CD  OE2  sing N N 155 
GLU OE2 HE2  sing N N 156 
GLU OXT HXT  sing N N 157 
GLY N   CA   sing N N 158 
GLY N   H    sing N N 159 
GLY N   H2   sing N N 160 
GLY CA  C    sing N N 161 
GLY CA  HA2  sing N N 162 
GLY CA  HA3  sing N N 163 
GLY C   O    doub N N 164 
GLY C   OXT  sing N N 165 
GLY OXT HXT  sing N N 166 
HIS N   CA   sing N N 167 
HIS N   H    sing N N 168 
HIS N   H2   sing N N 169 
HIS CA  C    sing N N 170 
HIS CA  CB   sing N N 171 
HIS CA  HA   sing N N 172 
HIS C   O    doub N N 173 
HIS C   OXT  sing N N 174 
HIS CB  CG   sing N N 175 
HIS CB  HB2  sing N N 176 
HIS CB  HB3  sing N N 177 
HIS CG  ND1  sing Y N 178 
HIS CG  CD2  doub Y N 179 
HIS ND1 CE1  doub Y N 180 
HIS ND1 HD1  sing N N 181 
HIS CD2 NE2  sing Y N 182 
HIS CD2 HD2  sing N N 183 
HIS CE1 NE2  sing Y N 184 
HIS CE1 HE1  sing N N 185 
HIS NE2 HE2  sing N N 186 
HIS OXT HXT  sing N N 187 
HOH O   H1   sing N N 188 
HOH O   H2   sing N N 189 
ILE N   CA   sing N N 190 
ILE N   H    sing N N 191 
ILE N   H2   sing N N 192 
ILE CA  C    sing N N 193 
ILE CA  CB   sing N N 194 
ILE CA  HA   sing N N 195 
ILE C   O    doub N N 196 
ILE C   OXT  sing N N 197 
ILE CB  CG1  sing N N 198 
ILE CB  CG2  sing N N 199 
ILE CB  HB   sing N N 200 
ILE CG1 CD1  sing N N 201 
ILE CG1 HG12 sing N N 202 
ILE CG1 HG13 sing N N 203 
ILE CG2 HG21 sing N N 204 
ILE CG2 HG22 sing N N 205 
ILE CG2 HG23 sing N N 206 
ILE CD1 HD11 sing N N 207 
ILE CD1 HD12 sing N N 208 
ILE CD1 HD13 sing N N 209 
ILE OXT HXT  sing N N 210 
LEU N   CA   sing N N 211 
LEU N   H    sing N N 212 
LEU N   H2   sing N N 213 
LEU CA  C    sing N N 214 
LEU CA  CB   sing N N 215 
LEU CA  HA   sing N N 216 
LEU C   O    doub N N 217 
LEU C   OXT  sing N N 218 
LEU CB  CG   sing N N 219 
LEU CB  HB2  sing N N 220 
LEU CB  HB3  sing N N 221 
LEU CG  CD1  sing N N 222 
LEU CG  CD2  sing N N 223 
LEU CG  HG   sing N N 224 
LEU CD1 HD11 sing N N 225 
LEU CD1 HD12 sing N N 226 
LEU CD1 HD13 sing N N 227 
LEU CD2 HD21 sing N N 228 
LEU CD2 HD22 sing N N 229 
LEU CD2 HD23 sing N N 230 
LEU OXT HXT  sing N N 231 
LYS N   CA   sing N N 232 
LYS N   H    sing N N 233 
LYS N   H2   sing N N 234 
LYS CA  C    sing N N 235 
LYS CA  CB   sing N N 236 
LYS CA  HA   sing N N 237 
LYS C   O    doub N N 238 
LYS C   OXT  sing N N 239 
LYS CB  CG   sing N N 240 
LYS CB  HB2  sing N N 241 
LYS CB  HB3  sing N N 242 
LYS CG  CD   sing N N 243 
LYS CG  HG2  sing N N 244 
LYS CG  HG3  sing N N 245 
LYS CD  CE   sing N N 246 
LYS CD  HD2  sing N N 247 
LYS CD  HD3  sing N N 248 
LYS CE  NZ   sing N N 249 
LYS CE  HE2  sing N N 250 
LYS CE  HE3  sing N N 251 
LYS NZ  HZ1  sing N N 252 
LYS NZ  HZ2  sing N N 253 
LYS NZ  HZ3  sing N N 254 
LYS OXT HXT  sing N N 255 
MET N   CA   sing N N 256 
MET N   H    sing N N 257 
MET N   H2   sing N N 258 
MET CA  C    sing N N 259 
MET CA  CB   sing N N 260 
MET CA  HA   sing N N 261 
MET C   O    doub N N 262 
MET C   OXT  sing N N 263 
MET CB  CG   sing N N 264 
MET CB  HB2  sing N N 265 
MET CB  HB3  sing N N 266 
MET CG  SD   sing N N 267 
MET CG  HG2  sing N N 268 
MET CG  HG3  sing N N 269 
MET SD  CE   sing N N 270 
MET CE  HE1  sing N N 271 
MET CE  HE2  sing N N 272 
MET CE  HE3  sing N N 273 
MET OXT HXT  sing N N 274 
NDP PA  O1A  doub N N 275 
NDP PA  O2A  sing N N 276 
NDP PA  O5B  sing N N 277 
NDP PA  O3   sing N N 278 
NDP O2A HOA2 sing N N 279 
NDP O5B C5B  sing N N 280 
NDP C5B C4B  sing N N 281 
NDP C5B H51A sing N N 282 
NDP C5B H52A sing N N 283 
NDP C4B O4B  sing N N 284 
NDP C4B C3B  sing N N 285 
NDP C4B H4B  sing N N 286 
NDP O4B C1B  sing N N 287 
NDP C3B O3B  sing N N 288 
NDP C3B C2B  sing N N 289 
NDP C3B H3B  sing N N 290 
NDP O3B HO3A sing N N 291 
NDP C2B O2B  sing N N 292 
NDP C2B C1B  sing N N 293 
NDP C2B H2B  sing N N 294 
NDP O2B P2B  sing N N 295 
NDP C1B N9A  sing N N 296 
NDP C1B H1B  sing N N 297 
NDP N9A C8A  sing Y N 298 
NDP N9A C4A  sing Y N 299 
NDP C8A N7A  doub Y N 300 
NDP C8A H8A  sing N N 301 
NDP N7A C5A  sing Y N 302 
NDP C5A C6A  sing Y N 303 
NDP C5A C4A  doub Y N 304 
NDP C6A N6A  sing N N 305 
NDP C6A N1A  doub Y N 306 
NDP N6A H61A sing N N 307 
NDP N6A H62A sing N N 308 
NDP N1A C2A  sing Y N 309 
NDP C2A N3A  doub Y N 310 
NDP C2A H2A  sing N N 311 
NDP N3A C4A  sing Y N 312 
NDP O3  PN   sing N N 313 
NDP PN  O1N  doub N N 314 
NDP PN  O2N  sing N N 315 
NDP PN  O5D  sing N N 316 
NDP O2N H21N sing N N 317 
NDP O5D C5D  sing N N 318 
NDP C5D C4D  sing N N 319 
NDP C5D H51N sing N N 320 
NDP C5D H52N sing N N 321 
NDP C4D O4D  sing N N 322 
NDP C4D C3D  sing N N 323 
NDP C4D H4D  sing N N 324 
NDP O4D C1D  sing N N 325 
NDP C3D O3D  sing N N 326 
NDP C3D C2D  sing N N 327 
NDP C3D H3D  sing N N 328 
NDP O3D HO3N sing N N 329 
NDP C2D O2D  sing N N 330 
NDP C2D C1D  sing N N 331 
NDP C2D H2D  sing N N 332 
NDP O2D HO2N sing N N 333 
NDP C1D N1N  sing N N 334 
NDP C1D H1D  sing N N 335 
NDP N1N C2N  sing N N 336 
NDP N1N C6N  sing N N 337 
NDP C2N C3N  doub N N 338 
NDP C2N H2N  sing N N 339 
NDP C3N C7N  sing N N 340 
NDP C3N C4N  sing N N 341 
NDP C7N O7N  doub N N 342 
NDP C7N N7N  sing N N 343 
NDP N7N H71N sing N N 344 
NDP N7N H72N sing N N 345 
NDP C4N C5N  sing N N 346 
NDP C4N H41N sing N N 347 
NDP C4N H42N sing N N 348 
NDP C5N C6N  doub N N 349 
NDP C5N H5N  sing N N 350 
NDP C6N H6N  sing N N 351 
NDP P2B O1X  doub N N 352 
NDP P2B O2X  sing N N 353 
NDP P2B O3X  sing N N 354 
NDP O2X HOP2 sing N N 355 
NDP O3X HOP3 sing N N 356 
PHE N   CA   sing N N 357 
PHE N   H    sing N N 358 
PHE N   H2   sing N N 359 
PHE CA  C    sing N N 360 
PHE CA  CB   sing N N 361 
PHE CA  HA   sing N N 362 
PHE C   O    doub N N 363 
PHE C   OXT  sing N N 364 
PHE CB  CG   sing N N 365 
PHE CB  HB2  sing N N 366 
PHE CB  HB3  sing N N 367 
PHE CG  CD1  doub Y N 368 
PHE CG  CD2  sing Y N 369 
PHE CD1 CE1  sing Y N 370 
PHE CD1 HD1  sing N N 371 
PHE CD2 CE2  doub Y N 372 
PHE CD2 HD2  sing N N 373 
PHE CE1 CZ   doub Y N 374 
PHE CE1 HE1  sing N N 375 
PHE CE2 CZ   sing Y N 376 
PHE CE2 HE2  sing N N 377 
PHE CZ  HZ   sing N N 378 
PHE OXT HXT  sing N N 379 
PRO N   CA   sing N N 380 
PRO N   CD   sing N N 381 
PRO N   H    sing N N 382 
PRO CA  C    sing N N 383 
PRO CA  CB   sing N N 384 
PRO CA  HA   sing N N 385 
PRO C   O    doub N N 386 
PRO C   OXT  sing N N 387 
PRO CB  CG   sing N N 388 
PRO CB  HB2  sing N N 389 
PRO CB  HB3  sing N N 390 
PRO CG  CD   sing N N 391 
PRO CG  HG2  sing N N 392 
PRO CG  HG3  sing N N 393 
PRO CD  HD2  sing N N 394 
PRO CD  HD3  sing N N 395 
PRO OXT HXT  sing N N 396 
SER N   CA   sing N N 397 
SER N   H    sing N N 398 
SER N   H2   sing N N 399 
SER CA  C    sing N N 400 
SER CA  CB   sing N N 401 
SER CA  HA   sing N N 402 
SER C   O    doub N N 403 
SER C   OXT  sing N N 404 
SER CB  OG   sing N N 405 
SER CB  HB2  sing N N 406 
SER CB  HB3  sing N N 407 
SER OG  HG   sing N N 408 
SER OXT HXT  sing N N 409 
THR N   CA   sing N N 410 
THR N   H    sing N N 411 
THR N   H2   sing N N 412 
THR CA  C    sing N N 413 
THR CA  CB   sing N N 414 
THR CA  HA   sing N N 415 
THR C   O    doub N N 416 
THR C   OXT  sing N N 417 
THR CB  OG1  sing N N 418 
THR CB  CG2  sing N N 419 
THR CB  HB   sing N N 420 
THR OG1 HG1  sing N N 421 
THR CG2 HG21 sing N N 422 
THR CG2 HG22 sing N N 423 
THR CG2 HG23 sing N N 424 
THR OXT HXT  sing N N 425 
TRP N   CA   sing N N 426 
TRP N   H    sing N N 427 
TRP N   H2   sing N N 428 
TRP CA  C    sing N N 429 
TRP CA  CB   sing N N 430 
TRP CA  HA   sing N N 431 
TRP C   O    doub N N 432 
TRP C   OXT  sing N N 433 
TRP CB  CG   sing N N 434 
TRP CB  HB2  sing N N 435 
TRP CB  HB3  sing N N 436 
TRP CG  CD1  doub Y N 437 
TRP CG  CD2  sing Y N 438 
TRP CD1 NE1  sing Y N 439 
TRP CD1 HD1  sing N N 440 
TRP CD2 CE2  doub Y N 441 
TRP CD2 CE3  sing Y N 442 
TRP NE1 CE2  sing Y N 443 
TRP NE1 HE1  sing N N 444 
TRP CE2 CZ2  sing Y N 445 
TRP CE3 CZ3  doub Y N 446 
TRP CE3 HE3  sing N N 447 
TRP CZ2 CH2  doub Y N 448 
TRP CZ2 HZ2  sing N N 449 
TRP CZ3 CH2  sing Y N 450 
TRP CZ3 HZ3  sing N N 451 
TRP CH2 HH2  sing N N 452 
TRP OXT HXT  sing N N 453 
TYR N   CA   sing N N 454 
TYR N   H    sing N N 455 
TYR N   H2   sing N N 456 
TYR CA  C    sing N N 457 
TYR CA  CB   sing N N 458 
TYR CA  HA   sing N N 459 
TYR C   O    doub N N 460 
TYR C   OXT  sing N N 461 
TYR CB  CG   sing N N 462 
TYR CB  HB2  sing N N 463 
TYR CB  HB3  sing N N 464 
TYR CG  CD1  doub Y N 465 
TYR CG  CD2  sing Y N 466 
TYR CD1 CE1  sing Y N 467 
TYR CD1 HD1  sing N N 468 
TYR CD2 CE2  doub Y N 469 
TYR CD2 HD2  sing N N 470 
TYR CE1 CZ   doub Y N 471 
TYR CE1 HE1  sing N N 472 
TYR CE2 CZ   sing Y N 473 
TYR CE2 HE2  sing N N 474 
TYR CZ  OH   sing N N 475 
TYR OH  HH   sing N N 476 
TYR OXT HXT  sing N N 477 
VAL N   CA   sing N N 478 
VAL N   H    sing N N 479 
VAL N   H2   sing N N 480 
VAL CA  C    sing N N 481 
VAL CA  CB   sing N N 482 
VAL CA  HA   sing N N 483 
VAL C   O    doub N N 484 
VAL C   OXT  sing N N 485 
VAL CB  CG1  sing N N 486 
VAL CB  CG2  sing N N 487 
VAL CB  HB   sing N N 488 
VAL CG1 HG11 sing N N 489 
VAL CG1 HG12 sing N N 490 
VAL CG1 HG13 sing N N 491 
VAL CG2 HG21 sing N N 492 
VAL CG2 HG22 sing N N 493 
VAL CG2 HG23 sing N N 494 
VAL OXT HXT  sing N N 495 
# 
_pdbx_initial_refinement_model.accession_code   ? 
_pdbx_initial_refinement_model.id               1 
_pdbx_initial_refinement_model.entity_id_list   ? 
_pdbx_initial_refinement_model.type             other 
_pdbx_initial_refinement_model.source_name      ? 
_pdbx_initial_refinement_model.details          
'Sa F98Y DHFR bound to Folate and NADPH (Dale et al., J.Mol.Biol. 1997, structure not deposited in the PDB)' 
# 
_atom_sites.entry_id                    3FQZ 
_atom_sites.fract_transf_matrix[1][1]   -0.00970203 
_atom_sites.fract_transf_matrix[1][2]   -0.00833004 
_atom_sites.fract_transf_matrix[1][3]   0.00705956 
_atom_sites.fract_transf_matrix[2][1]   -0.00568049 
_atom_sites.fract_transf_matrix[2][2]   0.00454465 
_atom_sites.fract_transf_matrix[2][3]   0.01266544 
_atom_sites.fract_transf_matrix[3][1]   -0.00687317 
_atom_sites.fract_transf_matrix[3][2]   0.00413522 
_atom_sites.fract_transf_matrix[3][3]   -0.00456645 
_atom_sites.fract_transf_vector[1]      -0.401181 
_atom_sites.fract_transf_vector[2]      -0.173074 
_atom_sites.fract_transf_vector[3]      0.356701 
# 
loop_
_atom_type.symbol 
C 
N 
O 
P 
S 
# 
loop_
_atom_site.group_PDB 
_atom_site.id 
_atom_site.type_symbol 
_atom_site.label_atom_id 
_atom_site.label_alt_id 
_atom_site.label_comp_id 
_atom_site.label_asym_id 
_atom_site.label_entity_id 
_atom_site.label_seq_id 
_atom_site.pdbx_PDB_ins_code 
_atom_site.Cartn_x 
_atom_site.Cartn_y 
_atom_site.Cartn_z 
_atom_site.occupancy 
_atom_site.B_iso_or_equiv 
_atom_site.pdbx_formal_charge 
_atom_site.auth_seq_id 
_atom_site.auth_comp_id 
_atom_site.auth_asym_id 
_atom_site.auth_atom_id 
_atom_site.pdbx_PDB_model_num 
ATOM   1    N N   . THR A 1 1   ? 10.123  -8.872  8.202   1.00 19.68 ? 1   THR A N   1 
ATOM   2    C CA  . THR A 1 1   ? 8.629   -8.811  8.179   1.00 19.32 ? 1   THR A CA  1 
ATOM   3    C C   . THR A 1 1   ? 8.175   -8.412  6.776   1.00 17.85 ? 1   THR A C   1 
ATOM   4    O O   . THR A 1 1   ? 8.784   -7.557  6.140   1.00 17.92 ? 1   THR A O   1 
ATOM   5    C CB  . THR A 1 1   ? 8.083   -7.796  9.219   1.00 19.50 ? 1   THR A CB  1 
ATOM   6    O OG1 . THR A 1 1   ? 8.756   -7.978  10.476  1.00 22.49 ? 1   THR A OG1 1 
ATOM   7    C CG2 . THR A 1 1   ? 6.575   -7.959  9.425   1.00 20.27 ? 1   THR A CG2 1 
ATOM   8    N N   . LEU A 1 2   ? 7.117   -9.057  6.299   1.00 16.29 ? 2   LEU A N   1 
ATOM   9    C CA  . LEU A 1 2   ? 6.488   -8.698  5.035   1.00 14.74 ? 2   LEU A CA  1 
ATOM   10   C C   . LEU A 1 2   ? 5.071   -8.223  5.338   1.00 13.20 ? 2   LEU A C   1 
ATOM   11   O O   . LEU A 1 2   ? 4.260   -8.989  5.845   1.00 13.44 ? 2   LEU A O   1 
ATOM   12   C CB  . LEU A 1 2   ? 6.450   -9.910  4.106   1.00 14.48 ? 2   LEU A CB  1 
ATOM   13   C CG  . LEU A 1 2   ? 5.947   -9.740  2.673   1.00 14.70 ? 2   LEU A CG  1 
ATOM   14   C CD1 . LEU A 1 2   ? 6.797   -8.731  1.901   1.00 15.10 ? 2   LEU A CD1 1 
ATOM   15   C CD2 . LEU A 1 2   ? 5.927   -11.089 1.965   1.00 15.49 ? 2   LEU A CD2 1 
ATOM   16   N N   . SER A 1 3   ? 4.780   -6.969  5.010   1.00 11.79 ? 3   SER A N   1 
ATOM   17   C CA  . SER A 1 3   ? 3.487   -6.360  5.339   1.00 10.59 ? 3   SER A CA  1 
ATOM   18   C C   . SER A 1 3   ? 2.852   -5.782  4.090   1.00 10.33 ? 3   SER A C   1 
ATOM   19   O O   . SER A 1 3   ? 3.563   -5.407  3.155   1.00 10.33 ? 3   SER A O   1 
ATOM   20   C CB  . SER A 1 3   ? 3.665   -5.226  6.347   1.00 10.85 ? 3   SER A CB  1 
ATOM   21   O OG  . SER A 1 3   ? 4.407   -5.645  7.481   1.00 10.65 ? 3   SER A OG  1 
ATOM   22   N N   . ILE A 1 4   ? 1.520   -5.719  4.088   1.00 8.63  ? 4   ILE A N   1 
ATOM   23   C CA  . ILE A 1 4   ? 0.779   -4.879  3.143   1.00 7.99  ? 4   ILE A CA  1 
ATOM   24   C C   . ILE A 1 4   ? 0.552   -3.502  3.762   1.00 7.52  ? 4   ILE A C   1 
ATOM   25   O O   . ILE A 1 4   ? 0.328   -3.378  4.972   1.00 7.36  ? 4   ILE A O   1 
ATOM   26   C CB  . ILE A 1 4   ? -0.558  -5.549  2.722   1.00 7.64  ? 4   ILE A CB  1 
ATOM   27   C CG1 . ILE A 1 4   ? -0.303  -6.486  1.527   1.00 8.20  ? 4   ILE A CG1 1 
ATOM   28   C CG2 . ILE A 1 4   ? -1.657  -4.509  2.401   1.00 7.65  ? 4   ILE A CG2 1 
ATOM   29   C CD1 . ILE A 1 4   ? -1.490  -7.348  1.125   1.00 8.29  ? 4   ILE A CD1 1 
ATOM   30   N N   . LEU A 1 5   ? 0.644   -2.474  2.924   1.00 6.72  ? 5   LEU A N   1 
ATOM   31   C CA  . LEU A 1 5   ? 0.333   -1.107  3.318   1.00 6.22  ? 5   LEU A CA  1 
ATOM   32   C C   . LEU A 1 5   ? -0.618  -0.529  2.280   1.00 6.30  ? 5   LEU A C   1 
ATOM   33   O O   . LEU A 1 5   ? -0.248  -0.373  1.122   1.00 5.52  ? 5   LEU A O   1 
ATOM   34   C CB  . LEU A 1 5   ? 1.622   -0.284  3.399   1.00 6.89  ? 5   LEU A CB  1 
ATOM   35   C CG  . LEU A 1 5   ? 1.554   1.205   3.746   1.00 6.51  ? 5   LEU A CG  1 
ATOM   36   C CD1 . LEU A 1 5   ? 0.779   1.450   5.045   1.00 8.68  ? 5   LEU A CD1 1 
ATOM   37   C CD2 . LEU A 1 5   ? 2.969   1.804   3.831   1.00 7.14  ? 5   LEU A CD2 1 
ATOM   38   N N   . VAL A 1 6   ? -1.848  -0.221  2.692   1.00 5.62  ? 6   VAL A N   1 
ATOM   39   C CA  . VAL A 1 6   ? -2.889  0.162   1.732   1.00 5.43  ? 6   VAL A CA  1 
ATOM   40   C C   . VAL A 1 6   ? -3.945  1.078   2.358   1.00 5.51  ? 6   VAL A C   1 
ATOM   41   O O   . VAL A 1 6   ? -4.201  1.002   3.559   1.00 5.84  ? 6   VAL A O   1 
ATOM   42   C CB  . VAL A 1 6   ? -3.572  -1.086  1.104   1.00 5.31  ? 6   VAL A CB  1 
ATOM   43   C CG1 . VAL A 1 6   ? -4.378  -1.867  2.150   1.00 6.25  ? 6   VAL A CG1 1 
ATOM   44   C CG2 . VAL A 1 6   ? -4.479  -0.683  -0.075  1.00 5.66  ? 6   VAL A CG2 1 
ATOM   45   N N   . ALA A 1 7   ? -4.537  1.942   1.532   1.00 5.35  ? 7   ALA A N   1 
ATOM   46   C CA  . ALA A 1 7   ? -5.725  2.696   1.903   1.00 5.32  ? 7   ALA A CA  1 
ATOM   47   C C   . ALA A 1 7   ? -6.831  2.257   0.945   1.00 5.63  ? 7   ALA A C   1 
ATOM   48   O O   . ALA A 1 7   ? -6.645  2.283   -0.276  1.00 5.12  ? 7   ALA A O   1 
ATOM   49   C CB  . ALA A 1 7   ? -5.470  4.190   1.772   1.00 5.11  ? 7   ALA A CB  1 
ATOM   50   N N   . HIS A 1 8   ? -7.960  1.821   1.491   1.00 5.29  ? 8   HIS A N   1 
ATOM   51   C CA  . HIS A 1 8   ? -9.102  1.455   0.633   1.00 5.43  ? 8   HIS A CA  1 
ATOM   52   C C   . HIS A 1 8   ? -10.412 1.972   1.202   1.00 5.78  ? 8   HIS A C   1 
ATOM   53   O O   . HIS A 1 8   ? -10.520 2.202   2.411   1.00 5.87  ? 8   HIS A O   1 
ATOM   54   C CB  . HIS A 1 8   ? -9.141  -0.056  0.327   1.00 5.45  ? 8   HIS A CB  1 
ATOM   55   C CG  . HIS A 1 8   ? -9.579  -0.926  1.472   1.00 5.29  ? 8   HIS A CG  1 
ATOM   56   N ND1 . HIS A 1 8   ? -10.857 -0.895  1.994   1.00 5.66  ? 8   HIS A ND1 1 
ATOM   57   C CD2 . HIS A 1 8   ? -8.928  -1.912  2.136   1.00 6.76  ? 8   HIS A CD2 1 
ATOM   58   C CE1 . HIS A 1 8   ? -10.957 -1.788  2.963   1.00 6.57  ? 8   HIS A CE1 1 
ATOM   59   N NE2 . HIS A 1 8   ? -9.806  -2.431  3.057   1.00 7.25  ? 8   HIS A NE2 1 
ATOM   60   N N   . ASP A 1 9   ? -11.400 2.184   0.336   1.00 5.35  ? 9   ASP A N   1 
ATOM   61   C CA  . ASP A 1 9   ? -12.683 2.712   0.799   1.00 5.67  ? 9   ASP A CA  1 
ATOM   62   C C   . ASP A 1 9   ? -13.630 1.587   1.232   1.00 6.12  ? 9   ASP A C   1 
ATOM   63   O O   . ASP A 1 9   ? -13.222 0.437   1.344   1.00 6.18  ? 9   ASP A O   1 
ATOM   64   C CB  . ASP A 1 9   ? -13.305 3.682   -0.231  1.00 5.70  ? 9   ASP A CB  1 
ATOM   65   C CG  . ASP A 1 9   ? -14.041 2.975   -1.365  1.00 5.49  ? 9   ASP A CG  1 
ATOM   66   O OD1 . ASP A 1 9   ? -14.038 1.732   -1.438  1.00 6.10  ? 9   ASP A OD1 1 
ATOM   67   O OD2 . ASP A 1 9   ? -14.610 3.691   -2.205  1.00 6.19  ? 9   ASP A OD2 1 
ATOM   68   N N   . LEU A 1 10  ? -14.893 1.923   1.492   1.00 6.78  ? 10  LEU A N   1 
ATOM   69   C CA  . LEU A 1 10  ? -15.844 0.940   2.003   1.00 8.22  ? 10  LEU A CA  1 
ATOM   70   C C   . LEU A 1 10  ? -16.102 -0.245  1.066   1.00 8.52  ? 10  LEU A C   1 
ATOM   71   O O   . LEU A 1 10  ? -16.606 -1.295  1.503   1.00 9.17  ? 10  LEU A O   1 
ATOM   72   C CB  . LEU A 1 10  ? -17.169 1.619   2.330   1.00 8.37  ? 10  LEU A CB  1 
ATOM   73   C CG  . LEU A 1 10  ? -17.126 2.572   3.521   1.00 9.56  ? 10  LEU A CG  1 
ATOM   74   C CD1 . LEU A 1 10  ? -18.419 3.341   3.623   1.00 11.21 ? 10  LEU A CD1 1 
ATOM   75   C CD2 . LEU A 1 10  ? -16.823 1.796   4.806   1.00 9.07  ? 10  LEU A CD2 1 
ATOM   76   N N   . GLN A 1 11  ? -15.784 -0.059  -0.211  1.00 8.41  ? 11  GLN A N   1 
ATOM   77   C CA  . GLN A 1 11  ? -15.981 -1.097  -1.224  1.00 9.13  ? 11  GLN A CA  1 
ATOM   78   C C   . GLN A 1 11  ? -14.649 -1.584  -1.792  1.00 8.31  ? 11  GLN A C   1 
ATOM   79   O O   . GLN A 1 11  ? -14.610 -2.233  -2.846  1.00 7.87  ? 11  GLN A O   1 
ATOM   80   C CB  . GLN A 1 11  ? -16.921 -0.590  -2.321  1.00 8.88  ? 11  GLN A CB  1 
ATOM   81   C CG  . GLN A 1 11  ? -18.313 -0.304  -1.753  1.00 11.68 ? 11  GLN A CG  1 
ATOM   82   C CD  . GLN A 1 11  ? -19.312 0.234   -2.754  1.00 12.26 ? 11  GLN A CD  1 
ATOM   83   O OE1 . GLN A 1 11  ? -19.039 1.176   -3.512  1.00 16.49 ? 11  GLN A OE1 1 
ATOM   84   N NE2 . GLN A 1 11  ? -20.513 -0.332  -2.721  1.00 16.18 ? 11  GLN A NE2 1 
ATOM   85   N N   . ARG A 1 12  ? -13.576 -1.282  -1.054  1.00 7.13  ? 12  ARG A N   1 
ATOM   86   C CA  . ARG A 1 12  ? -12.193 -1.668  -1.380  1.00 7.07  ? 12  ARG A CA  1 
ATOM   87   C C   . ARG A 1 12  ? -11.586 -0.956  -2.591  1.00 6.64  ? 12  ARG A C   1 
ATOM   88   O O   . ARG A 1 12  ? -10.569 -1.395  -3.112  1.00 7.25  ? 12  ARG A O   1 
ATOM   89   C CB  . ARG A 1 12  ? -12.021 -3.199  -1.478  1.00 6.90  ? 12  ARG A CB  1 
ATOM   90   C CG  . ARG A 1 12  ? -11.948 -3.933  -0.119  1.00 7.17  ? 12  ARG A CG  1 
ATOM   91   C CD  . ARG A 1 12  ? -11.994 -5.456  -0.311  1.00 7.98  ? 12  ARG A CD  1 
ATOM   92   N NE  . ARG A 1 12  ? -13.322 -5.854  -0.763  1.00 9.87  ? 12  ARG A NE  1 
ATOM   93   C CZ  . ARG A 1 12  ? -13.654 -6.127  -2.024  1.00 10.77 ? 12  ARG A CZ  1 
ATOM   94   N NH1 . ARG A 1 12  ? -12.744 -6.086  -3.003  1.00 8.51  ? 12  ARG A NH1 1 
ATOM   95   N NH2 . ARG A 1 12  ? -14.918 -6.441  -2.304  1.00 9.87  ? 12  ARG A NH2 1 
ATOM   96   N N   . VAL A 1 13  ? -12.182 0.150   -3.029  1.00 6.04  ? 13  VAL A N   1 
ATOM   97   C CA  . VAL A 1 13  ? -11.537 0.992   -4.051  1.00 6.40  ? 13  VAL A CA  1 
ATOM   98   C C   . VAL A 1 13  ? -10.193 1.509   -3.533  1.00 6.28  ? 13  VAL A C   1 
ATOM   99   O O   . VAL A 1 13  ? -10.120 1.980   -2.398  1.00 6.30  ? 13  VAL A O   1 
ATOM   100  C CB  . VAL A 1 13  ? -12.413 2.202   -4.429  1.00 6.39  ? 13  VAL A CB  1 
ATOM   101  C CG1 . VAL A 1 13  ? -11.627 3.203   -5.268  1.00 6.37  ? 13  VAL A CG1 1 
ATOM   102  C CG2 . VAL A 1 13  ? -13.666 1.741   -5.185  1.00 6.51  ? 13  VAL A CG2 1 
ATOM   103  N N   . ILE A 1 14  ? -9.143  1.408   -4.354  1.00 6.44  ? 14  ILE A N   1 
ATOM   104  C CA  . ILE A 1 14  ? -7.840  2.002   -4.018  1.00 6.68  ? 14  ILE A CA  1 
ATOM   105  C C   . ILE A 1 14  ? -7.383  3.060   -5.040  1.00 6.76  ? 14  ILE A C   1 
ATOM   106  O O   . ILE A 1 14  ? -6.484  3.859   -4.768  1.00 6.86  ? 14  ILE A O   1 
ATOM   107  C CB  . ILE A 1 14  ? -6.727  0.921   -3.791  1.00 6.54  ? 14  ILE A CB  1 
ATOM   108  C CG1 . ILE A 1 14  ? -6.386  0.170   -5.088  1.00 6.31  ? 14  ILE A CG1 1 
ATOM   109  C CG2 . ILE A 1 14  ? -7.143  -0.063  -2.706  1.00 5.95  ? 14  ILE A CG2 1 
ATOM   110  C CD1 . ILE A 1 14  ? -5.123  -0.713  -4.984  1.00 7.73  ? 14  ILE A CD1 1 
ATOM   111  N N   . GLY A 1 15  ? -8.027  3.085   -6.203  1.00 7.01  ? 15  GLY A N   1 
ATOM   112  C CA  . GLY A 1 15  ? -7.594  3.996   -7.258  1.00 7.20  ? 15  GLY A CA  1 
ATOM   113  C C   . GLY A 1 15  ? -8.645  4.284   -8.308  1.00 7.51  ? 15  GLY A C   1 
ATOM   114  O O   . GLY A 1 15  ? -9.610  3.522   -8.479  1.00 6.81  ? 15  GLY A O   1 
ATOM   115  N N   . PHE A 1 16  ? -8.452  5.409   -8.989  1.00 7.79  ? 16  PHE A N   1 
ATOM   116  C CA  . PHE A 1 16  ? -9.272  5.775   -10.138 1.00 8.86  ? 16  PHE A CA  1 
ATOM   117  C C   . PHE A 1 16  ? -8.425  6.603   -11.091 1.00 9.89  ? 16  PHE A C   1 
ATOM   118  O O   . PHE A 1 16  ? -7.880  7.635   -10.702 1.00 9.44  ? 16  PHE A O   1 
ATOM   119  C CB  . PHE A 1 16  ? -10.508 6.577   -9.719  1.00 9.20  ? 16  PHE A CB  1 
ATOM   120  C CG  . PHE A 1 16  ? -11.425 6.911   -10.871 1.00 10.37 ? 16  PHE A CG  1 
ATOM   121  C CD1 . PHE A 1 16  ? -11.590 8.230   -11.287 1.00 13.18 ? 16  PHE A CD1 1 
ATOM   122  C CD2 . PHE A 1 16  ? -12.093 5.903   -11.559 1.00 10.18 ? 16  PHE A CD2 1 
ATOM   123  C CE1 . PHE A 1 16  ? -12.429 8.545   -12.365 1.00 13.01 ? 16  PHE A CE1 1 
ATOM   124  C CE2 . PHE A 1 16  ? -12.929 6.203   -12.637 1.00 11.11 ? 16  PHE A CE2 1 
ATOM   125  C CZ  . PHE A 1 16  ? -13.097 7.530   -13.038 1.00 12.65 ? 16  PHE A CZ  1 
ATOM   126  N N   . GLU A 1 17  ? -8.339  6.142   -12.333 1.00 10.93 ? 17  GLU A N   1 
ATOM   127  C CA  . GLU A 1 17  ? -7.620  6.856   -13.386 1.00 12.65 ? 17  GLU A CA  1 
ATOM   128  C C   . GLU A 1 17  ? -6.249  7.329   -12.937 1.00 13.37 ? 17  GLU A C   1 
ATOM   129  O O   . GLU A 1 17  ? -5.934  8.528   -13.029 1.00 12.92 ? 17  GLU A O   1 
ATOM   130  C CB  . GLU A 1 17  ? -8.452  8.029   -13.897 1.00 13.53 ? 17  GLU A CB  1 
ATOM   131  C CG  . GLU A 1 17  ? -9.721  7.596   -14.599 1.00 16.65 ? 17  GLU A CG  1 
ATOM   132  C CD  . GLU A 1 17  ? -10.401 8.724   -15.334 1.00 21.14 ? 17  GLU A CD  1 
ATOM   133  O OE1 . GLU A 1 17  ? -10.298 9.892   -14.896 1.00 23.93 ? 17  GLU A OE1 1 
ATOM   134  O OE2 . GLU A 1 17  ? -11.048 8.432   -16.356 1.00 23.46 ? 17  GLU A OE2 1 
ATOM   135  N N   . ASN A 1 18  ? -5.462  6.379   -12.435 1.00 14.20 ? 18  ASN A N   1 
ATOM   136  C CA  . ASN A 1 18  ? -4.059  6.595   -12.061 1.00 16.02 ? 18  ASN A CA  1 
ATOM   137  C C   . ASN A 1 18  ? -3.845  7.462   -10.838 1.00 16.22 ? 18  ASN A C   1 
ATOM   138  O O   . ASN A 1 18  ? -2.727  7.923   -10.593 1.00 17.01 ? 18  ASN A O   1 
ATOM   139  C CB  . ASN A 1 18  ? -3.269  7.203   -13.226 1.00 16.68 ? 18  ASN A CB  1 
ATOM   140  C CG  . ASN A 1 18  ? -2.799  6.174   -14.211 1.00 19.05 ? 18  ASN A CG  1 
ATOM   141  O OD1 . ASN A 1 18  ? -3.024  4.971   -14.042 1.00 23.05 ? 18  ASN A OD1 1 
ATOM   142  N ND2 . ASN A 1 18  ? -2.133  6.642   -15.264 1.00 20.29 ? 18  ASN A ND2 1 
ATOM   143  N N   . GLN A 1 19  ? -4.905  7.698   -10.076 1.00 16.16 ? 19  GLN A N   1 
ATOM   144  C CA  . GLN A 1 19  ? -4.819  8.581   -8.922  1.00 16.79 ? 19  GLN A CA  1 
ATOM   145  C C   . GLN A 1 19  ? -5.502  7.960   -7.722  1.00 16.14 ? 19  GLN A C   1 
ATOM   146  O O   . GLN A 1 19  ? -6.346  7.079   -7.869  1.00 15.35 ? 19  GLN A O   1 
ATOM   147  C CB  . GLN A 1 19  ? -5.463  9.931   -9.231  1.00 17.04 ? 19  GLN A CB  1 
ATOM   148  C CG  . GLN A 1 19  ? -4.740  10.722  -10.311 1.00 18.28 ? 19  GLN A CG  1 
ATOM   149  C CD  . GLN A 1 19  ? -5.315  12.106  -10.520 1.00 19.47 ? 19  GLN A CD  1 
ATOM   150  O OE1 . GLN A 1 19  ? -6.348  12.463  -9.948  1.00 23.93 ? 19  GLN A OE1 1 
ATOM   151  N NE2 . GLN A 1 19  ? -4.647  12.899  -11.355 1.00 22.64 ? 19  GLN A NE2 1 
ATOM   152  N N   . LEU A 1 20  ? -5.109  8.410   -6.536  1.00 15.80 ? 20  LEU A N   1 
ATOM   153  C CA  . LEU A 1 20  ? -5.896  8.154   -5.340  1.00 15.70 ? 20  LEU A CA  1 
ATOM   154  C C   . LEU A 1 20  ? -7.179  8.933   -5.492  1.00 15.43 ? 20  LEU A C   1 
ATOM   155  O O   . LEU A 1 20  ? -7.149  10.107  -5.866  1.00 16.14 ? 20  LEU A O   1 
ATOM   156  C CB  . LEU A 1 20  ? -5.174  8.665   -4.098  1.00 15.65 ? 20  LEU A CB  1 
ATOM   157  C CG  . LEU A 1 20  ? -3.891  7.980   -3.694  1.00 15.96 ? 20  LEU A CG  1 
ATOM   158  C CD1 . LEU A 1 20  ? -3.276  8.798   -2.571  1.00 15.66 ? 20  LEU A CD1 1 
ATOM   159  C CD2 . LEU A 1 20  ? -4.219  6.595   -3.211  1.00 16.92 ? 20  LEU A CD2 1 
ATOM   160  N N   . PRO A 1 21  ? -8.325  8.292   -5.217  1.00 14.98 ? 21  PRO A N   1 
ATOM   161  C CA  . PRO A 1 21  ? -9.610  8.972   -5.396  1.00 14.81 ? 21  PRO A CA  1 
ATOM   162  C C   . PRO A 1 21  ? -9.907  10.062  -4.375  1.00 14.77 ? 21  PRO A C   1 
ATOM   163  O O   . PRO A 1 21  ? -10.797 10.891  -4.601  1.00 15.13 ? 21  PRO A O   1 
ATOM   164  C CB  . PRO A 1 21  ? -10.628 7.826   -5.273  1.00 14.37 ? 21  PRO A CB  1 
ATOM   165  C CG  . PRO A 1 21  ? -9.819  6.559   -5.458  1.00 14.31 ? 21  PRO A CG  1 
ATOM   166  C CD  . PRO A 1 21  ? -8.510  6.890   -4.808  1.00 15.08 ? 21  PRO A CD  1 
ATOM   167  N N   . TRP A 1 22  ? -9.173  10.058  -3.261  1.00 14.45 ? 22  TRP A N   1 
ATOM   168  C CA  . TRP A 1 22  ? -9.399  10.981  -2.142  1.00 14.13 ? 22  TRP A CA  1 
ATOM   169  C C   . TRP A 1 22  ? -8.138  11.778  -1.806  1.00 14.77 ? 22  TRP A C   1 
ATOM   170  O O   . TRP A 1 22  ? -7.036  11.433  -2.247  1.00 14.59 ? 22  TRP A O   1 
ATOM   171  C CB  . TRP A 1 22  ? -9.846  10.206  -0.900  1.00 13.11 ? 22  TRP A CB  1 
ATOM   172  C CG  . TRP A 1 22  ? -8.968  9.023   -0.652  1.00 12.16 ? 22  TRP A CG  1 
ATOM   173  C CD1 . TRP A 1 22  ? -7.729  9.016   -0.057  1.00 11.53 ? 22  TRP A CD1 1 
ATOM   174  C CD2 . TRP A 1 22  ? -9.243  7.675   -1.028  1.00 10.46 ? 22  TRP A CD2 1 
ATOM   175  N NE1 . TRP A 1 22  ? -7.222  7.736   -0.042  1.00 10.63 ? 22  TRP A NE1 1 
ATOM   176  C CE2 . TRP A 1 22  ? -8.134  6.893   -0.626  1.00 10.55 ? 22  TRP A CE2 1 
ATOM   177  C CE3 . TRP A 1 22  ? -10.333 7.042   -1.645  1.00 9.67  ? 22  TRP A CE3 1 
ATOM   178  C CZ2 . TRP A 1 22  ? -8.078  5.512   -0.833  1.00 11.42 ? 22  TRP A CZ2 1 
ATOM   179  C CZ3 . TRP A 1 22  ? -10.275 5.672   -1.854  1.00 10.63 ? 22  TRP A CZ3 1 
ATOM   180  C CH2 . TRP A 1 22  ? -9.156  4.921   -1.446  1.00 11.50 ? 22  TRP A CH2 1 
ATOM   181  N N   . HIS A 1 23  ? -8.314  12.838  -1.015  1.00 15.93 ? 23  HIS A N   1 
ATOM   182  C CA  . HIS A 1 23  ? -7.196  13.612  -0.478  1.00 16.84 ? 23  HIS A CA  1 
ATOM   183  C C   . HIS A 1 23  ? -7.190  13.535  1.043   1.00 16.35 ? 23  HIS A C   1 
ATOM   184  O O   . HIS A 1 23  ? -8.104  14.043  1.706   1.00 16.61 ? 23  HIS A O   1 
ATOM   185  C CB  . HIS A 1 23  ? -7.259  15.080  -0.919  1.00 17.97 ? 23  HIS A CB  1 
ATOM   186  C CG  . HIS A 1 23  ? -5.960  15.807  -0.744  1.00 21.57 ? 23  HIS A CG  1 
ATOM   187  N ND1 . HIS A 1 23  ? -5.636  16.491  0.410   1.00 25.38 ? 23  HIS A ND1 1 
ATOM   188  C CD2 . HIS A 1 23  ? -4.891  15.933  -1.566  1.00 24.49 ? 23  HIS A CD2 1 
ATOM   189  C CE1 . HIS A 1 23  ? -4.429  17.014  0.286   1.00 24.85 ? 23  HIS A CE1 1 
ATOM   190  N NE2 . HIS A 1 23  ? -3.955  16.690  -0.904  1.00 26.12 ? 23  HIS A NE2 1 
ATOM   191  N N   . LEU A 1 24  ? -6.158  12.896  1.585   1.00 15.10 ? 24  LEU A N   1 
ATOM   192  C CA  . LEU A 1 24  ? -6.062  12.664  3.019   1.00 14.67 ? 24  LEU A CA  1 
ATOM   193  C C   . LEU A 1 24  ? -4.622  12.771  3.518   1.00 13.87 ? 24  LEU A C   1 
ATOM   194  O O   . LEU A 1 24  ? -3.932  11.754  3.656   1.00 13.28 ? 24  LEU A O   1 
ATOM   195  C CB  . LEU A 1 24  ? -6.638  11.292  3.368   1.00 14.63 ? 24  LEU A CB  1 
ATOM   196  C CG  . LEU A 1 24  ? -7.172  11.105  4.787   1.00 16.65 ? 24  LEU A CG  1 
ATOM   197  C CD1 . LEU A 1 24  ? -8.222  12.164  5.122   1.00 17.11 ? 24  LEU A CD1 1 
ATOM   198  C CD2 . LEU A 1 24  ? -7.761  9.719   4.900   1.00 17.88 ? 24  LEU A CD2 1 
ATOM   199  N N   . PRO A 1 25  ? -4.159  14.009  3.780   1.00 13.70 ? 25  PRO A N   1 
ATOM   200  C CA  . PRO A 1 25  ? -2.803  14.223  4.272   1.00 13.81 ? 25  PRO A CA  1 
ATOM   201  C C   . PRO A 1 25  ? -2.427  13.367  5.476   1.00 13.61 ? 25  PRO A C   1 
ATOM   202  O O   . PRO A 1 25  ? -1.274  12.946  5.568   1.00 13.79 ? 25  PRO A O   1 
ATOM   203  C CB  . PRO A 1 25  ? -2.798  15.710  4.654   1.00 13.84 ? 25  PRO A CB  1 
ATOM   204  C CG  . PRO A 1 25  ? -3.783  16.328  3.752   1.00 13.96 ? 25  PRO A CG  1 
ATOM   205  C CD  . PRO A 1 25  ? -4.877  15.285  3.587   1.00 13.44 ? 25  PRO A CD  1 
ATOM   206  N N   . ASN A 1 26  ? -3.385  13.102  6.373   1.00 13.50 ? 26  ASN A N   1 
ATOM   207  C CA  . ASN A 1 26  ? -3.149  12.276  7.569   1.00 13.78 ? 26  ASN A CA  1 
ATOM   208  C C   . ASN A 1 26  ? -2.680  10.872  7.209   1.00 13.07 ? 26  ASN A C   1 
ATOM   209  O O   . ASN A 1 26  ? -1.847  10.286  7.904   1.00 12.30 ? 26  ASN A O   1 
ATOM   210  C CB  . ASN A 1 26  ? -4.403  12.162  8.442   1.00 14.49 ? 26  ASN A CB  1 
ATOM   211  C CG  . ASN A 1 26  ? -4.683  13.423  9.263   1.00 17.40 ? 26  ASN A CG  1 
ATOM   212  O OD1 . ASN A 1 26  ? -3.881  14.361  9.298   1.00 19.67 ? 26  ASN A OD1 1 
ATOM   213  N ND2 . ASN A 1 26  ? -5.839  13.443  9.929   1.00 20.47 ? 26  ASN A ND2 1 
ATOM   214  N N   . ASP A 1 27  ? -3.231  10.335  6.123   1.00 11.96 ? 27  ASP A N   1 
ATOM   215  C CA  . ASP A 1 27  ? -2.844  9.007   5.678   1.00 11.82 ? 27  ASP A CA  1 
ATOM   216  C C   . ASP A 1 27  ? -1.444  9.022   5.053   1.00 11.79 ? 27  ASP A C   1 
ATOM   217  O O   . ASP A 1 27  ? -0.674  8.086   5.247   1.00 12.00 ? 27  ASP A O   1 
ATOM   218  C CB  . ASP A 1 27  ? -3.889  8.420   4.730   1.00 11.34 ? 27  ASP A CB  1 
ATOM   219  C CG  . ASP A 1 27  ? -3.487  7.072   4.194   1.00 11.53 ? 27  ASP A CG  1 
ATOM   220  O OD1 . ASP A 1 27  ? -3.314  6.982   2.969   1.00 12.48 ? 27  ASP A OD1 1 
ATOM   221  O OD2 . ASP A 1 27  ? -3.322  6.119   4.985   1.00 12.11 ? 27  ASP A OD2 1 
ATOM   222  N N   . LEU A 1 28  ? -1.108  10.091  4.333   1.00 11.87 ? 28  LEU A N   1 
ATOM   223  C CA  . LEU A 1 28  ? 0.246   10.236  3.805   1.00 12.65 ? 28  LEU A CA  1 
ATOM   224  C C   . LEU A 1 28  ? 1.268   10.294  4.943   1.00 12.67 ? 28  LEU A C   1 
ATOM   225  O O   . LEU A 1 28  ? 2.358   9.733   4.829   1.00 12.25 ? 28  LEU A O   1 
ATOM   226  C CB  . LEU A 1 28  ? 0.364   11.470  2.911   1.00 12.86 ? 28  LEU A CB  1 
ATOM   227  C CG  . LEU A 1 28  ? -0.532  11.561  1.674   1.00 14.68 ? 28  LEU A CG  1 
ATOM   228  C CD1 . LEU A 1 28  ? -0.166  12.807  0.852   1.00 16.24 ? 28  LEU A CD1 1 
ATOM   229  C CD2 . LEU A 1 28  ? -0.482  10.290  0.821   1.00 15.89 ? 28  LEU A CD2 1 
ATOM   230  N N   . LYS A 1 29  ? 0.905   10.960  6.042   1.00 12.94 ? 29  LYS A N   1 
ATOM   231  C CA  . LYS A 1 29  ? 1.758   10.998  7.248   1.00 13.74 ? 29  LYS A CA  1 
ATOM   232  C C   . LYS A 1 29  ? 1.948   9.609   7.835   1.00 13.22 ? 29  LYS A C   1 
ATOM   233  O O   . LYS A 1 29  ? 3.042   9.243   8.254   1.00 13.55 ? 29  LYS A O   1 
ATOM   234  C CB  . LYS A 1 29  ? 1.148   11.895  8.327   1.00 14.35 ? 29  LYS A CB  1 
ATOM   235  C CG  . LYS A 1 29  ? 1.183   13.381  8.040   1.00 17.42 ? 29  LYS A CG  1 
ATOM   236  C CD  . LYS A 1 29  ? 0.953   14.167  9.337   1.00 21.12 ? 29  LYS A CD  1 
ATOM   237  C CE  . LYS A 1 29  ? 2.242   14.793  9.890   1.00 24.93 ? 29  LYS A CE  1 
ATOM   238  N NZ  . LYS A 1 29  ? 3.378   13.836  10.133  1.00 27.16 ? 29  LYS A NZ  1 
ATOM   239  N N   . HIS A 1 30  ? 0.855   8.850   7.873   1.00 12.52 ? 30  HIS A N   1 
ATOM   240  C CA  . HIS A 1 30  ? 0.830   7.463   8.332   1.00 11.89 ? 30  HIS A CA  1 
ATOM   241  C C   . HIS A 1 30  ? 1.803   6.601   7.515   1.00 11.68 ? 30  HIS A C   1 
ATOM   242  O O   . HIS A 1 30  ? 2.610   5.864   8.083   1.00 11.65 ? 30  HIS A O   1 
ATOM   243  C CB  . HIS A 1 30  ? -0.614  6.956   8.214   1.00 11.69 ? 30  HIS A CB  1 
ATOM   244  C CG  . HIS A 1 30  ? -0.810  5.517   8.578   1.00 11.71 ? 30  HIS A CG  1 
ATOM   245  N ND1 . HIS A 1 30  ? -0.675  5.048   9.867   1.00 12.03 ? 30  HIS A ND1 1 
ATOM   246  C CD2 . HIS A 1 30  ? -1.194  4.456   7.830   1.00 11.76 ? 30  HIS A CD2 1 
ATOM   247  C CE1 . HIS A 1 30  ? -0.943  3.755   9.893   1.00 12.33 ? 30  HIS A CE1 1 
ATOM   248  N NE2 . HIS A 1 30  ? -1.259  3.370   8.668   1.00 13.00 ? 30  HIS A NE2 1 
ATOM   249  N N   . VAL A 1 31  ? 1.740   6.724   6.190   1.00 11.10 ? 31  VAL A N   1 
ATOM   250  C CA  . VAL A 1 31  ? 2.667   6.033   5.288   1.00 11.44 ? 31  VAL A CA  1 
ATOM   251  C C   . VAL A 1 31  ? 4.124   6.400   5.575   1.00 12.26 ? 31  VAL A C   1 
ATOM   252  O O   . VAL A 1 31  ? 4.978   5.517   5.674   1.00 12.34 ? 31  VAL A O   1 
ATOM   253  C CB  . VAL A 1 31  ? 2.344   6.328   3.807   1.00 11.00 ? 31  VAL A CB  1 
ATOM   254  C CG1 . VAL A 1 31  ? 3.448   5.796   2.896   1.00 10.76 ? 31  VAL A CG1 1 
ATOM   255  C CG2 . VAL A 1 31  ? 1.028   5.695   3.438   1.00 10.69 ? 31  VAL A CG2 1 
ATOM   256  N N   . LYS A 1 32  ? 4.384   7.701   5.704   1.00 13.29 ? 32  LYS A N   1 
ATOM   257  C CA  . LYS A 1 32  ? 5.729   8.215   5.975   1.00 14.12 ? 32  LYS A CA  1 
ATOM   258  C C   . LYS A 1 32  ? 6.295   7.662   7.283   1.00 14.68 ? 32  LYS A C   1 
ATOM   259  O O   . LYS A 1 32  ? 7.450   7.244   7.342   1.00 14.61 ? 32  LYS A O   1 
ATOM   260  C CB  . LYS A 1 32  ? 5.716   9.744   5.995   1.00 14.58 ? 32  LYS A CB  1 
ATOM   261  C CG  . LYS A 1 32  ? 7.083   10.376  6.240   1.00 15.85 ? 32  LYS A CG  1 
ATOM   262  C CD  . LYS A 1 32  ? 6.963   11.879  6.305   1.00 18.92 ? 32  LYS A CD  1 
ATOM   263  C CE  . LYS A 1 32  ? 8.319   12.531  6.505   1.00 22.05 ? 32  LYS A CE  1 
ATOM   264  N NZ  . LYS A 1 32  ? 8.174   14.012  6.512   1.00 23.23 ? 32  LYS A NZ  1 
ATOM   265  N N   . LYS A 1 33  ? 5.468   7.647   8.324   1.00 15.07 ? 33  LYS A N   1 
ATOM   266  C CA  . LYS A 1 33  ? 5.868   7.127   9.630   1.00 15.87 ? 33  LYS A CA  1 
ATOM   267  C C   . LYS A 1 33  ? 6.190   5.624   9.598   1.00 15.20 ? 33  LYS A C   1 
ATOM   268  O O   . LYS A 1 33  ? 7.192   5.175   10.172  1.00 15.06 ? 33  LYS A O   1 
ATOM   269  C CB  . LYS A 1 33  ? 4.754   7.413   10.630  1.00 16.10 ? 33  LYS A CB  1 
ATOM   270  C CG  . LYS A 1 33  ? 5.109   7.212   12.086  1.00 18.12 ? 33  LYS A CG  1 
ATOM   271  C CD  . LYS A 1 33  ? 3.865   7.295   12.976  1.00 18.59 ? 33  LYS A CD  1 
ATOM   272  C CE  . LYS A 1 33  ? 3.167   8.659   12.898  1.00 22.60 ? 33  LYS A CE  1 
ATOM   273  N NZ  . LYS A 1 33  ? 2.059   8.679   11.884  1.00 25.31 ? 33  LYS A NZ  1 
ATOM   274  N N   . LEU A 1 34  ? 5.344   4.845   8.928   1.00 14.20 ? 34  LEU A N   1 
ATOM   275  C CA  . LEU A 1 34  ? 5.531   3.401   8.885   1.00 13.64 ? 34  LEU A CA  1 
ATOM   276  C C   . LEU A 1 34  ? 6.710   2.970   8.024   1.00 13.48 ? 34  LEU A C   1 
ATOM   277  O O   . LEU A 1 34  ? 7.449   2.064   8.404   1.00 13.20 ? 34  LEU A O   1 
ATOM   278  C CB  . LEU A 1 34  ? 4.260   2.700   8.391   1.00 13.89 ? 34  LEU A CB  1 
ATOM   279  C CG  . LEU A 1 34  ? 3.138   2.505   9.404   1.00 13.51 ? 34  LEU A CG  1 
ATOM   280  C CD1 . LEU A 1 34  ? 1.865   2.081   8.681   1.00 13.70 ? 34  LEU A CD1 1 
ATOM   281  C CD2 . LEU A 1 34  ? 3.520   1.473   10.462  1.00 13.91 ? 34  LEU A CD2 1 
ATOM   282  N N   . SER A 1 35  ? 6.892   3.627   6.879   1.00 12.94 ? 35  SER A N   1 
ATOM   283  C CA  . SER A 1 35  ? 7.790   3.106   5.846   1.00 12.87 ? 35  SER A CA  1 
ATOM   284  C C   . SER A 1 35  ? 9.149   3.808   5.730   1.00 13.03 ? 35  SER A C   1 
ATOM   285  O O   . SER A 1 35  ? 10.054  3.283   5.075   1.00 12.99 ? 35  SER A O   1 
ATOM   286  C CB  . SER A 1 35  ? 7.080   3.065   4.483   1.00 12.47 ? 35  SER A CB  1 
ATOM   287  O OG  . SER A 1 35  ? 6.786   4.368   4.009   1.00 12.07 ? 35  SER A OG  1 
ATOM   288  N N   . THR A 1 36  ? 9.301   4.973   6.357   1.00 13.76 ? 36  THR A N   1 
ATOM   289  C CA  . THR A 1 36  ? 10.603  5.665   6.360   1.00 13.97 ? 36  THR A CA  1 
ATOM   290  C C   . THR A 1 36  ? 11.666  4.758   6.998   1.00 13.78 ? 36  THR A C   1 
ATOM   291  O O   . THR A 1 36  ? 11.443  4.163   8.052   1.00 13.75 ? 36  THR A O   1 
ATOM   292  C CB  . THR A 1 36  ? 10.538  7.059   7.055   1.00 14.26 ? 36  THR A CB  1 
ATOM   293  O OG1 . THR A 1 36  ? 9.733   7.956   6.274   1.00 14.49 ? 36  THR A OG1 1 
ATOM   294  C CG2 . THR A 1 36  ? 11.922  7.668   7.200   1.00 14.54 ? 36  THR A CG2 1 
ATOM   295  N N   . GLY A 1 37  ? 12.808  4.628   6.324   1.00 13.54 ? 37  GLY A N   1 
ATOM   296  C CA  . GLY A 1 37  ? 13.876  3.737   6.780   1.00 13.55 ? 37  GLY A CA  1 
ATOM   297  C C   . GLY A 1 37  ? 13.676  2.263   6.465   1.00 13.55 ? 37  GLY A C   1 
ATOM   298  O O   . GLY A 1 37  ? 14.456  1.419   6.908   1.00 13.68 ? 37  GLY A O   1 
ATOM   299  N N   . HIS A 1 38  ? 12.626  1.941   5.704   1.00 13.25 ? 38  HIS A N   1 
ATOM   300  C CA  . HIS A 1 38  ? 12.336  0.556   5.346   1.00 13.30 ? 38  HIS A CA  1 
ATOM   301  C C   . HIS A 1 38  ? 12.248  0.394   3.824   1.00 12.97 ? 38  HIS A C   1 
ATOM   302  O O   . HIS A 1 38  ? 12.929  1.117   3.100   1.00 12.99 ? 38  HIS A O   1 
ATOM   303  C CB  . HIS A 1 38  ? 11.089  0.065   6.098   1.00 13.40 ? 38  HIS A CB  1 
ATOM   304  C CG  . HIS A 1 38  ? 11.232  0.175   7.586   1.00 14.83 ? 38  HIS A CG  1 
ATOM   305  N ND1 . HIS A 1 38  ? 10.550  1.107   8.337   1.00 16.95 ? 38  HIS A ND1 1 
ATOM   306  C CD2 . HIS A 1 38  ? 12.043  -0.483  8.450   1.00 15.74 ? 38  HIS A CD2 1 
ATOM   307  C CE1 . HIS A 1 38  ? 10.909  0.997   9.604   1.00 15.87 ? 38  HIS A CE1 1 
ATOM   308  N NE2 . HIS A 1 38  ? 11.809  0.034   9.701   1.00 16.90 ? 38  HIS A NE2 1 
ATOM   309  N N   . THR A 1 39  ? 11.439  -0.548  3.343   1.00 12.39 ? 39  THR A N   1 
ATOM   310  C CA  . THR A 1 39  ? 11.346  -0.816  1.904   1.00 12.28 ? 39  THR A CA  1 
ATOM   311  C C   . THR A 1 39  ? 9.892   -0.809  1.439   1.00 11.94 ? 39  THR A C   1 
ATOM   312  O O   . THR A 1 39  ? 9.023   -1.400  2.087   1.00 11.85 ? 39  THR A O   1 
ATOM   313  C CB  . THR A 1 39  ? 11.979  -2.183  1.547   1.00 12.57 ? 39  THR A CB  1 
ATOM   314  O OG1 . THR A 1 39  ? 13.348  -2.205  1.974   1.00 12.04 ? 39  THR A OG1 1 
ATOM   315  C CG2 . THR A 1 39  ? 11.910  -2.458  0.037   1.00 12.54 ? 39  THR A CG2 1 
ATOM   316  N N   . LEU A 1 40  ? 9.645   -0.135  0.319   1.00 11.64 ? 40  LEU A N   1 
ATOM   317  C CA  . LEU A 1 40  ? 8.362   -0.220  -0.381  1.00 11.08 ? 40  LEU A CA  1 
ATOM   318  C C   . LEU A 1 40  ? 8.562   -1.028  -1.655  1.00 11.06 ? 40  LEU A C   1 
ATOM   319  O O   . LEU A 1 40  ? 9.533   -0.812  -2.377  1.00 11.21 ? 40  LEU A O   1 
ATOM   320  C CB  . LEU A 1 40  ? 7.846   1.168   -0.757  1.00 11.20 ? 40  LEU A CB  1 
ATOM   321  C CG  . LEU A 1 40  ? 7.512   2.167   0.352   1.00 11.42 ? 40  LEU A CG  1 
ATOM   322  C CD1 . LEU A 1 40  ? 7.076   3.495   -0.242  1.00 13.56 ? 40  LEU A CD1 1 
ATOM   323  C CD2 . LEU A 1 40  ? 6.443   1.615   1.275   1.00 13.17 ? 40  LEU A CD2 1 
ATOM   324  N N   . VAL A 1 41  ? 7.648   -1.958  -1.909  1.00 10.49 ? 41  VAL A N   1 
ATOM   325  C CA  . VAL A 1 41  ? 7.634   -2.723  -3.152  1.00 9.96  ? 41  VAL A CA  1 
ATOM   326  C C   . VAL A 1 41  ? 6.337   -2.397  -3.856  1.00 10.02 ? 41  VAL A C   1 
ATOM   327  O O   . VAL A 1 41  ? 5.259   -2.522  -3.279  1.00 9.04  ? 41  VAL A O   1 
ATOM   328  C CB  . VAL A 1 41  ? 7.710   -4.244  -2.920  1.00 10.36 ? 41  VAL A CB  1 
ATOM   329  C CG1 . VAL A 1 41  ? 7.569   -5.009  -4.251  1.00 10.19 ? 41  VAL A CG1 1 
ATOM   330  C CG2 . VAL A 1 41  ? 9.015   -4.610  -2.242  1.00 10.46 ? 41  VAL A CG2 1 
ATOM   331  N N   . MET A 1 42  ? 6.446   -1.972  -5.106  1.00 9.92  ? 42  MET A N   1 
ATOM   332  C CA  . MET A 1 42  ? 5.254   -1.640  -5.870  1.00 10.63 ? 42  MET A CA  1 
ATOM   333  C C   . MET A 1 42  ? 5.322   -2.135  -7.306  1.00 9.60  ? 42  MET A C   1 
ATOM   334  O O   . MET A 1 42  ? 6.402   -2.305  -7.865  1.00 8.67  ? 42  MET A O   1 
ATOM   335  C CB  . MET A 1 42  ? 5.000   -0.136  -5.821  1.00 10.89 ? 42  MET A CB  1 
ATOM   336  C CG  . MET A 1 42  ? 6.027   0.711   -6.561  1.00 11.98 ? 42  MET A CG  1 
ATOM   337  S SD  . MET A 1 42  ? 6.052   2.417   -6.008  1.00 14.14 ? 42  MET A SD  1 
ATOM   338  C CE  . MET A 1 42  ? 7.233   2.317   -4.658  1.00 13.60 ? 42  MET A CE  1 
ATOM   339  N N   . GLY A 1 43  ? 4.155   -2.362  -7.897  1.00 8.69  ? 43  GLY A N   1 
ATOM   340  C CA  . GLY A 1 43  ? 4.082   -2.706  -9.318  1.00 8.25  ? 43  GLY A CA  1 
ATOM   341  C C   . GLY A 1 43  ? 4.428   -1.490  -10.159 1.00 8.26  ? 43  GLY A C   1 
ATOM   342  O O   . GLY A 1 43  ? 4.411   -0.350  -9.675  1.00 7.77  ? 43  GLY A O   1 
ATOM   343  N N   . ARG A 1 44  ? 4.724   -1.732  -11.430 1.00 8.40  ? 44  ARG A N   1 
ATOM   344  C CA  . ARG A 1 44  ? 5.171   -0.687  -12.338 1.00 8.66  ? 44  ARG A CA  1 
ATOM   345  C C   . ARG A 1 44  ? 4.142   0.437   -12.471 1.00 8.74  ? 44  ARG A C   1 
ATOM   346  O O   . ARG A 1 44  ? 4.495   1.620   -12.509 1.00 8.28  ? 44  ARG A O   1 
ATOM   347  C CB  . ARG A 1 44  ? 5.484   -1.309  -13.703 1.00 9.44  ? 44  ARG A CB  1 
ATOM   348  C CG  . ARG A 1 44  ? 6.108   -0.363  -14.738 1.00 9.96  ? 44  ARG A CG  1 
ATOM   349  C CD  . ARG A 1 44  ? 5.051   0.214   -15.675 1.00 11.81 ? 44  ARG A CD  1 
ATOM   350  N NE  . ARG A 1 44  ? 4.316   -0.831  -16.389 1.00 11.89 ? 44  ARG A NE  1 
ATOM   351  C CZ  . ARG A 1 44  ? 3.229   -0.620  -17.128 1.00 12.02 ? 44  ARG A CZ  1 
ATOM   352  N NH1 . ARG A 1 44  ? 2.735   0.606   -17.257 1.00 14.20 ? 44  ARG A NH1 1 
ATOM   353  N NH2 . ARG A 1 44  ? 2.639   -1.634  -17.729 1.00 12.99 ? 44  ARG A NH2 1 
ATOM   354  N N   . LYS A 1 45  ? 2.870   0.063   -12.552 1.00 8.38  ? 45  LYS A N   1 
ATOM   355  C CA  . LYS A 1 45  ? 1.816   1.062   -12.732 1.00 8.93  ? 45  LYS A CA  1 
ATOM   356  C C   . LYS A 1 45  ? 1.652   1.979   -11.517 1.00 8.78  ? 45  LYS A C   1 
ATOM   357  O O   . LYS A 1 45  ? 1.424   3.194   -11.658 1.00 8.97  ? 45  LYS A O   1 
ATOM   358  C CB  . LYS A 1 45  ? 0.503   0.373   -13.098 1.00 8.84  ? 45  LYS A CB  1 
ATOM   359  C CG  . LYS A 1 45  ? 0.522   -0.305  -14.443 1.00 9.82  ? 45  LYS A CG  1 
ATOM   360  C CD  . LYS A 1 45  ? -0.887  -0.729  -14.816 1.00 11.75 ? 45  LYS A CD  1 
ATOM   361  C CE  . LYS A 1 45  ? -0.955  -1.370  -16.176 1.00 13.98 ? 45  LYS A CE  1 
ATOM   362  N NZ  . LYS A 1 45  ? -2.364  -1.797  -16.461 1.00 13.44 ? 45  LYS A NZ  1 
ATOM   363  N N   . THR A 1 46  ? 1.758   1.397   -10.324 1.00 9.19  ? 46  THR A N   1 
ATOM   364  C CA  . THR A 1 46  ? 1.727   2.174   -9.086  1.00 9.07  ? 46  THR A CA  1 
ATOM   365  C C   . THR A 1 46  ? 2.875   3.178   -9.052  1.00 9.41  ? 46  THR A C   1 
ATOM   366  O O   . THR A 1 46  ? 2.673   4.358   -8.744  1.00 9.54  ? 46  THR A O   1 
ATOM   367  C CB  . THR A 1 46  ? 1.771   1.267   -7.844  1.00 8.91  ? 46  THR A CB  1 
ATOM   368  O OG1 . THR A 1 46  ? 0.571   0.490   -7.793  1.00 8.99  ? 46  THR A OG1 1 
ATOM   369  C CG2 . THR A 1 46  ? 1.874   2.089   -6.576  1.00 9.31  ? 46  THR A CG2 1 
ATOM   370  N N   . PHE A 1 47  ? 4.075   2.724   -9.401  1.00 9.88  ? 47  PHE A N   1 
ATOM   371  C CA  . PHE A 1 47  ? 5.206   3.641   -9.416  1.00 10.65 ? 47  PHE A CA  1 
ATOM   372  C C   . PHE A 1 47  ? 4.983   4.799   -10.383 1.00 11.12 ? 47  PHE A C   1 
ATOM   373  O O   . PHE A 1 47  ? 5.217   5.959   -10.042 1.00 11.00 ? 47  PHE A O   1 
ATOM   374  C CB  . PHE A 1 47  ? 6.527   2.967   -9.763  1.00 11.05 ? 47  PHE A CB  1 
ATOM   375  C CG  . PHE A 1 47  ? 7.651   3.951   -9.877  1.00 11.85 ? 47  PHE A CG  1 
ATOM   376  C CD1 . PHE A 1 47  ? 8.108   4.368   -11.123 1.00 13.50 ? 47  PHE A CD1 1 
ATOM   377  C CD2 . PHE A 1 47  ? 8.176   4.543   -8.732  1.00 13.12 ? 47  PHE A CD2 1 
ATOM   378  C CE1 . PHE A 1 47  ? 9.118   5.315   -11.229 1.00 13.87 ? 47  PHE A CE1 1 
ATOM   379  C CE2 . PHE A 1 47  ? 9.183   5.498   -8.827  1.00 13.84 ? 47  PHE A CE2 1 
ATOM   380  C CZ  . PHE A 1 47  ? 9.654   5.884   -10.075 1.00 14.19 ? 47  PHE A CZ  1 
ATOM   381  N N   . GLU A 1 48  ? 4.537   4.482   -11.589 1.00 12.12 ? 48  GLU A N   1 
ATOM   382  C CA  . GLU A 1 48  ? 4.347   5.529   -12.592 1.00 13.46 ? 48  GLU A CA  1 
ATOM   383  C C   . GLU A 1 48  ? 3.228   6.502   -12.249 1.00 14.09 ? 48  GLU A C   1 
ATOM   384  O O   . GLU A 1 48  ? 3.235   7.648   -12.706 1.00 14.38 ? 48  GLU A O   1 
ATOM   385  C CB  . GLU A 1 48  ? 4.177   4.925   -13.987 1.00 13.50 ? 48  GLU A CB  1 
ATOM   386  C CG  . GLU A 1 48  ? 5.447   4.181   -14.480 1.00 15.94 ? 48  GLU A CG  1 
ATOM   387  C CD  . GLU A 1 48  ? 6.660   5.092   -14.687 1.00 20.46 ? 48  GLU A CD  1 
ATOM   388  O OE1 . GLU A 1 48  ? 7.796   4.575   -14.741 1.00 22.11 ? 48  GLU A OE1 1 
ATOM   389  O OE2 . GLU A 1 48  ? 6.492   6.323   -14.805 1.00 23.42 ? 48  GLU A OE2 1 
ATOM   390  N N   . SER A 1 49  ? 2.279   6.065   -11.422 1.00 14.69 ? 49  SER A N   1 
ATOM   391  C CA  . SER A 1 49  ? 1.213   6.950   -10.980 1.00 16.02 ? 49  SER A CA  1 
ATOM   392  C C   . SER A 1 49  ? 1.784   8.009   -10.042 1.00 16.93 ? 49  SER A C   1 
ATOM   393  O O   . SER A 1 49  ? 1.301   9.147   -10.021 1.00 16.69 ? 49  SER A O   1 
ATOM   394  C CB  . SER A 1 49  ? 0.093   6.168   -10.296 1.00 16.15 ? 49  SER A CB  1 
ATOM   395  O OG  . SER A 1 49  ? 0.501   5.768   -9.008  1.00 17.52 ? 49  SER A OG  1 
ATOM   396  N N   . ILE A 1 50  ? 2.812   7.634   -9.273  1.00 17.65 ? 50  ILE A N   1 
ATOM   397  C CA  . ILE A 1 50  ? 3.477   8.595   -8.379  1.00 19.03 ? 50  ILE A CA  1 
ATOM   398  C C   . ILE A 1 50  ? 4.604   9.356   -9.085  1.00 18.95 ? 50  ILE A C   1 
ATOM   399  O O   . ILE A 1 50  ? 4.791   10.548  -8.837  1.00 19.44 ? 50  ILE A O   1 
ATOM   400  C CB  . ILE A 1 50  ? 3.928   7.970   -7.015  1.00 19.02 ? 50  ILE A CB  1 
ATOM   401  C CG1 . ILE A 1 50  ? 5.126   7.032   -7.165  1.00 19.83 ? 50  ILE A CG1 1 
ATOM   402  C CG2 . ILE A 1 50  ? 2.780   7.229   -6.376  1.00 20.30 ? 50  ILE A CG2 1 
ATOM   403  C CD1 . ILE A 1 50  ? 5.658   6.476   -5.847  1.00 19.76 ? 50  ILE A CD1 1 
ATOM   404  N N   . GLY A 1 51  ? 5.333   8.671   -9.966  1.00 19.10 ? 51  GLY A N   1 
ATOM   405  C CA  . GLY A 1 51  ? 6.294   9.319   -10.867 1.00 19.43 ? 51  GLY A CA  1 
ATOM   406  C C   . GLY A 1 51  ? 7.718   9.432   -10.356 1.00 19.67 ? 51  GLY A C   1 
ATOM   407  O O   . GLY A 1 51  ? 8.664   9.525   -11.145 1.00 19.82 ? 51  GLY A O   1 
ATOM   408  N N   . LYS A 1 52  ? 7.868   9.433   -9.033  1.00 19.78 ? 52  LYS A N   1 
ATOM   409  C CA  . LYS A 1 52  ? 9.172   9.576   -8.379  1.00 20.19 ? 52  LYS A CA  1 
ATOM   410  C C   . LYS A 1 52  ? 9.196   8.702   -7.130  1.00 19.34 ? 52  LYS A C   1 
ATOM   411  O O   . LYS A 1 52  ? 8.149   8.489   -6.517  1.00 18.86 ? 52  LYS A O   1 
ATOM   412  C CB  . LYS A 1 52  ? 9.418   11.039  -7.980  1.00 20.26 ? 52  LYS A CB  1 
ATOM   413  C CG  . LYS A 1 52  ? 9.575   12.016  -9.146  1.00 22.05 ? 52  LYS A CG  1 
ATOM   414  C CD  . LYS A 1 52  ? 9.909   13.432  -8.678  1.00 22.37 ? 52  LYS A CD  1 
ATOM   415  C CE  . LYS A 1 52  ? 11.409  13.601  -8.397  1.00 26.01 ? 52  LYS A CE  1 
ATOM   416  N NZ  . LYS A 1 52  ? 11.758  15.007  -8.033  1.00 27.90 ? 52  LYS A NZ  1 
ATOM   417  N N   . PRO A 1 53  ? 10.382  8.187   -6.751  1.00 18.85 ? 53  PRO A N   1 
ATOM   418  C CA  . PRO A 1 53  ? 10.468  7.400   -5.518  1.00 18.68 ? 53  PRO A CA  1 
ATOM   419  C C   . PRO A 1 53  ? 10.187  8.250   -4.280  1.00 18.31 ? 53  PRO A C   1 
ATOM   420  O O   . PRO A 1 53  ? 10.367  9.472   -4.302  1.00 18.35 ? 53  PRO A O   1 
ATOM   421  C CB  . PRO A 1 53  ? 11.919  6.901   -5.516  1.00 18.84 ? 53  PRO A CB  1 
ATOM   422  C CG  . PRO A 1 53  ? 12.661  7.865   -6.374  1.00 18.72 ? 53  PRO A CG  1 
ATOM   423  C CD  . PRO A 1 53  ? 11.688  8.295   -7.429  1.00 18.98 ? 53  PRO A CD  1 
ATOM   424  N N   . LEU A 1 54  ? 9.719   7.604   -3.218  1.00 18.30 ? 54  LEU A N   1 
ATOM   425  C CA  . LEU A 1 54  ? 9.472   8.294   -1.966  1.00 17.81 ? 54  LEU A CA  1 
ATOM   426  C C   . LEU A 1 54  ? 10.785  8.374   -1.187  1.00 17.65 ? 54  LEU A C   1 
ATOM   427  O O   . LEU A 1 54  ? 11.497  7.378   -1.076  1.00 17.47 ? 54  LEU A O   1 
ATOM   428  C CB  . LEU A 1 54  ? 8.373   7.586   -1.168  1.00 18.28 ? 54  LEU A CB  1 
ATOM   429  C CG  . LEU A 1 54  ? 6.959   7.808   -1.728  1.00 17.58 ? 54  LEU A CG  1 
ATOM   430  C CD1 . LEU A 1 54  ? 5.918   7.074   -0.901  1.00 18.67 ? 54  LEU A CD1 1 
ATOM   431  C CD2 . LEU A 1 54  ? 6.634   9.299   -1.772  1.00 19.92 ? 54  LEU A CD2 1 
ATOM   432  N N   . PRO A 1 55  ? 11.120  9.567   -0.670  1.00 17.78 ? 55  PRO A N   1 
ATOM   433  C CA  . PRO A 1 55  ? 12.434  9.749   -0.045  1.00 17.69 ? 55  PRO A CA  1 
ATOM   434  C C   . PRO A 1 55  ? 12.616  8.999   1.270   1.00 17.42 ? 55  PRO A C   1 
ATOM   435  O O   . PRO A 1 55  ? 11.636  8.675   1.953   1.00 16.92 ? 55  PRO A O   1 
ATOM   436  C CB  . PRO A 1 55  ? 12.516  11.265  0.178   1.00 18.11 ? 55  PRO A CB  1 
ATOM   437  C CG  . PRO A 1 55  ? 11.107  11.730  0.232   1.00 18.41 ? 55  PRO A CG  1 
ATOM   438  C CD  . PRO A 1 55  ? 10.307  10.799  -0.635  1.00 18.02 ? 55  PRO A CD  1 
ATOM   439  N N   . ASN A 1 56  ? 13.879  8.719   1.601   1.00 17.03 ? 56  ASN A N   1 
ATOM   440  C CA  . ASN A 1 56  ? 14.271  8.156   2.898   1.00 16.89 ? 56  ASN A CA  1 
ATOM   441  C C   . ASN A 1 56  ? 13.825  6.717   3.147   1.00 16.43 ? 56  ASN A C   1 
ATOM   442  O O   . ASN A 1 56  ? 13.617  6.311   4.292   1.00 16.20 ? 56  ASN A O   1 
ATOM   443  C CB  . ASN A 1 56  ? 13.851  9.079   4.051   1.00 17.00 ? 56  ASN A CB  1 
ATOM   444  C CG  . ASN A 1 56  ? 14.277  10.519  3.829   1.00 17.86 ? 56  ASN A CG  1 
ATOM   445  O OD1 . ASN A 1 56  ? 13.512  11.445  4.094   1.00 20.05 ? 56  ASN A OD1 1 
ATOM   446  N ND2 . ASN A 1 56  ? 15.491  10.716  3.321   1.00 16.84 ? 56  ASN A ND2 1 
ATOM   447  N N   . ARG A 1 57  ? 13.681  5.952   2.068   1.00 15.74 ? 57  ARG A N   1 
ATOM   448  C CA  . ARG A 1 57  ? 13.421  4.519   2.158   1.00 15.10 ? 57  ARG A CA  1 
ATOM   449  C C   . ARG A 1 57  ? 13.783  3.878   0.834   1.00 14.84 ? 57  ARG A C   1 
ATOM   450  O O   . ARG A 1 57  ? 13.983  4.575   -0.164  1.00 14.73 ? 57  ARG A O   1 
ATOM   451  C CB  . ARG A 1 57  ? 11.951  4.241   2.516   1.00 15.15 ? 57  ARG A CB  1 
ATOM   452  C CG  . ARG A 1 57  ? 10.943  4.491   1.399   1.00 14.56 ? 57  ARG A CG  1 
ATOM   453  C CD  . ARG A 1 57  ? 9.642   5.032   1.986   1.00 13.94 ? 57  ARG A CD  1 
ATOM   454  N NE  . ARG A 1 57  ? 9.715   6.480   2.170   1.00 13.64 ? 57  ARG A NE  1 
ATOM   455  C CZ  . ARG A 1 57  ? 8.677   7.265   2.442   1.00 13.69 ? 57  ARG A CZ  1 
ATOM   456  N NH1 . ARG A 1 57  ? 7.459   6.751   2.591   1.00 13.94 ? 57  ARG A NH1 1 
ATOM   457  N NH2 . ARG A 1 57  ? 8.857   8.570   2.565   1.00 14.44 ? 57  ARG A NH2 1 
ATOM   458  N N   . ARG A 1 58  ? 13.861  2.555   0.820   1.00 14.89 ? 58  ARG A N   1 
ATOM   459  C CA  . ARG A 1 58  ? 14.165  1.851   -0.410  1.00 14.94 ? 58  ARG A CA  1 
ATOM   460  C C   . ARG A 1 58  ? 12.892  1.749   -1.234  1.00 14.53 ? 58  ARG A C   1 
ATOM   461  O O   . ARG A 1 58  ? 11.848  1.362   -0.709  1.00 14.04 ? 58  ARG A O   1 
ATOM   462  C CB  . ARG A 1 58  ? 14.706  0.462   -0.121  1.00 15.25 ? 58  ARG A CB  1 
ATOM   463  C CG  . ARG A 1 58  ? 15.779  0.056   -1.094  1.00 17.96 ? 58  ARG A CG  1 
ATOM   464  C CD  . ARG A 1 58  ? 15.466  -1.241  -1.775  1.00 21.40 ? 58  ARG A CD  1 
ATOM   465  N NE  . ARG A 1 58  ? 15.888  -2.414  -1.023  1.00 24.55 ? 58  ARG A NE  1 
ATOM   466  C CZ  . ARG A 1 58  ? 16.694  -3.368  -1.487  1.00 23.64 ? 58  ARG A CZ  1 
ATOM   467  N NH1 . ARG A 1 58  ? 17.189  -3.312  -2.715  1.00 25.44 ? 58  ARG A NH1 1 
ATOM   468  N NH2 . ARG A 1 58  ? 16.999  -4.394  -0.713  1.00 23.75 ? 58  ARG A NH2 1 
ATOM   469  N N   . ASN A 1 59  ? 12.985  2.115   -2.510  1.00 14.18 ? 59  ASN A N   1 
ATOM   470  C CA  . ASN A 1 59  ? 11.863  1.976   -3.443  1.00 13.97 ? 59  ASN A CA  1 
ATOM   471  C C   . ASN A 1 59  ? 12.152  0.869   -4.447  1.00 13.66 ? 59  ASN A C   1 
ATOM   472  O O   . ASN A 1 59  ? 13.088  0.985   -5.246  1.00 14.38 ? 59  ASN A O   1 
ATOM   473  C CB  . ASN A 1 59  ? 11.604  3.292   -4.186  1.00 13.73 ? 59  ASN A CB  1 
ATOM   474  C CG  . ASN A 1 59  ? 11.007  4.368   -3.295  1.00 13.83 ? 59  ASN A CG  1 
ATOM   475  O OD1 . ASN A 1 59  ? 9.854   4.750   -3.470  1.00 14.10 ? 59  ASN A OD1 1 
ATOM   476  N ND2 . ASN A 1 59  ? 11.802  4.889   -2.357  1.00 15.02 ? 59  ASN A ND2 1 
ATOM   477  N N   . VAL A 1 60  ? 11.360  -0.200  -4.395  1.00 13.26 ? 60  VAL A N   1 
ATOM   478  C CA  . VAL A 1 60  ? 11.539  -1.355  -5.280  1.00 12.73 ? 60  VAL A CA  1 
ATOM   479  C C   . VAL A 1 60  ? 10.348  -1.466  -6.233  1.00 12.72 ? 60  VAL A C   1 
ATOM   480  O O   . VAL A 1 60  ? 9.198   -1.492  -5.794  1.00 12.83 ? 60  VAL A O   1 
ATOM   481  C CB  . VAL A 1 60  ? 11.709  -2.672  -4.482  1.00 12.60 ? 60  VAL A CB  1 
ATOM   482  C CG1 . VAL A 1 60  ? 11.731  -3.883  -5.407  1.00 13.26 ? 60  VAL A CG1 1 
ATOM   483  C CG2 . VAL A 1 60  ? 12.980  -2.634  -3.644  1.00 13.55 ? 60  VAL A CG2 1 
ATOM   484  N N   . VAL A 1 61  ? 10.630  -1.515  -7.533  1.00 12.08 ? 61  VAL A N   1 
ATOM   485  C CA  . VAL A 1 61  ? 9.573   -1.629  -8.540  1.00 11.83 ? 61  VAL A CA  1 
ATOM   486  C C   . VAL A 1 61  ? 9.629   -2.987  -9.231  1.00 11.96 ? 61  VAL A C   1 
ATOM   487  O O   . VAL A 1 61  ? 10.689  -3.434  -9.710  1.00 11.91 ? 61  VAL A O   1 
ATOM   488  C CB  . VAL A 1 61  ? 9.617   -0.471  -9.575  1.00 11.52 ? 61  VAL A CB  1 
ATOM   489  C CG1 . VAL A 1 61  ? 8.647   -0.726  -10.731 1.00 11.97 ? 61  VAL A CG1 1 
ATOM   490  C CG2 . VAL A 1 61  ? 9.311   0.858   -8.885  1.00 11.43 ? 61  VAL A CG2 1 
ATOM   491  N N   . LEU A 1 62  ? 8.476   -3.646  -9.261  1.00 11.24 ? 62  LEU A N   1 
ATOM   492  C CA  . LEU A 1 62  ? 8.337   -4.924  -9.930  1.00 11.23 ? 62  LEU A CA  1 
ATOM   493  C C   . LEU A 1 62  ? 7.817   -4.707  -11.347 1.00 11.19 ? 62  LEU A C   1 
ATOM   494  O O   . LEU A 1 62  ? 6.761   -4.104  -11.536 1.00 11.39 ? 62  LEU A O   1 
ATOM   495  C CB  . LEU A 1 62  ? 7.403   -5.831  -9.115  1.00 11.11 ? 62  LEU A CB  1 
ATOM   496  C CG  . LEU A 1 62  ? 7.074   -7.210  -9.676  1.00 10.89 ? 62  LEU A CG  1 
ATOM   497  C CD1 . LEU A 1 62  ? 8.317   -8.084  -9.852  1.00 11.15 ? 62  LEU A CD1 1 
ATOM   498  C CD2 . LEU A 1 62  ? 6.061   -7.899  -8.771  1.00 11.22 ? 62  LEU A CD2 1 
ATOM   499  N N   . THR A 1 63  ? 8.591   -5.160  -12.337 1.00 11.36 ? 63  THR A N   1 
ATOM   500  C CA  . THR A 1 63  ? 8.247   -5.011  -13.752 1.00 11.41 ? 63  THR A CA  1 
ATOM   501  C C   . THR A 1 63  ? 8.894   -6.130  -14.583 1.00 12.04 ? 63  THR A C   1 
ATOM   502  O O   . THR A 1 63  ? 9.924   -6.681  -14.187 1.00 12.13 ? 63  THR A O   1 
ATOM   503  C CB  . THR A 1 63  ? 8.662   -3.607  -14.314 1.00 11.47 ? 63  THR A CB  1 
ATOM   504  O OG1 . THR A 1 63  ? 8.360   -3.531  -15.712 1.00 11.28 ? 63  THR A OG1 1 
ATOM   505  C CG2 . THR A 1 63  ? 10.145  -3.341  -14.117 1.00 10.87 ? 63  THR A CG2 1 
ATOM   506  N N   . SER A 1 64  ? 8.286   -6.451  -15.725 1.00 12.37 ? 64  SER A N   1 
ATOM   507  C CA  . SER A 1 64  ? 8.886   -7.382  -16.690 1.00 13.21 ? 64  SER A CA  1 
ATOM   508  C C   . SER A 1 64  ? 9.792   -6.652  -17.682 1.00 13.71 ? 64  SER A C   1 
ATOM   509  O O   . SER A 1 64  ? 10.454  -7.289  -18.509 1.00 13.88 ? 64  SER A O   1 
ATOM   510  C CB  . SER A 1 64  ? 7.809   -8.157  -17.452 1.00 13.45 ? 64  SER A CB  1 
ATOM   511  O OG  . SER A 1 64  ? 7.124   -7.315  -18.364 1.00 13.75 ? 64  SER A OG  1 
ATOM   512  N N   . ASP A 1 65  ? 9.798   -5.323  -17.601 1.00 14.03 ? 65  ASP A N   1 
ATOM   513  C CA  . ASP A 1 65  ? 10.561  -4.471  -18.521 1.00 14.46 ? 65  ASP A CA  1 
ATOM   514  C C   . ASP A 1 65  ? 12.043  -4.483  -18.158 1.00 14.87 ? 65  ASP A C   1 
ATOM   515  O O   . ASP A 1 65  ? 12.447  -3.913  -17.144 1.00 14.74 ? 65  ASP A O   1 
ATOM   516  C CB  . ASP A 1 65  ? 10.002  -3.043  -18.469 1.00 14.57 ? 65  ASP A CB  1 
ATOM   517  C CG  . ASP A 1 65  ? 10.624  -2.111  -19.511 1.00 14.88 ? 65  ASP A CG  1 
ATOM   518  O OD1 . ASP A 1 65  ? 10.086  -0.993  -19.673 1.00 15.98 ? 65  ASP A OD1 1 
ATOM   519  O OD2 . ASP A 1 65  ? 11.617  -2.487  -20.171 1.00 14.20 ? 65  ASP A OD2 1 
ATOM   520  N N   . THR A 1 66  ? 12.847  -5.130  -19.002 1.00 16.00 ? 66  THR A N   1 
ATOM   521  C CA  . THR A 1 66  ? 14.292  -5.263  -18.775 1.00 16.98 ? 66  THR A CA  1 
ATOM   522  C C   . THR A 1 66  ? 15.068  -3.960  -18.994 1.00 17.06 ? 66  THR A C   1 
ATOM   523  O O   . THR A 1 66  ? 16.245  -3.864  -18.617 1.00 17.57 ? 66  THR A O   1 
ATOM   524  C CB  . THR A 1 66  ? 14.913  -6.362  -19.672 1.00 17.23 ? 66  THR A CB  1 
ATOM   525  O OG1 . THR A 1 66  ? 14.670  -6.049  -21.047 1.00 17.98 ? 66  THR A OG1 1 
ATOM   526  C CG2 . THR A 1 66  ? 14.317  -7.730  -19.346 1.00 18.16 ? 66  THR A CG2 1 
ATOM   527  N N   . SER A 1 67  ? 14.419  -2.965  -19.601 1.00 16.87 ? 67  SER A N   1 
ATOM   528  C CA  . SER A 1 67  ? 15.037  -1.655  -19.817 1.00 17.04 ? 67  SER A CA  1 
ATOM   529  C C   . SER A 1 67  ? 14.696  -0.666  -18.715 1.00 17.17 ? 67  SER A C   1 
ATOM   530  O O   . SER A 1 67  ? 15.330  0.384   -18.597 1.00 16.73 ? 67  SER A O   1 
ATOM   531  C CB  . SER A 1 67  ? 14.604  -1.068  -21.162 1.00 17.01 ? 67  SER A CB  1 
ATOM   532  O OG  . SER A 1 67  ? 15.132  -1.821  -22.234 1.00 18.07 ? 67  SER A OG  1 
ATOM   533  N N   . PHE A 1 68  ? 13.685  -1.000  -17.914 1.00 17.64 ? 68  PHE A N   1 
ATOM   534  C CA  . PHE A 1 68  ? 13.204  -0.100  -16.878 1.00 18.30 ? 68  PHE A CA  1 
ATOM   535  C C   . PHE A 1 68  ? 14.343  0.339   -15.973 1.00 18.80 ? 68  PHE A C   1 
ATOM   536  O O   . PHE A 1 68  ? 15.061  -0.486  -15.398 1.00 18.46 ? 68  PHE A O   1 
ATOM   537  C CB  . PHE A 1 68  ? 12.069  -0.738  -16.069 1.00 18.43 ? 68  PHE A CB  1 
ATOM   538  C CG  . PHE A 1 68  ? 11.378  0.218   -15.130 1.00 18.70 ? 68  PHE A CG  1 
ATOM   539  C CD1 . PHE A 1 68  ? 10.270  0.943   -15.550 1.00 20.07 ? 68  PHE A CD1 1 
ATOM   540  C CD2 . PHE A 1 68  ? 11.838  0.390   -13.828 1.00 19.63 ? 68  PHE A CD2 1 
ATOM   541  C CE1 . PHE A 1 68  ? 9.628   1.829   -14.682 1.00 20.38 ? 68  PHE A CE1 1 
ATOM   542  C CE2 . PHE A 1 68  ? 11.207  1.273   -12.954 1.00 19.60 ? 68  PHE A CE2 1 
ATOM   543  C CZ  . PHE A 1 68  ? 10.100  1.990   -13.384 1.00 19.28 ? 68  PHE A CZ  1 
ATOM   544  N N   . ASN A 1 69  ? 14.502  1.654   -15.877 1.00 19.41 ? 69  ASN A N   1 
ATOM   545  C CA  . ASN A 1 69  ? 15.564  2.243   -15.096 1.00 20.55 ? 69  ASN A CA  1 
ATOM   546  C C   . ASN A 1 69  ? 15.170  3.640   -14.648 1.00 20.55 ? 69  ASN A C   1 
ATOM   547  O O   . ASN A 1 69  ? 14.900  4.521   -15.478 1.00 20.85 ? 69  ASN A O   1 
ATOM   548  C CB  . ASN A 1 69  ? 16.858  2.282   -15.911 1.00 20.59 ? 69  ASN A CB  1 
ATOM   549  C CG  . ASN A 1 69  ? 18.085  2.276   -15.038 1.00 22.74 ? 69  ASN A CG  1 
ATOM   550  O OD1 . ASN A 1 69  ? 18.403  3.276   -14.399 1.00 24.08 ? 69  ASN A OD1 1 
ATOM   551  N ND2 . ASN A 1 69  ? 18.784  1.140   -14.997 1.00 24.49 ? 69  ASN A ND2 1 
ATOM   552  N N   . VAL A 1 70  ? 15.118  3.825   -13.331 1.00 20.56 ? 70  VAL A N   1 
ATOM   553  C CA  . VAL A 1 70  ? 14.776  5.109   -12.741 1.00 20.90 ? 70  VAL A CA  1 
ATOM   554  C C   . VAL A 1 70  ? 15.744  5.406   -11.603 1.00 21.33 ? 70  VAL A C   1 
ATOM   555  O O   . VAL A 1 70  ? 16.052  4.531   -10.792 1.00 21.17 ? 70  VAL A O   1 
ATOM   556  C CB  . VAL A 1 70  ? 13.307  5.142   -12.221 1.00 20.74 ? 70  VAL A CB  1 
ATOM   557  C CG1 . VAL A 1 70  ? 12.967  6.504   -11.635 1.00 20.70 ? 70  VAL A CG1 1 
ATOM   558  C CG2 . VAL A 1 70  ? 12.327  4.793   -13.339 1.00 20.23 ? 70  VAL A CG2 1 
ATOM   559  N N   . GLU A 1 71  ? 16.226  6.645   -11.572 1.00 22.03 ? 71  GLU A N   1 
ATOM   560  C CA  . GLU A 1 71  ? 17.075  7.146   -10.499 1.00 23.01 ? 71  GLU A CA  1 
ATOM   561  C C   . GLU A 1 71  ? 16.386  6.959   -9.141  1.00 22.13 ? 71  GLU A C   1 
ATOM   562  O O   . GLU A 1 71  ? 15.246  7.398   -8.950  1.00 22.15 ? 71  GLU A O   1 
ATOM   563  C CB  . GLU A 1 71  ? 17.379  8.629   -10.751 1.00 22.92 ? 71  GLU A CB  1 
ATOM   564  C CG  . GLU A 1 71  ? 18.285  9.297   -9.723  1.00 25.03 ? 71  GLU A CG  1 
ATOM   565  C CD  . GLU A 1 71  ? 18.638  10.731  -10.097 1.00 25.56 ? 71  GLU A CD  1 
ATOM   566  O OE1 . GLU A 1 71  ? 19.811  11.126  -9.903  1.00 29.15 ? 71  GLU A OE1 1 
ATOM   567  O OE2 . GLU A 1 71  ? 17.750  11.464  -10.591 1.00 29.05 ? 71  GLU A OE2 1 
ATOM   568  N N   . GLY A 1 72  ? 17.079  6.286   -8.222  1.00 21.68 ? 72  GLY A N   1 
ATOM   569  C CA  . GLY A 1 72  ? 16.583  6.061   -6.858  1.00 21.04 ? 72  GLY A CA  1 
ATOM   570  C C   . GLY A 1 72  ? 15.587  4.921   -6.713  1.00 20.68 ? 72  GLY A C   1 
ATOM   571  O O   . GLY A 1 72  ? 14.899  4.812   -5.694  1.00 20.80 ? 72  GLY A O   1 
ATOM   572  N N   . VAL A 1 73  ? 15.509  4.071   -7.732  1.00 20.02 ? 73  VAL A N   1 
ATOM   573  C CA  . VAL A 1 73  ? 14.604  2.923   -7.727  1.00 19.17 ? 73  VAL A CA  1 
ATOM   574  C C   . VAL A 1 73  ? 15.393  1.649   -8.009  1.00 18.77 ? 73  VAL A C   1 
ATOM   575  O O   . VAL A 1 73  ? 16.187  1.599   -8.956  1.00 18.39 ? 73  VAL A O   1 
ATOM   576  C CB  . VAL A 1 73  ? 13.483  3.084   -8.790  1.00 19.10 ? 73  VAL A CB  1 
ATOM   577  C CG1 . VAL A 1 73  ? 12.647  1.814   -8.895  1.00 18.88 ? 73  VAL A CG1 1 
ATOM   578  C CG2 . VAL A 1 73  ? 12.595  4.288   -8.478  1.00 19.10 ? 73  VAL A CG2 1 
ATOM   579  N N   . ASP A 1 74  ? 15.183  0.631   -7.180  1.00 18.36 ? 74  ASP A N   1 
ATOM   580  C CA  . ASP A 1 74  ? 15.706  -0.705  -7.442  1.00 18.22 ? 74  ASP A CA  1 
ATOM   581  C C   . ASP A 1 74  ? 14.638  -1.548  -8.142  1.00 18.18 ? 74  ASP A C   1 
ATOM   582  O O   . ASP A 1 74  ? 13.461  -1.535  -7.755  1.00 18.21 ? 74  ASP A O   1 
ATOM   583  C CB  . ASP A 1 74  ? 16.158  -1.386  -6.144  1.00 18.28 ? 74  ASP A CB  1 
ATOM   584  C CG  . ASP A 1 74  ? 17.272  -0.626  -5.433  1.00 19.21 ? 74  ASP A CG  1 
ATOM   585  O OD1 . ASP A 1 74  ? 18.081  0.052   -6.105  1.00 18.26 ? 74  ASP A OD1 1 
ATOM   586  O OD2 . ASP A 1 74  ? 17.341  -0.719  -4.189  1.00 20.42 ? 74  ASP A OD2 1 
ATOM   587  N N   . VAL A 1 75  ? 15.050  -2.275  -9.175  1.00 17.45 ? 75  VAL A N   1 
ATOM   588  C CA  . VAL A 1 75  ? 14.108  -3.027  -9.990  1.00 17.15 ? 75  VAL A CA  1 
ATOM   589  C C   . VAL A 1 75  ? 14.196  -4.516  -9.690  1.00 16.85 ? 75  VAL A C   1 
ATOM   590  O O   . VAL A 1 75  ? 15.289  -5.062  -9.518  1.00 17.17 ? 75  VAL A O   1 
ATOM   591  C CB  . VAL A 1 75  ? 14.332  -2.752  -11.504 1.00 16.99 ? 75  VAL A CB  1 
ATOM   592  C CG1 . VAL A 1 75  ? 13.326  -3.510  -12.354 1.00 17.18 ? 75  VAL A CG1 1 
ATOM   593  C CG2 . VAL A 1 75  ? 14.246  -1.257  -11.785 1.00 17.46 ? 75  VAL A CG2 1 
ATOM   594  N N   . ILE A 1 76  ? 13.039  -5.164  -9.607  1.00 16.36 ? 76  ILE A N   1 
ATOM   595  C CA  . ILE A 1 76  ? 12.961  -6.621  -9.531  1.00 16.16 ? 76  ILE A CA  1 
ATOM   596  C C   . ILE A 1 76  ? 12.039  -7.127  -10.645 1.00 16.51 ? 76  ILE A C   1 
ATOM   597  O O   . ILE A 1 76  ? 11.190  -6.379  -11.133 1.00 16.10 ? 76  ILE A O   1 
ATOM   598  C CB  . ILE A 1 76  ? 12.507  -7.122  -8.136  1.00 16.31 ? 76  ILE A CB  1 
ATOM   599  C CG1 . ILE A 1 76  ? 11.118  -6.570  -7.779  1.00 15.56 ? 76  ILE A CG1 1 
ATOM   600  C CG2 . ILE A 1 76  ? 13.549  -6.761  -7.078  1.00 15.88 ? 76  ILE A CG2 1 
ATOM   601  C CD1 . ILE A 1 76  ? 10.403  -7.336  -6.675  1.00 15.59 ? 76  ILE A CD1 1 
ATOM   602  N N   . HIS A 1 77  ? 12.221  -8.384  -11.051 1.00 16.95 ? 77  HIS A N   1 
ATOM   603  C CA  . HIS A 1 77  ? 11.493  -8.934  -12.203 1.00 17.50 ? 77  HIS A CA  1 
ATOM   604  C C   . HIS A 1 77  ? 10.626  -10.153 -11.877 1.00 17.81 ? 77  HIS A C   1 
ATOM   605  O O   . HIS A 1 77  ? 9.942   -10.697 -12.752 1.00 17.31 ? 77  HIS A O   1 
ATOM   606  C CB  . HIS A 1 77  ? 12.462  -9.240  -13.356 1.00 17.73 ? 77  HIS A CB  1 
ATOM   607  C CG  . HIS A 1 77  ? 13.223  -8.041  -13.836 1.00 18.29 ? 77  HIS A CG  1 
ATOM   608  N ND1 . HIS A 1 77  ? 12.616  -6.988  -14.488 1.00 18.78 ? 77  HIS A ND1 1 
ATOM   609  C CD2 . HIS A 1 77  ? 14.538  -7.727  -13.756 1.00 19.72 ? 77  HIS A CD2 1 
ATOM   610  C CE1 . HIS A 1 77  ? 13.524  -6.077  -14.789 1.00 19.97 ? 77  HIS A CE1 1 
ATOM   611  N NE2 . HIS A 1 77  ? 14.699  -6.499  -14.355 1.00 19.19 ? 77  HIS A NE2 1 
ATOM   612  N N   . SER A 1 78  ? 10.640  -10.557 -10.608 1.00 18.74 ? 78  SER A N   1 
ATOM   613  C CA  . SER A 1 78  ? 9.866   -11.705 -10.141 1.00 19.78 ? 78  SER A CA  1 
ATOM   614  C C   . SER A 1 78  ? 9.332   -11.481 -8.728  1.00 20.02 ? 78  SER A C   1 
ATOM   615  O O   . SER A 1 78  ? 9.957   -10.786 -7.932  1.00 20.13 ? 78  SER A O   1 
ATOM   616  C CB  . SER A 1 78  ? 10.745  -12.957 -10.156 1.00 19.70 ? 78  SER A CB  1 
ATOM   617  O OG  . SER A 1 78  ? 10.004  -14.102 -9.793  1.00 21.88 ? 78  SER A OG  1 
ATOM   618  N N   . ILE A 1 79  ? 8.180   -12.081 -8.424  1.00 20.75 ? 79  ILE A N   1 
ATOM   619  C CA  . ILE A 1 79  ? 7.640   -12.094 -7.058  1.00 21.52 ? 79  ILE A CA  1 
ATOM   620  C C   . ILE A 1 79  ? 8.645   -12.712 -6.095  1.00 21.60 ? 79  ILE A C   1 
ATOM   621  O O   . ILE A 1 79  ? 8.829   -12.220 -4.986  1.00 21.48 ? 79  ILE A O   1 
ATOM   622  C CB  . ILE A 1 79  ? 6.300   -12.862 -6.965  1.00 21.68 ? 79  ILE A CB  1 
ATOM   623  C CG1 . ILE A 1 79  ? 5.171   -12.037 -7.564  1.00 22.71 ? 79  ILE A CG1 1 
ATOM   624  C CG2 . ILE A 1 79  ? 5.949   -13.206 -5.504  1.00 22.40 ? 79  ILE A CG2 1 
ATOM   625  C CD1 . ILE A 1 79  ? 3.921   -12.832 -7.761  1.00 25.14 ? 79  ILE A CD1 1 
ATOM   626  N N   . GLU A 1 80  ? 9.309   -13.780 -6.539  1.00 22.14 ? 80  GLU A N   1 
ATOM   627  C CA  . GLU A 1 80  ? 10.291  -14.487 -5.716  1.00 22.65 ? 80  GLU A CA  1 
ATOM   628  C C   . GLU A 1 80  ? 11.406  -13.566 -5.223  1.00 22.29 ? 80  GLU A C   1 
ATOM   629  O O   . GLU A 1 80  ? 11.959  -13.784 -4.145  1.00 22.48 ? 80  GLU A O   1 
ATOM   630  C CB  . GLU A 1 80  ? 10.865  -15.699 -6.464  1.00 23.10 ? 80  GLU A CB  1 
ATOM   631  C CG  . GLU A 1 80  ? 9.823   -16.752 -6.850  1.00 25.67 ? 80  GLU A CG  1 
ATOM   632  C CD  . GLU A 1 80  ? 8.934   -17.177 -5.682  1.00 29.63 ? 80  GLU A CD  1 
ATOM   633  O OE1 . GLU A 1 80  ? 7.692   -17.144 -5.842  1.00 31.15 ? 80  GLU A OE1 1 
ATOM   634  O OE2 . GLU A 1 80  ? 9.473   -17.533 -4.606  1.00 31.82 ? 80  GLU A OE2 1 
ATOM   635  N N   . ASP A 1 81  ? 11.716  -12.530 -6.007  1.00 22.06 ? 81  ASP A N   1 
ATOM   636  C CA  . ASP A 1 81  ? 12.721  -11.535 -5.629  1.00 21.63 ? 81  ASP A CA  1 
ATOM   637  C C   . ASP A 1 81  ? 12.361  -10.780 -4.349  1.00 21.24 ? 81  ASP A C   1 
ATOM   638  O O   . ASP A 1 81  ? 13.248  -10.321 -3.635  1.00 20.96 ? 81  ASP A O   1 
ATOM   639  C CB  . ASP A 1 81  ? 12.941  -10.523 -6.757  1.00 21.94 ? 81  ASP A CB  1 
ATOM   640  C CG  . ASP A 1 81  ? 13.580  -11.136 -7.989  1.00 22.64 ? 81  ASP A CG  1 
ATOM   641  O OD1 . ASP A 1 81  ? 14.330  -12.122 -7.853  1.00 22.91 ? 81  ASP A OD1 1 
ATOM   642  O OD2 . ASP A 1 81  ? 13.338  -10.613 -9.100  1.00 24.36 ? 81  ASP A OD2 1 
ATOM   643  N N   . ILE A 1 82  ? 11.063  -10.643 -4.075  1.00 20.81 ? 82  ILE A N   1 
ATOM   644  C CA  . ILE A 1 82  ? 10.588  -9.898  -2.895  1.00 20.66 ? 82  ILE A CA  1 
ATOM   645  C C   . ILE A 1 82  ? 11.119  -10.509 -1.596  1.00 21.04 ? 82  ILE A C   1 
ATOM   646  O O   . ILE A 1 82  ? 11.556  -9.788  -0.690  1.00 20.92 ? 82  ILE A O   1 
ATOM   647  C CB  . ILE A 1 82  ? 9.031   -9.809  -2.858  1.00 20.31 ? 82  ILE A CB  1 
ATOM   648  C CG1 . ILE A 1 82  ? 8.525   -8.921  -3.999  1.00 20.18 ? 82  ILE A CG1 1 
ATOM   649  C CG2 . ILE A 1 82  ? 8.533   -9.287  -1.504  1.00 20.05 ? 82  ILE A CG2 1 
ATOM   650  C CD1 . ILE A 1 82  ? 7.028   -8.966  -4.228  1.00 19.92 ? 82  ILE A CD1 1 
ATOM   651  N N   . TYR A 1 83  ? 11.103  -11.840 -1.533  1.00 21.84 ? 83  TYR A N   1 
ATOM   652  C CA  . TYR A 1 83  ? 11.506  -12.581 -0.332  1.00 22.76 ? 83  TYR A CA  1 
ATOM   653  C C   . TYR A 1 83  ? 13.000  -12.476 -0.012  1.00 23.17 ? 83  TYR A C   1 
ATOM   654  O O   . TYR A 1 83  ? 13.427  -12.846 1.088   1.00 23.55 ? 83  TYR A O   1 
ATOM   655  C CB  . TYR A 1 83  ? 11.075  -14.050 -0.434  1.00 22.89 ? 83  TYR A CB  1 
ATOM   656  C CG  . TYR A 1 83  ? 9.622   -14.231 -0.812  1.00 23.46 ? 83  TYR A CG  1 
ATOM   657  C CD1 . TYR A 1 83  ? 8.600   -13.825 0.052   1.00 24.05 ? 83  TYR A CD1 1 
ATOM   658  C CD2 . TYR A 1 83  ? 9.264   -14.803 -2.030  1.00 23.73 ? 83  TYR A CD2 1 
ATOM   659  C CE1 . TYR A 1 83  ? 7.265   -13.984 -0.287  1.00 24.22 ? 83  TYR A CE1 1 
ATOM   660  C CE2 . TYR A 1 83  ? 7.926   -14.968 -2.378  1.00 24.10 ? 83  TYR A CE2 1 
ATOM   661  C CZ  . TYR A 1 83  ? 6.933   -14.553 -1.502  1.00 24.17 ? 83  TYR A CZ  1 
ATOM   662  O OH  . TYR A 1 83  ? 5.607   -14.709 -1.835  1.00 24.17 ? 83  TYR A OH  1 
ATOM   663  N N   . GLN A 1 84  ? 13.779  -11.959 -0.964  1.00 23.25 ? 84  GLN A N   1 
ATOM   664  C CA  . GLN A 1 84  ? 15.223  -11.777 -0.788  1.00 23.36 ? 84  GLN A CA  1 
ATOM   665  C C   . GLN A 1 84  ? 15.567  -10.374 -0.304  1.00 22.83 ? 84  GLN A C   1 
ATOM   666  O O   . GLN A 1 84  ? 16.729  -10.071 -0.030  1.00 23.09 ? 84  GLN A O   1 
ATOM   667  C CB  . GLN A 1 84  ? 15.973  -12.081 -2.091  1.00 23.75 ? 84  GLN A CB  1 
ATOM   668  C CG  . GLN A 1 84  ? 15.632  -13.425 -2.715  1.00 25.58 ? 84  GLN A CG  1 
ATOM   669  C CD  . GLN A 1 84  ? 16.057  -14.593 -1.850  1.00 28.08 ? 84  GLN A CD  1 
ATOM   670  O OE1 . GLN A 1 84  ? 17.248  -14.801 -1.607  1.00 29.61 ? 84  GLN A OE1 1 
ATOM   671  N NE2 . GLN A 1 84  ? 15.084  -15.367 -1.380  1.00 29.12 ? 84  GLN A NE2 1 
ATOM   672  N N   . LEU A 1 85  ? 14.554  -9.516  -0.203  1.00 21.80 ? 85  LEU A N   1 
ATOM   673  C CA  . LEU A 1 85  ? 14.753  -8.150  0.260   1.00 20.83 ? 85  LEU A CA  1 
ATOM   674  C C   . LEU A 1 85  ? 14.880  -8.136  1.784   1.00 20.52 ? 85  LEU A C   1 
ATOM   675  O O   . LEU A 1 85  ? 14.024  -8.681  2.481   1.00 21.03 ? 85  LEU A O   1 
ATOM   676  C CB  . LEU A 1 85  ? 13.598  -7.245  -0.199  1.00 20.64 ? 85  LEU A CB  1 
ATOM   677  C CG  . LEU A 1 85  ? 13.381  -7.114  -1.710  1.00 19.50 ? 85  LEU A CG  1 
ATOM   678  C CD1 . LEU A 1 85  ? 12.010  -6.517  -1.988  1.00 18.93 ? 85  LEU A CD1 1 
ATOM   679  C CD2 . LEU A 1 85  ? 14.471  -6.276  -2.350  1.00 19.02 ? 85  LEU A CD2 1 
ATOM   680  N N   . PRO A 1 86  ? 15.970  -7.543  2.303   1.00 20.25 ? 86  PRO A N   1 
ATOM   681  C CA  . PRO A 1 86  ? 16.170  -7.490  3.752   1.00 19.60 ? 86  PRO A CA  1 
ATOM   682  C C   . PRO A 1 86  ? 15.313  -6.446  4.463   1.00 18.98 ? 86  PRO A C   1 
ATOM   683  O O   . PRO A 1 86  ? 14.963  -5.417  3.878   1.00 18.99 ? 86  PRO A O   1 
ATOM   684  C CB  . PRO A 1 86  ? 17.648  -7.117  3.886   1.00 19.74 ? 86  PRO A CB  1 
ATOM   685  C CG  . PRO A 1 86  ? 17.955  -6.351  2.655   1.00 20.26 ? 86  PRO A CG  1 
ATOM   686  C CD  . PRO A 1 86  ? 17.092  -6.935  1.566   1.00 20.06 ? 86  PRO A CD  1 
ATOM   687  N N   . GLY A 1 87  ? 15.004  -6.714  5.728   1.00 17.92 ? 87  GLY A N   1 
ATOM   688  C CA  . GLY A 1 87  ? 14.378  -5.721  6.598   1.00 16.77 ? 87  GLY A CA  1 
ATOM   689  C C   . GLY A 1 87  ? 12.871  -5.795  6.532   1.00 16.07 ? 87  GLY A C   1 
ATOM   690  O O   . GLY A 1 87  ? 12.318  -6.821  6.136   1.00 16.35 ? 87  GLY A O   1 
ATOM   691  N N   . HIS A 1 88  ? 12.214  -4.709  6.932   1.00 15.31 ? 88  HIS A N   1 
ATOM   692  C CA  . HIS A 1 88  ? 10.758  -4.637  6.884   1.00 14.34 ? 88  HIS A CA  1 
ATOM   693  C C   . HIS A 1 88  ? 10.352  -4.204  5.481   1.00 13.72 ? 88  HIS A C   1 
ATOM   694  O O   . HIS A 1 88  ? 10.718  -3.122  5.026   1.00 13.69 ? 88  HIS A O   1 
ATOM   695  C CB  . HIS A 1 88  ? 10.225  -3.649  7.921   1.00 14.37 ? 88  HIS A CB  1 
ATOM   696  C CG  . HIS A 1 88  ? 8.770   -3.835  8.240   1.00 14.29 ? 88  HIS A CG  1 
ATOM   697  N ND1 . HIS A 1 88  ? 8.174   -3.253  9.337   1.00 14.49 ? 88  HIS A ND1 1 
ATOM   698  C CD2 . HIS A 1 88  ? 7.805   -4.557  7.625   1.00 14.53 ? 88  HIS A CD2 1 
ATOM   699  C CE1 . HIS A 1 88  ? 6.897   -3.593  9.373   1.00 15.55 ? 88  HIS A CE1 1 
ATOM   700  N NE2 . HIS A 1 88  ? 6.647   -4.387  8.348   1.00 13.68 ? 88  HIS A NE2 1 
ATOM   701  N N   . VAL A 1 89  ? 9.594   -5.058  4.805   1.00 13.17 ? 89  VAL A N   1 
ATOM   702  C CA  . VAL A 1 89  ? 9.197   -4.805  3.425   1.00 12.30 ? 89  VAL A CA  1 
ATOM   703  C C   . VAL A 1 89  ? 7.688   -4.590  3.401   1.00 11.66 ? 89  VAL A C   1 
ATOM   704  O O   . VAL A 1 89  ? 6.938   -5.426  3.904   1.00 11.43 ? 89  VAL A O   1 
ATOM   705  C CB  . VAL A 1 89  ? 9.591   -5.980  2.519   1.00 12.54 ? 89  VAL A CB  1 
ATOM   706  C CG1 . VAL A 1 89  ? 9.036   -5.797  1.107   1.00 13.25 ? 89  VAL A CG1 1 
ATOM   707  C CG2 . VAL A 1 89  ? 11.116  -6.126  2.484   1.00 13.54 ? 89  VAL A CG2 1 
ATOM   708  N N   . PHE A 1 90  ? 7.268   -3.465  2.824   1.00 10.73 ? 90  PHE A N   1 
ATOM   709  C CA  . PHE A 1 90  ? 5.846   -3.141  2.669   1.00 9.92  ? 90  PHE A CA  1 
ATOM   710  C C   . PHE A 1 90  ? 5.425   -3.264  1.208   1.00 9.38  ? 90  PHE A C   1 
ATOM   711  O O   . PHE A 1 90  ? 5.953   -2.542  0.354   1.00 8.92  ? 90  PHE A O   1 
ATOM   712  C CB  . PHE A 1 90  ? 5.570   -1.711  3.128   1.00 9.81  ? 90  PHE A CB  1 
ATOM   713  C CG  . PHE A 1 90  ? 5.797   -1.479  4.599   1.00 10.41 ? 90  PHE A CG  1 
ATOM   714  C CD1 . PHE A 1 90  ? 4.768   -1.669  5.511   1.00 9.58  ? 90  PHE A CD1 1 
ATOM   715  C CD2 . PHE A 1 90  ? 7.034   -1.027  5.065   1.00 11.40 ? 90  PHE A CD2 1 
ATOM   716  C CE1 . PHE A 1 90  ? 4.967   -1.449  6.873   1.00 9.39  ? 90  PHE A CE1 1 
ATOM   717  C CE2 . PHE A 1 90  ? 7.240   -0.792  6.421   1.00 11.05 ? 90  PHE A CE2 1 
ATOM   718  C CZ  . PHE A 1 90  ? 6.207   -1.001  7.328   1.00 10.80 ? 90  PHE A CZ  1 
ATOM   719  N N   . ILE A 1 91  ? 4.485   -4.171  0.938   1.00 8.70  ? 91  ILE A N   1 
ATOM   720  C CA  . ILE A 1 91  ? 3.821   -4.261  -0.375  1.00 8.43  ? 91  ILE A CA  1 
ATOM   721  C C   . ILE A 1 91  ? 2.876   -3.062  -0.464  1.00 8.37  ? 91  ILE A C   1 
ATOM   722  O O   . ILE A 1 91  ? 1.965   -2.939  0.355   1.00 8.55  ? 91  ILE A O   1 
ATOM   723  C CB  . ILE A 1 91  ? 3.033   -5.583  -0.525  1.00 8.50  ? 91  ILE A CB  1 
ATOM   724  C CG1 . ILE A 1 91  ? 3.938   -6.817  -0.309  1.00 8.48  ? 91  ILE A CG1 1 
ATOM   725  C CG2 . ILE A 1 91  ? 2.270   -5.624  -1.880  1.00 8.28  ? 91  ILE A CG2 1 
ATOM   726  C CD1 . ILE A 1 91  ? 5.224   -6.863  -1.199  1.00 9.21  ? 91  ILE A CD1 1 
ATOM   727  N N   . PHE A 1 92  ? 3.107   -2.190  -1.454  1.00 8.27  ? 92  PHE A N   1 
ATOM   728  C CA  . PHE A 1 92  ? 2.582   -0.812  -1.476  1.00 8.17  ? 92  PHE A CA  1 
ATOM   729  C C   . PHE A 1 92  ? 1.469   -0.595  -2.514  1.00 7.94  ? 92  PHE A C   1 
ATOM   730  O O   . PHE A 1 92  ? 0.712   0.380   -2.434  1.00 7.86  ? 92  PHE A O   1 
ATOM   731  C CB  . PHE A 1 92  ? 3.750   0.152   -1.745  1.00 8.62  ? 92  PHE A CB  1 
ATOM   732  C CG  . PHE A 1 92  ? 3.490   1.593   -1.373  1.00 9.15  ? 92  PHE A CG  1 
ATOM   733  C CD1 . PHE A 1 92  ? 3.730   2.608   -2.296  1.00 9.88  ? 92  PHE A CD1 1 
ATOM   734  C CD2 . PHE A 1 92  ? 3.079   1.951   -0.085  1.00 9.53  ? 92  PHE A CD2 1 
ATOM   735  C CE1 . PHE A 1 92  ? 3.527   3.954   -1.958  1.00 10.72 ? 92  PHE A CE1 1 
ATOM   736  C CE2 . PHE A 1 92  ? 2.869   3.291   0.256   1.00 10.99 ? 92  PHE A CE2 1 
ATOM   737  C CZ  . PHE A 1 92  ? 3.086   4.291   -0.677  1.00 10.42 ? 92  PHE A CZ  1 
ATOM   738  N N   . GLY A 1 93  ? 1.382   -1.500  -3.483  1.00 7.79  ? 93  GLY A N   1 
ATOM   739  C CA  . GLY A 1 93  ? 0.366   -1.416  -4.546  1.00 7.76  ? 93  GLY A CA  1 
ATOM   740  C C   . GLY A 1 93  ? 0.875   -2.033  -5.833  1.00 7.88  ? 93  GLY A C   1 
ATOM   741  O O   . GLY A 1 93  ? 2.070   -2.339  -5.930  1.00 7.59  ? 93  GLY A O   1 
ATOM   742  N N   . GLY A 1 94  ? 0.007   -2.233  -6.833  1.00 7.71  ? 94  GLY A N   1 
ATOM   743  C CA  . GLY A 1 94  ? -1.411  -1.832  -6.821  1.00 8.00  ? 94  GLY A CA  1 
ATOM   744  C C   . GLY A 1 94  ? -2.292  -3.054  -6.701  1.00 7.69  ? 94  GLY A C   1 
ATOM   745  O O   . GLY A 1 94  ? -1.966  -3.973  -5.947  1.00 8.14  ? 94  GLY A O   1 
ATOM   746  N N   . GLN A 1 95  ? -3.411  -3.079  -7.428  1.00 7.83  ? 95  GLN A N   1 
ATOM   747  C CA  . GLN A 1 95  ? -4.339  -4.207  -7.345  1.00 8.14  ? 95  GLN A CA  1 
ATOM   748  C C   . GLN A 1 95  ? -3.628  -5.512  -7.676  1.00 8.10  ? 95  GLN A C   1 
ATOM   749  O O   . GLN A 1 95  ? -3.747  -6.501  -6.948  1.00 8.45  ? 95  GLN A O   1 
ATOM   750  C CB  . GLN A 1 95  ? -5.558  -4.015  -8.266  1.00 7.57  ? 95  GLN A CB  1 
ATOM   751  C CG  . GLN A 1 95  ? -6.431  -5.284  -8.380  1.00 7.64  ? 95  GLN A CG  1 
ATOM   752  C CD  . GLN A 1 95  ? -7.759  -5.098  -9.110  1.00 8.83  ? 95  GLN A CD  1 
ATOM   753  O OE1 . GLN A 1 95  ? -8.414  -6.086  -9.480  1.00 13.62 ? 95  GLN A OE1 1 
ATOM   754  N NE2 . GLN A 1 95  ? -8.172  -3.864  -9.313  1.00 5.91  ? 95  GLN A NE2 1 
ATOM   755  N N   . THR A 1 96  ? -2.878  -5.515  -8.772  1.00 8.47  ? 96  THR A N   1 
ATOM   756  C CA  . THR A 1 96  ? -2.229  -6.735  -9.239  1.00 8.79  ? 96  THR A CA  1 
ATOM   757  C C   . THR A 1 96  ? -1.278  -7.290  -8.180  1.00 9.04  ? 96  THR A C   1 
ATOM   758  O O   . THR A 1 96  ? -1.351  -8.467  -7.839  1.00 8.92  ? 96  THR A O   1 
ATOM   759  C CB  . THR A 1 96  ? -1.520  -6.510  -10.589 1.00 8.95  ? 96  THR A CB  1 
ATOM   760  O OG1 . THR A 1 96  ? -2.501  -6.133  -11.568 1.00 8.61  ? 96  THR A OG1 1 
ATOM   761  C CG2 . THR A 1 96  ? -0.825  -7.783  -11.056 1.00 10.19 ? 96  THR A CG2 1 
ATOM   762  N N   . LEU A 1 97  ? -0.414  -6.433  -7.643  1.00 9.02  ? 97  LEU A N   1 
ATOM   763  C CA  . LEU A 1 97  ? 0.541   -6.880  -6.635  1.00 9.56  ? 97  LEU A CA  1 
ATOM   764  C C   . LEU A 1 97  ? -0.152  -7.343  -5.350  1.00 9.15  ? 97  LEU A C   1 
ATOM   765  O O   . LEU A 1 97  ? 0.215   -8.381  -4.788  1.00 9.53  ? 97  LEU A O   1 
ATOM   766  C CB  . LEU A 1 97  ? 1.595   -5.808  -6.353  1.00 10.07 ? 97  LEU A CB  1 
ATOM   767  C CG  . LEU A 1 97  ? 2.818   -6.302  -5.569  1.00 10.92 ? 97  LEU A CG  1 
ATOM   768  C CD1 . LEU A 1 97  ? 3.445   -7.540  -6.211  1.00 10.68 ? 97  LEU A CD1 1 
ATOM   769  C CD2 . LEU A 1 97  ? 3.832   -5.185  -5.449  1.00 11.93 ? 97  LEU A CD2 1 
ATOM   770  N N   . PHE A 1 98  ? -1.172  -6.605  -4.909  1.00 8.64  ? 98  PHE A N   1 
ATOM   771  C CA  . PHE A 1 98  ? -1.955  -7.025  -3.741  1.00 8.21  ? 98  PHE A CA  1 
ATOM   772  C C   . PHE A 1 98  ? -2.580  -8.412  -3.946  1.00 8.92  ? 98  PHE A C   1 
ATOM   773  O O   . PHE A 1 98  ? -2.537  -9.247  -3.040  1.00 9.38  ? 98  PHE A O   1 
ATOM   774  C CB  . PHE A 1 98  ? -3.028  -5.986  -3.361  1.00 7.98  ? 98  PHE A CB  1 
ATOM   775  C CG  . PHE A 1 98  ? -2.479  -4.702  -2.773  1.00 7.41  ? 98  PHE A CG  1 
ATOM   776  C CD1 . PHE A 1 98  ? -1.432  -4.719  -1.844  1.00 6.48  ? 98  PHE A CD1 1 
ATOM   777  C CD2 . PHE A 1 98  ? -3.048  -3.476  -3.107  1.00 6.43  ? 98  PHE A CD2 1 
ATOM   778  C CE1 . PHE A 1 98  ? -0.941  -3.531  -1.295  1.00 7.10  ? 98  PHE A CE1 1 
ATOM   779  C CE2 . PHE A 1 98  ? -2.559  -2.286  -2.575  1.00 6.97  ? 98  PHE A CE2 1 
ATOM   780  C CZ  . PHE A 1 98  ? -1.505  -2.315  -1.650  1.00 6.14  ? 98  PHE A CZ  1 
ATOM   781  N N   . GLU A 1 99  ? -3.141  -8.660  -5.132  1.00 9.36  ? 99  GLU A N   1 
ATOM   782  C CA  . GLU A 1 99  ? -3.732  -9.963  -5.449  1.00 9.64  ? 99  GLU A CA  1 
ATOM   783  C C   . GLU A 1 99  ? -2.696  -11.078 -5.367  1.00 10.30 ? 99  GLU A C   1 
ATOM   784  O O   . GLU A 1 99  ? -2.990  -12.165 -4.879  1.00 10.64 ? 99  GLU A O   1 
ATOM   785  C CB  . GLU A 1 99  ? -4.393  -9.943  -6.827  1.00 9.57  ? 99  GLU A CB  1 
ATOM   786  C CG  . GLU A 1 99  ? -5.671  -9.119  -6.850  1.00 9.37  ? 99  GLU A CG  1 
ATOM   787  C CD  . GLU A 1 99  ? -6.266  -8.957  -8.230  1.00 12.05 ? 99  GLU A CD  1 
ATOM   788  O OE1 . GLU A 1 99  ? -7.419  -8.508  -8.310  1.00 11.36 ? 99  GLU A OE1 1 
ATOM   789  O OE2 . GLU A 1 99  ? -5.585  -9.266  -9.235  1.00 13.37 ? 99  GLU A OE2 1 
ATOM   790  N N   . GLU A 1 100 ? -1.478  -10.787 -5.817  1.00 11.10 ? 100 GLU A N   1 
ATOM   791  C CA  . GLU A 1 100 ? -0.392  -11.764 -5.788  1.00 12.20 ? 100 GLU A CA  1 
ATOM   792  C C   . GLU A 1 100 ? 0.179   -11.996 -4.385  1.00 12.75 ? 100 GLU A C   1 
ATOM   793  O O   . GLU A 1 100 ? 0.760   -13.052 -4.128  1.00 13.30 ? 100 GLU A O   1 
ATOM   794  C CB  . GLU A 1 100 ? 0.729   -11.341 -6.736  1.00 12.13 ? 100 GLU A CB  1 
ATOM   795  C CG  . GLU A 1 100 ? 0.312   -11.285 -8.201  1.00 12.58 ? 100 GLU A CG  1 
ATOM   796  C CD  . GLU A 1 100 ? 1.431   -10.783 -9.094  1.00 13.31 ? 100 GLU A CD  1 
ATOM   797  O OE1 . GLU A 1 100 ? 1.673   -9.560  -9.128  1.00 13.61 ? 100 GLU A OE1 1 
ATOM   798  O OE2 . GLU A 1 100 ? 2.074   -11.621 -9.759  1.00 15.35 ? 100 GLU A OE2 1 
ATOM   799  N N   . MET A 1 101 ? 0.011   -11.022 -3.489  1.00 12.86 ? 101 MET A N   1 
ATOM   800  C CA  . MET A 1 101 ? 0.721   -11.031 -2.206  1.00 13.16 ? 101 MET A CA  1 
ATOM   801  C C   . MET A 1 101 ? -0.132  -11.219 -0.949  1.00 13.47 ? 101 MET A C   1 
ATOM   802  O O   . MET A 1 101 ? 0.406   -11.545 0.116   1.00 13.58 ? 101 MET A O   1 
ATOM   803  C CB  . MET A 1 101 ? 1.586   -9.775  -2.060  1.00 13.41 ? 101 MET A CB  1 
ATOM   804  C CG  . MET A 1 101 ? 2.722   -9.665  -3.087  1.00 13.99 ? 101 MET A CG  1 
ATOM   805  S SD  . MET A 1 101 ? 3.821   -11.113 -3.140  1.00 17.42 ? 101 MET A SD  1 
ATOM   806  C CE  . MET A 1 101 ? 4.585   -11.032 -1.529  1.00 16.13 ? 101 MET A CE  1 
ATOM   807  N N   . ILE A 1 102 ? -1.441  -10.998 -1.055  1.00 13.53 ? 102 ILE A N   1 
ATOM   808  C CA  . ILE A 1 102 ? -2.295  -10.992 0.147   1.00 14.08 ? 102 ILE A CA  1 
ATOM   809  C C   . ILE A 1 102 ? -2.234  -12.306 0.936   1.00 14.56 ? 102 ILE A C   1 
ATOM   810  O O   . ILE A 1 102 ? -2.237  -12.287 2.163   1.00 14.51 ? 102 ILE A O   1 
ATOM   811  C CB  . ILE A 1 102 ? -3.756  -10.552 -0.146  1.00 14.03 ? 102 ILE A CB  1 
ATOM   812  C CG1 . ILE A 1 102 ? -4.524  -10.324 1.175   1.00 14.37 ? 102 ILE A CG1 1 
ATOM   813  C CG2 . ILE A 1 102 ? -4.457  -11.538 -1.088  1.00 13.82 ? 102 ILE A CG2 1 
ATOM   814  C CD1 . ILE A 1 102 ? -5.797  -9.510  1.030   1.00 14.00 ? 102 ILE A CD1 1 
ATOM   815  N N   . ASP A 1 103 ? -2.147  -13.432 0.232   1.00 15.09 ? 103 ASP A N   1 
ATOM   816  C CA  . ASP A 1 103 ? -2.011  -14.740 0.892   1.00 16.21 ? 103 ASP A CA  1 
ATOM   817  C C   . ASP A 1 103 ? -0.606  -15.035 1.438   1.00 16.22 ? 103 ASP A C   1 
ATOM   818  O O   . ASP A 1 103 ? -0.398  -16.067 2.082   1.00 16.69 ? 103 ASP A O   1 
ATOM   819  C CB  . ASP A 1 103 ? -2.455  -15.860 -0.050  1.00 16.41 ? 103 ASP A CB  1 
ATOM   820  C CG  . ASP A 1 103 ? -3.948  -15.835 -0.327  1.00 18.45 ? 103 ASP A CG  1 
ATOM   821  O OD1 . ASP A 1 103 ? -4.363  -16.386 -1.366  1.00 21.66 ? 103 ASP A OD1 1 
ATOM   822  O OD2 . ASP A 1 103 ? -4.712  -15.275 0.488   1.00 19.84 ? 103 ASP A OD2 1 
ATOM   823  N N   . LYS A 1 104 ? 0.343   -14.134 1.195   1.00 16.42 ? 104 LYS A N   1 
ATOM   824  C CA  . LYS A 1 104 ? 1.745   -14.351 1.567   1.00 16.49 ? 104 LYS A CA  1 
ATOM   825  C C   . LYS A 1 104 ? 2.237   -13.489 2.733   1.00 16.07 ? 104 LYS A C   1 
ATOM   826  O O   . LYS A 1 104 ? 3.215   -13.842 3.402   1.00 15.96 ? 104 LYS A O   1 
ATOM   827  C CB  . LYS A 1 104 ? 2.668   -14.136 0.355   1.00 16.96 ? 104 LYS A CB  1 
ATOM   828  C CG  . LYS A 1 104 ? 2.283   -14.903 -0.904  1.00 18.72 ? 104 LYS A CG  1 
ATOM   829  C CD  . LYS A 1 104 ? 2.381   -16.407 -0.720  1.00 21.70 ? 104 LYS A CD  1 
ATOM   830  C CE  . LYS A 1 104 ? 1.972   -17.139 -1.996  1.00 24.71 ? 104 LYS A CE  1 
ATOM   831  N NZ  . LYS A 1 104 ? 1.617   -18.561 -1.719  1.00 26.82 ? 104 LYS A NZ  1 
ATOM   832  N N   . VAL A 1 105 ? 1.581   -12.356 2.975   1.00 15.60 ? 105 VAL A N   1 
ATOM   833  C CA  . VAL A 1 105 ? 2.093   -11.398 3.958   1.00 14.76 ? 105 VAL A CA  1 
ATOM   834  C C   . VAL A 1 105 ? 1.793   -11.783 5.418   1.00 14.79 ? 105 VAL A C   1 
ATOM   835  O O   . VAL A 1 105 ? 0.801   -12.468 5.709   1.00 14.73 ? 105 VAL A O   1 
ATOM   836  C CB  . VAL A 1 105 ? 1.628   -9.941  3.658   1.00 14.92 ? 105 VAL A CB  1 
ATOM   837  C CG1 . VAL A 1 105 ? 2.080   -9.508  2.246   1.00 14.19 ? 105 VAL A CG1 1 
ATOM   838  C CG2 . VAL A 1 105 ? 0.118   -9.801  3.825   1.00 14.04 ? 105 VAL A CG2 1 
ATOM   839  N N   . ASP A 1 106 ? 2.665   -11.330 6.317   1.00 14.58 ? 106 ASP A N   1 
ATOM   840  C CA  . ASP A 1 106 ? 2.527   -11.564 7.755   1.00 14.45 ? 106 ASP A CA  1 
ATOM   841  C C   . ASP A 1 106 ? 1.368   -10.754 8.335   1.00 13.42 ? 106 ASP A C   1 
ATOM   842  O O   . ASP A 1 106 ? 0.609   -11.235 9.188   1.00 13.18 ? 106 ASP A O   1 
ATOM   843  C CB  . ASP A 1 106 ? 3.818   -11.162 8.479   1.00 15.14 ? 106 ASP A CB  1 
ATOM   844  C CG  . ASP A 1 106 ? 5.038   -11.936 7.994   1.00 17.14 ? 106 ASP A CG  1 
ATOM   845  O OD1 . ASP A 1 106 ? 4.936   -13.162 7.800   1.00 19.29 ? 106 ASP A OD1 1 
ATOM   846  O OD2 . ASP A 1 106 ? 6.103   -11.315 7.814   1.00 20.07 ? 106 ASP A OD2 1 
ATOM   847  N N   . ASP A 1 107 ? 1.248   -9.515  7.869   1.00 12.20 ? 107 ASP A N   1 
ATOM   848  C CA  . ASP A 1 107 ? 0.274   -8.580  8.411   1.00 10.87 ? 107 ASP A CA  1 
ATOM   849  C C   . ASP A 1 107 ? -0.070  -7.489  7.403   1.00 9.99  ? 107 ASP A C   1 
ATOM   850  O O   . ASP A 1 107 ? 0.550   -7.383  6.339   1.00 8.67  ? 107 ASP A O   1 
ATOM   851  C CB  . ASP A 1 107 ? 0.757   -7.972  9.745   1.00 11.48 ? 107 ASP A CB  1 
ATOM   852  C CG  . ASP A 1 107 ? 2.042   -7.164  9.614   1.00 12.83 ? 107 ASP A CG  1 
ATOM   853  O OD1 . ASP A 1 107 ? 2.728   -7.254  8.571   1.00 14.30 ? 107 ASP A OD1 1 
ATOM   854  O OD2 . ASP A 1 107 ? 2.374   -6.437  10.575  1.00 14.73 ? 107 ASP A OD2 1 
ATOM   855  N N   . MET A 1 108 ? -1.073  -6.692  7.745   1.00 8.98  ? 108 MET A N   1 
ATOM   856  C CA  . MET A 1 108 ? -1.540  -5.622  6.866   1.00 8.53  ? 108 MET A CA  1 
ATOM   857  C C   . MET A 1 108 ? -1.808  -4.369  7.677   1.00 8.47  ? 108 MET A C   1 
ATOM   858  O O   . MET A 1 108 ? -2.414  -4.441  8.758   1.00 8.96  ? 108 MET A O   1 
ATOM   859  C CB  . MET A 1 108 ? -2.828  -6.035  6.151   1.00 8.42  ? 108 MET A CB  1 
ATOM   860  C CG  . MET A 1 108 ? -2.770  -7.399  5.482   1.00 8.40  ? 108 MET A CG  1 
ATOM   861  S SD  . MET A 1 108 ? -4.057  -7.627  4.246   1.00 9.48  ? 108 MET A SD  1 
ATOM   862  C CE  . MET A 1 108 ? -5.523  -7.874  5.245   1.00 9.04  ? 108 MET A CE  1 
ATOM   863  N N   . TYR A 1 109 ? -1.340  -3.235  7.153   1.00 7.52  ? 109 TYR A N   1 
ATOM   864  C CA  . TYR A 1 109 ? -1.661  -1.919  7.679   1.00 7.27  ? 109 TYR A CA  1 
ATOM   865  C C   . TYR A 1 109 ? -2.634  -1.281  6.712   1.00 6.97  ? 109 TYR A C   1 
ATOM   866  O O   . TYR A 1 109 ? -2.251  -0.841  5.623   1.00 6.63  ? 109 TYR A O   1 
ATOM   867  C CB  . TYR A 1 109 ? -0.411  -1.061  7.783   1.00 7.71  ? 109 TYR A CB  1 
ATOM   868  C CG  . TYR A 1 109 ? 0.556   -1.552  8.826   1.00 8.34  ? 109 TYR A CG  1 
ATOM   869  C CD1 . TYR A 1 109 ? 1.552   -2.471  8.498   1.00 8.58  ? 109 TYR A CD1 1 
ATOM   870  C CD2 . TYR A 1 109 ? 0.469   -1.100  10.138  1.00 9.31  ? 109 TYR A CD2 1 
ATOM   871  C CE1 . TYR A 1 109 ? 2.439   -2.938  9.465   1.00 9.62  ? 109 TYR A CE1 1 
ATOM   872  C CE2 . TYR A 1 109 ? 1.349   -1.548  11.108  1.00 9.69  ? 109 TYR A CE2 1 
ATOM   873  C CZ  . TYR A 1 109 ? 2.333   -2.460  10.764  1.00 9.28  ? 109 TYR A CZ  1 
ATOM   874  O OH  . TYR A 1 109 ? 3.211   -2.907  11.728  1.00 10.40 ? 109 TYR A OH  1 
ATOM   875  N N   . ILE A 1 110 ? -3.896  -1.248  7.115   1.00 6.56  ? 110 ILE A N   1 
ATOM   876  C CA  . ILE A 1 110 ? -4.955  -0.790  6.227   1.00 7.00  ? 110 ILE A CA  1 
ATOM   877  C C   . ILE A 1 110 ? -5.573  0.493   6.772   1.00 6.86  ? 110 ILE A C   1 
ATOM   878  O O   . ILE A 1 110 ? -5.943  0.555   7.939   1.00 7.41  ? 110 ILE A O   1 
ATOM   879  C CB  . ILE A 1 110 ? -6.049  -1.860  6.082   1.00 6.49  ? 110 ILE A CB  1 
ATOM   880  C CG1 . ILE A 1 110 ? -5.432  -3.166  5.543   1.00 7.03  ? 110 ILE A CG1 1 
ATOM   881  C CG2 . ILE A 1 110 ? -7.202  -1.331  5.204   1.00 7.37  ? 110 ILE A CG2 1 
ATOM   882  C CD1 . ILE A 1 110 ? -6.416  -4.298  5.344   1.00 8.64  ? 110 ILE A CD1 1 
ATOM   883  N N   . THR A 1 111 ? -5.676  1.506   5.921   1.00 6.24  ? 111 THR A N   1 
ATOM   884  C CA  . THR A 1 111 ? -6.461  2.691   6.239   1.00 6.28  ? 111 THR A CA  1 
ATOM   885  C C   . THR A 1 111 ? -7.816  2.512   5.562   1.00 6.80  ? 111 THR A C   1 
ATOM   886  O O   . THR A 1 111 ? -7.907  2.512   4.334   1.00 6.49  ? 111 THR A O   1 
ATOM   887  C CB  . THR A 1 111 ? -5.773  3.987   5.759   1.00 6.65  ? 111 THR A CB  1 
ATOM   888  O OG1 . THR A 1 111 ? -4.458  4.072   6.328   1.00 6.80  ? 111 THR A OG1 1 
ATOM   889  C CG2 . THR A 1 111 ? -6.594  5.228   6.171   1.00 6.90  ? 111 THR A CG2 1 
ATOM   890  N N   . VAL A 1 112 ? -8.854  2.303   6.364   1.00 6.71  ? 112 VAL A N   1 
ATOM   891  C CA  . VAL A 1 112 ? -10.205 2.196   5.827   1.00 7.22  ? 112 VAL A CA  1 
ATOM   892  C C   . VAL A 1 112 ? -10.793 3.597   5.701   1.00 8.08  ? 112 VAL A C   1 
ATOM   893  O O   . VAL A 1 112 ? -10.955 4.311   6.697   1.00 8.33  ? 112 VAL A O   1 
ATOM   894  C CB  . VAL A 1 112 ? -11.108 1.276   6.680   1.00 7.22  ? 112 VAL A CB  1 
ATOM   895  C CG1 . VAL A 1 112 ? -12.472 1.126   6.021   1.00 8.00  ? 112 VAL A CG1 1 
ATOM   896  C CG2 . VAL A 1 112 ? -10.459 -0.094  6.858   1.00 7.81  ? 112 VAL A CG2 1 
ATOM   897  N N   . ILE A 1 113 ? -11.081 3.988   4.461   1.00 8.75  ? 113 ILE A N   1 
ATOM   898  C CA  . ILE A 1 113 ? -11.657 5.297   4.155   1.00 9.65  ? 113 ILE A CA  1 
ATOM   899  C C   . ILE A 1 113 ? -13.172 5.107   4.170   1.00 9.59  ? 113 ILE A C   1 
ATOM   900  O O   . ILE A 1 113 ? -13.717 4.351   3.365   1.00 9.43  ? 113 ILE A O   1 
ATOM   901  C CB  . ILE A 1 113 ? -11.192 5.823   2.755   1.00 10.05 ? 113 ILE A CB  1 
ATOM   902  C CG1 . ILE A 1 113 ? -9.650  5.810   2.591   1.00 11.83 ? 113 ILE A CG1 1 
ATOM   903  C CG2 . ILE A 1 113 ? -11.825 7.190   2.432   1.00 9.91  ? 113 ILE A CG2 1 
ATOM   904  C CD1 . ILE A 1 113 ? -8.892  6.771   3.434   1.00 14.81 ? 113 ILE A CD1 1 
ATOM   905  N N   . GLU A 1 114 ? -13.851 5.784   5.090   1.00 9.81  ? 114 GLU A N   1 
ATOM   906  C CA  . GLU A 1 114 ? -15.257 5.490   5.352   1.00 10.02 ? 114 GLU A CA  1 
ATOM   907  C C   . GLU A 1 114 ? -16.159 6.243   4.353   1.00 9.64  ? 114 GLU A C   1 
ATOM   908  O O   . GLU A 1 114 ? -17.032 7.031   4.722   1.00 9.49  ? 114 GLU A O   1 
ATOM   909  C CB  . GLU A 1 114 ? -15.618 5.770   6.827   1.00 11.13 ? 114 GLU A CB  1 
ATOM   910  C CG  . GLU A 1 114 ? -14.559 5.303   7.863   1.00 14.53 ? 114 GLU A CG  1 
ATOM   911  C CD  . GLU A 1 114 ? -14.578 3.805   8.214   1.00 19.61 ? 114 GLU A CD  1 
ATOM   912  O OE1 . GLU A 1 114 ? -15.503 3.071   7.796   1.00 20.10 ? 114 GLU A OE1 1 
ATOM   913  O OE2 . GLU A 1 114 ? -13.642 3.357   8.933   1.00 20.78 ? 114 GLU A OE2 1 
ATOM   914  N N   . GLY A 1 115 ? -15.922 5.993   3.068   1.00 8.76  ? 115 GLY A N   1 
ATOM   915  C CA  . GLY A 1 115 ? -16.724 6.595   2.012   1.00 8.47  ? 115 GLY A CA  1 
ATOM   916  C C   . GLY A 1 115 ? -16.842 5.641   0.838   1.00 8.61  ? 115 GLY A C   1 
ATOM   917  O O   . GLY A 1 115 ? -16.200 4.587   0.827   1.00 7.77  ? 115 GLY A O   1 
ATOM   918  N N   . LYS A 1 116 ? -17.680 5.999   -0.133  1.00 8.46  ? 116 LYS A N   1 
ATOM   919  C CA  . LYS A 1 116 ? -17.827 5.196   -1.353  1.00 9.29  ? 116 LYS A CA  1 
ATOM   920  C C   . LYS A 1 116 ? -17.450 6.049   -2.559  1.00 8.83  ? 116 LYS A C   1 
ATOM   921  O O   . LYS A 1 116 ? -18.157 6.990   -2.910  1.00 9.08  ? 116 LYS A O   1 
ATOM   922  C CB  . LYS A 1 116 ? -19.247 4.620   -1.487  1.00 9.10  ? 116 LYS A CB  1 
ATOM   923  C CG  . LYS A 1 116 ? -19.592 3.589   -0.409  1.00 10.86 ? 116 LYS A CG  1 
ATOM   924  C CD  . LYS A 1 116 ? -21.008 3.042   -0.552  1.00 11.88 ? 116 LYS A CD  1 
ATOM   925  C CE  . LYS A 1 116 ? -21.249 1.905   0.441   1.00 17.00 ? 116 LYS A CE  1 
ATOM   926  N NZ  . LYS A 1 116 ? -22.608 1.304   0.270   1.00 20.13 ? 116 LYS A NZ  1 
ATOM   927  N N   . PHE A 1 117 ? -16.315 5.723   -3.169  1.00 8.20  ? 117 PHE A N   1 
ATOM   928  C CA  . PHE A 1 117 ? -15.759 6.511   -4.269  1.00 8.75  ? 117 PHE A CA  1 
ATOM   929  C C   . PHE A 1 117 ? -15.907 5.736   -5.569  1.00 8.99  ? 117 PHE A C   1 
ATOM   930  O O   . PHE A 1 117 ? -16.017 4.512   -5.554  1.00 9.74  ? 117 PHE A O   1 
ATOM   931  C CB  . PHE A 1 117 ? -14.270 6.804   -4.009  1.00 8.76  ? 117 PHE A CB  1 
ATOM   932  C CG  . PHE A 1 117 ? -14.027 7.786   -2.888  1.00 8.37  ? 117 PHE A CG  1 
ATOM   933  C CD1 . PHE A 1 117 ? -13.707 9.116   -3.168  1.00 9.20  ? 117 PHE A CD1 1 
ATOM   934  C CD2 . PHE A 1 117 ? -14.102 7.383   -1.556  1.00 9.16  ? 117 PHE A CD2 1 
ATOM   935  C CE1 . PHE A 1 117 ? -13.475 10.031  -2.135  1.00 8.83  ? 117 PHE A CE1 1 
ATOM   936  C CE2 . PHE A 1 117 ? -13.877 8.300   -0.516  1.00 8.95  ? 117 PHE A CE2 1 
ATOM   937  C CZ  . PHE A 1 117 ? -13.573 9.625   -0.809  1.00 8.95  ? 117 PHE A CZ  1 
ATOM   938  N N   . ARG A 1 118 ? -15.926 6.448   -6.691  1.00 9.49  ? 118 ARG A N   1 
ATOM   939  C CA  . ARG A 1 118 ? -15.821 5.796   -7.995  1.00 9.76  ? 118 ARG A CA  1 
ATOM   940  C C   . ARG A 1 118 ? -14.401 5.269   -8.146  1.00 8.98  ? 118 ARG A C   1 
ATOM   941  O O   . ARG A 1 118 ? -13.443 6.020   -7.947  1.00 8.95  ? 118 ARG A O   1 
ATOM   942  C CB  . ARG A 1 118 ? -16.105 6.787   -9.125  1.00 10.07 ? 118 ARG A CB  1 
ATOM   943  C CG  . ARG A 1 118 ? -15.785 6.200   -10.511 1.00 13.85 ? 118 ARG A CG  1 
ATOM   944  C CD  . ARG A 1 118 ? -16.369 6.990   -11.665 1.00 18.72 ? 118 ARG A CD  1 
ATOM   945  N NE  . ARG A 1 118 ? -17.811 7.153   -11.523 1.00 21.32 ? 118 ARG A NE  1 
ATOM   946  C CZ  . ARG A 1 118 ? -18.405 8.305   -11.231 1.00 24.69 ? 118 ARG A CZ  1 
ATOM   947  N NH1 . ARG A 1 118 ? -17.690 9.413   -11.072 1.00 25.75 ? 118 ARG A NH1 1 
ATOM   948  N NH2 . ARG A 1 118 ? -19.719 8.349   -11.099 1.00 25.72 ? 118 ARG A NH2 1 
ATOM   949  N N   . GLY A 1 119 ? -14.262 3.999   -8.503  1.00 8.25  ? 119 GLY A N   1 
ATOM   950  C CA  . GLY A 1 119 ? -12.940 3.426   -8.696  1.00 7.88  ? 119 GLY A CA  1 
ATOM   951  C C   . GLY A 1 119 ? -12.777 2.492   -9.874  1.00 7.66  ? 119 GLY A C   1 
ATOM   952  O O   . GLY A 1 119 ? -13.758 1.996   -10.442 1.00 7.95  ? 119 GLY A O   1 
ATOM   953  N N   . ASP A 1 120 ? -11.527 2.255   -10.248 1.00 6.76  ? 120 ASP A N   1 
ATOM   954  C CA  . ASP A 1 120 ? -11.227 1.273   -11.280 1.00 7.06  ? 120 ASP A CA  1 
ATOM   955  C C   . ASP A 1 120 ? -10.167 0.277   -10.825 1.00 7.00  ? 120 ASP A C   1 
ATOM   956  O O   . ASP A 1 120 ? -9.750  -0.594  -11.584 1.00 7.07  ? 120 ASP A O   1 
ATOM   957  C CB  . ASP A 1 120 ? -10.842 1.967   -12.601 1.00 7.11  ? 120 ASP A CB  1 
ATOM   958  C CG  . ASP A 1 120 ? -9.636  2.891   -12.466 1.00 8.43  ? 120 ASP A CG  1 
ATOM   959  O OD1 . ASP A 1 120 ? -9.533  3.814   -13.302 1.00 9.37  ? 120 ASP A OD1 1 
ATOM   960  O OD2 . ASP A 1 120 ? -8.806  2.700   -11.546 1.00 8.18  ? 120 ASP A OD2 1 
ATOM   961  N N   . THR A 1 121 ? -9.752  0.402   -9.563  1.00 6.59  ? 121 THR A N   1 
ATOM   962  C CA  . THR A 1 121 ? -8.688  -0.409  -9.009  1.00 6.69  ? 121 THR A CA  1 
ATOM   963  C C   . THR A 1 121 ? -9.087  -0.780  -7.584  1.00 6.01  ? 121 THR A C   1 
ATOM   964  O O   . THR A 1 121 ? -9.481  0.097   -6.812  1.00 6.07  ? 121 THR A O   1 
ATOM   965  C CB  . THR A 1 121 ? -7.380  0.401   -8.981  1.00 6.17  ? 121 THR A CB  1 
ATOM   966  O OG1 . THR A 1 121 ? -7.151  0.975   -10.275 1.00 9.63  ? 121 THR A OG1 1 
ATOM   967  C CG2 . THR A 1 121 ? -6.203  -0.477  -8.613  1.00 8.43  ? 121 THR A CG2 1 
ATOM   968  N N   . PHE A 1 122 ? -8.963  -2.065  -7.244  1.00 5.93  ? 122 PHE A N   1 
ATOM   969  C CA  . PHE A 1 122 ? -9.532  -2.612  -6.002  1.00 6.13  ? 122 PHE A CA  1 
ATOM   970  C C   . PHE A 1 122 ? -8.564  -3.463  -5.186  1.00 6.47  ? 122 PHE A C   1 
ATOM   971  O O   . PHE A 1 122 ? -7.789  -4.233  -5.741  1.00 6.81  ? 122 PHE A O   1 
ATOM   972  C CB  . PHE A 1 122 ? -10.766 -3.474  -6.324  1.00 6.46  ? 122 PHE A CB  1 
ATOM   973  C CG  . PHE A 1 122 ? -11.983 -2.686  -6.683  1.00 6.07  ? 122 PHE A CG  1 
ATOM   974  C CD1 . PHE A 1 122 ? -12.989 -2.488  -5.742  1.00 7.33  ? 122 PHE A CD1 1 
ATOM   975  C CD2 . PHE A 1 122 ? -12.137 -2.144  -7.964  1.00 7.52  ? 122 PHE A CD2 1 
ATOM   976  C CE1 . PHE A 1 122 ? -14.125 -1.758  -6.054  1.00 7.92  ? 122 PHE A CE1 1 
ATOM   977  C CE2 . PHE A 1 122 ? -13.276 -1.402  -8.282  1.00 7.25  ? 122 PHE A CE2 1 
ATOM   978  C CZ  . PHE A 1 122 ? -14.265 -1.209  -7.326  1.00 7.52  ? 122 PHE A CZ  1 
ATOM   979  N N   . PHE A 1 123 ? -8.633  -3.326  -3.862  1.00 6.76  ? 123 PHE A N   1 
ATOM   980  C CA  . PHE A 1 123 ? -7.948  -4.254  -2.967  1.00 6.56  ? 123 PHE A CA  1 
ATOM   981  C C   . PHE A 1 123 ? -8.746  -5.559  -2.975  1.00 7.30  ? 123 PHE A C   1 
ATOM   982  O O   . PHE A 1 123 ? -9.965  -5.519  -3.047  1.00 7.16  ? 123 PHE A O   1 
ATOM   983  C CB  . PHE A 1 123 ? -7.913  -3.679  -1.548  1.00 6.64  ? 123 PHE A CB  1 
ATOM   984  C CG  . PHE A 1 123 ? -6.962  -4.395  -0.629  1.00 6.87  ? 123 PHE A CG  1 
ATOM   985  C CD1 . PHE A 1 123 ? -5.593  -4.229  -0.772  1.00 6.86  ? 123 PHE A CD1 1 
ATOM   986  C CD2 . PHE A 1 123 ? -7.438  -5.222  0.386   1.00 7.74  ? 123 PHE A CD2 1 
ATOM   987  C CE1 . PHE A 1 123 ? -4.698  -4.899  0.073   1.00 7.23  ? 123 PHE A CE1 1 
ATOM   988  C CE2 . PHE A 1 123 ? -6.555  -5.900  1.233   1.00 8.06  ? 123 PHE A CE2 1 
ATOM   989  C CZ  . PHE A 1 123 ? -5.181  -5.734  1.077   1.00 7.55  ? 123 PHE A CZ  1 
ATOM   990  N N   . PRO A 1 124 ? -8.066  -6.718  -2.924  1.00 8.14  ? 124 PRO A N   1 
ATOM   991  C CA  . PRO A 1 124 ? -8.811  -7.984  -2.942  1.00 8.85  ? 124 PRO A CA  1 
ATOM   992  C C   . PRO A 1 124 ? -9.691  -8.185  -1.708  1.00 9.38  ? 124 PRO A C   1 
ATOM   993  O O   . PRO A 1 124 ? -9.351  -7.693  -0.629  1.00 8.81  ? 124 PRO A O   1 
ATOM   994  C CB  . PRO A 1 124 ? -7.717  -9.059  -2.987  1.00 9.51  ? 124 PRO A CB  1 
ATOM   995  C CG  . PRO A 1 124 ? -6.433  -8.384  -2.719  1.00 9.08  ? 124 PRO A CG  1 
ATOM   996  C CD  . PRO A 1 124 ? -6.603  -6.909  -2.892  1.00 8.31  ? 124 PRO A CD  1 
ATOM   997  N N   . PRO A 1 125 ? -10.819 -8.906  -1.861  1.00 10.10 ? 125 PRO A N   1 
ATOM   998  C CA  . PRO A 1 125 ? -11.627 -9.248  -0.686  1.00 10.68 ? 125 PRO A CA  1 
ATOM   999  C C   . PRO A 1 125 ? -10.814 -9.996  0.366   1.00 11.07 ? 125 PRO A C   1 
ATOM   1000 O O   . PRO A 1 125 ? -9.899  -10.754 0.029   1.00 11.19 ? 125 PRO A O   1 
ATOM   1001 C CB  . PRO A 1 125 ? -12.717 -10.164 -1.254  1.00 11.03 ? 125 PRO A CB  1 
ATOM   1002 C CG  . PRO A 1 125 ? -12.805 -9.798  -2.714  1.00 10.84 ? 125 PRO A CG  1 
ATOM   1003 C CD  . PRO A 1 125 ? -11.406 -9.428  -3.112  1.00 10.42 ? 125 PRO A CD  1 
ATOM   1004 N N   . TYR A 1 126 ? -11.141 -9.753  1.632   1.00 11.42 ? 126 TYR A N   1 
ATOM   1005 C CA  . TYR A 1 126 ? -10.537 -10.473 2.753   1.00 12.61 ? 126 TYR A CA  1 
ATOM   1006 C C   . TYR A 1 126 ? -11.563 -10.574 3.882   1.00 13.97 ? 126 TYR A C   1 
ATOM   1007 O O   . TYR A 1 126 ? -12.489 -9.765  3.960   1.00 14.14 ? 126 TYR A O   1 
ATOM   1008 C CB  . TYR A 1 126 ? -9.245  -9.776  3.218   1.00 11.68 ? 126 TYR A CB  1 
ATOM   1009 C CG  . TYR A 1 126 ? -9.426  -8.352  3.702   1.00 11.07 ? 126 TYR A CG  1 
ATOM   1010 C CD1 . TYR A 1 126 ? -9.556  -8.071  5.069   1.00 10.06 ? 126 TYR A CD1 1 
ATOM   1011 C CD2 . TYR A 1 126 ? -9.461  -7.279  2.801   1.00 9.90  ? 126 TYR A CD2 1 
ATOM   1012 C CE1 . TYR A 1 126 ? -9.722  -6.764  5.520   1.00 10.09 ? 126 TYR A CE1 1 
ATOM   1013 C CE2 . TYR A 1 126 ? -9.632  -5.969  3.245   1.00 9.47  ? 126 TYR A CE2 1 
ATOM   1014 C CZ  . TYR A 1 126 ? -9.757  -5.719  4.605   1.00 9.72  ? 126 TYR A CZ  1 
ATOM   1015 O OH  . TYR A 1 126 ? -9.918  -4.427  5.046   1.00 9.44  ? 126 TYR A OH  1 
ATOM   1016 N N   . THR A 1 127 ? -11.399 -11.571 4.745   1.00 16.12 ? 127 THR A N   1 
ATOM   1017 C CA  . THR A 1 127 ? -12.335 -11.794 5.847   1.00 18.29 ? 127 THR A CA  1 
ATOM   1018 C C   . THR A 1 127 ? -11.642 -11.660 7.206   1.00 19.21 ? 127 THR A C   1 
ATOM   1019 O O   . THR A 1 127 ? -10.510 -12.101 7.371   1.00 19.33 ? 127 THR A O   1 
ATOM   1020 C CB  . THR A 1 127 ? -13.042 -13.175 5.712   1.00 18.46 ? 127 THR A CB  1 
ATOM   1021 O OG1 . THR A 1 127 ? -13.905 -13.393 6.833   1.00 20.28 ? 127 THR A OG1 1 
ATOM   1022 C CG2 . THR A 1 127 ? -12.030 -14.320 5.616   1.00 18.88 ? 127 THR A CG2 1 
ATOM   1023 N N   . PHE A 1 128 ? -12.321 -11.041 8.171   1.00 20.96 ? 128 PHE A N   1 
ATOM   1024 C CA  . PHE A 1 128 ? -11.775 -10.913 9.530   1.00 22.37 ? 128 PHE A CA  1 
ATOM   1025 C C   . PHE A 1 128 ? -11.659 -12.249 10.268  1.00 23.42 ? 128 PHE A C   1 
ATOM   1026 O O   . PHE A 1 128 ? -11.042 -12.325 11.333  1.00 24.03 ? 128 PHE A O   1 
ATOM   1027 C CB  . PHE A 1 128 ? -12.574 -9.902  10.349  1.00 22.77 ? 128 PHE A CB  1 
ATOM   1028 C CG  . PHE A 1 128 ? -12.281 -8.477  9.989   1.00 23.38 ? 128 PHE A CG  1 
ATOM   1029 C CD1 . PHE A 1 128 ? -11.142 -7.844  10.479  1.00 23.87 ? 128 PHE A CD1 1 
ATOM   1030 C CD2 . PHE A 1 128 ? -13.128 -7.772  9.142   1.00 24.16 ? 128 PHE A CD2 1 
ATOM   1031 C CE1 . PHE A 1 128 ? -10.859 -6.529  10.140  1.00 24.44 ? 128 PHE A CE1 1 
ATOM   1032 C CE2 . PHE A 1 128 ? -12.852 -6.453  8.798   1.00 24.40 ? 128 PHE A CE2 1 
ATOM   1033 C CZ  . PHE A 1 128 ? -11.716 -5.831  9.298   1.00 24.39 ? 128 PHE A CZ  1 
ATOM   1034 N N   . GLU A 1 129 ? -12.248 -13.295 9.698   1.00 23.99 ? 129 GLU A N   1 
ATOM   1035 C CA  . GLU A 1 129 ? -12.066 -14.658 10.190  1.00 24.97 ? 129 GLU A CA  1 
ATOM   1036 C C   . GLU A 1 129 ? -10.599 -15.092 10.060  1.00 24.21 ? 129 GLU A C   1 
ATOM   1037 O O   . GLU A 1 129 ? -10.132 -15.959 10.801  1.00 24.45 ? 129 GLU A O   1 
ATOM   1038 C CB  . GLU A 1 129 ? -12.981 -15.617 9.420   1.00 24.98 ? 129 GLU A CB  1 
ATOM   1039 C CG  . GLU A 1 129 ? -13.014 -17.051 9.955   1.00 26.88 ? 129 GLU A CG  1 
ATOM   1040 C CD  . GLU A 1 129 ? -13.922 -17.966 9.145   1.00 27.26 ? 129 GLU A CD  1 
ATOM   1041 O OE1 . GLU A 1 129 ? -14.015 -17.782 7.908   1.00 30.59 ? 129 GLU A OE1 1 
ATOM   1042 O OE2 . GLU A 1 129 ? -14.539 -18.875 9.750   1.00 31.29 ? 129 GLU A OE2 1 
ATOM   1043 N N   . ASP A 1 130 ? -9.878  -14.474 9.126   1.00 23.12 ? 130 ASP A N   1 
ATOM   1044 C CA  . ASP A 1 130 ? -8.473  -14.794 8.884   1.00 22.35 ? 130 ASP A CA  1 
ATOM   1045 C C   . ASP A 1 130 ? -7.506  -13.827 9.574   1.00 21.30 ? 130 ASP A C   1 
ATOM   1046 O O   . ASP A 1 130 ? -6.307  -14.104 9.640   1.00 21.44 ? 130 ASP A O   1 
ATOM   1047 C CB  . ASP A 1 130 ? -8.172  -14.789 7.379   1.00 22.63 ? 130 ASP A CB  1 
ATOM   1048 C CG  . ASP A 1 130 ? -8.950  -15.845 6.607   1.00 23.92 ? 130 ASP A CG  1 
ATOM   1049 O OD1 . ASP A 1 130 ? -8.993  -15.738 5.359   1.00 23.00 ? 130 ASP A OD1 1 
ATOM   1050 O OD2 . ASP A 1 130 ? -9.508  -16.779 7.235   1.00 25.49 ? 130 ASP A OD2 1 
ATOM   1051 N N   . TRP A 1 131 ? -8.027  -12.702 10.069  1.00 20.08 ? 131 TRP A N   1 
ATOM   1052 C CA  . TRP A 1 131 ? -7.194  -11.571 10.506  1.00 18.62 ? 131 TRP A CA  1 
ATOM   1053 C C   . TRP A 1 131 ? -7.573  -11.023 11.876  1.00 18.37 ? 131 TRP A C   1 
ATOM   1054 O O   . TRP A 1 131 ? -8.700  -10.560 12.075  1.00 18.73 ? 131 TRP A O   1 
ATOM   1055 C CB  . TRP A 1 131 ? -7.243  -10.437 9.463   1.00 17.76 ? 131 TRP A CB  1 
ATOM   1056 C CG  . TRP A 1 131 ? -6.748  -10.843 8.108   1.00 16.52 ? 131 TRP A CG  1 
ATOM   1057 C CD1 . TRP A 1 131 ? -7.500  -11.302 7.063   1.00 15.38 ? 131 TRP A CD1 1 
ATOM   1058 C CD2 . TRP A 1 131 ? -5.388  -10.845 7.655   1.00 15.30 ? 131 TRP A CD2 1 
ATOM   1059 N NE1 . TRP A 1 131 ? -6.693  -11.593 5.989   1.00 15.86 ? 131 TRP A NE1 1 
ATOM   1060 C CE2 . TRP A 1 131 ? -5.392  -11.318 6.322   1.00 14.89 ? 131 TRP A CE2 1 
ATOM   1061 C CE3 . TRP A 1 131 ? -4.165  -10.490 8.240   1.00 15.15 ? 131 TRP A CE3 1 
ATOM   1062 C CZ2 . TRP A 1 131 ? -4.222  -11.449 5.568   1.00 15.81 ? 131 TRP A CZ2 1 
ATOM   1063 C CZ3 . TRP A 1 131 ? -2.997  -10.623 7.488   1.00 15.25 ? 131 TRP A CZ3 1 
ATOM   1064 C CH2 . TRP A 1 131 ? -3.037  -11.098 6.167   1.00 15.75 ? 131 TRP A CH2 1 
ATOM   1065 N N   . GLU A 1 132 ? -6.619  -11.054 12.807  1.00 17.50 ? 132 GLU A N   1 
ATOM   1066 C CA  . GLU A 1 132 ? -6.794  -10.460 14.135  1.00 17.27 ? 132 GLU A CA  1 
ATOM   1067 C C   . GLU A 1 132 ? -6.576  -8.948  14.089  1.00 15.68 ? 132 GLU A C   1 
ATOM   1068 O O   . GLU A 1 132 ? -5.642  -8.469  13.451  1.00 15.40 ? 132 GLU A O   1 
ATOM   1069 C CB  . GLU A 1 132 ? -5.830  -11.104 15.143  1.00 17.43 ? 132 GLU A CB  1 
ATOM   1070 C CG  . GLU A 1 132 ? -5.861  -10.473 16.546  1.00 19.20 ? 132 GLU A CG  1 
ATOM   1071 C CD  . GLU A 1 132 ? -5.200  -11.330 17.620  1.00 19.69 ? 132 GLU A CD  1 
ATOM   1072 O OE1 . GLU A 1 132 ? -4.392  -12.229 17.285  1.00 23.93 ? 132 GLU A OE1 1 
ATOM   1073 O OE2 . GLU A 1 132 ? -5.491  -11.091 18.811  1.00 24.05 ? 132 GLU A OE2 1 
ATOM   1074 N N   . VAL A 1 133 ? -7.435  -8.196  14.774  1.00 14.04 ? 133 VAL A N   1 
ATOM   1075 C CA  . VAL A 1 133 ? -7.271  -6.747  14.841  1.00 12.91 ? 133 VAL A CA  1 
ATOM   1076 C C   . VAL A 1 133 ? -6.257  -6.396  15.937  1.00 12.38 ? 133 VAL A C   1 
ATOM   1077 O O   . VAL A 1 133 ? -6.598  -6.373  17.128  1.00 12.30 ? 133 VAL A O   1 
ATOM   1078 C CB  . VAL A 1 133 ? -8.615  -6.019  15.085  1.00 12.91 ? 133 VAL A CB  1 
ATOM   1079 C CG1 . VAL A 1 133 ? -8.403  -4.507  15.143  1.00 12.20 ? 133 VAL A CG1 1 
ATOM   1080 C CG2 . VAL A 1 133 ? -9.628  -6.384  13.979  1.00 12.78 ? 133 VAL A CG2 1 
ATOM   1081 N N   . ALA A 1 134 ? -5.012  -6.129  15.542  1.00 11.21 ? 134 ALA A N   1 
ATOM   1082 C CA  . ALA A 1 134 ? -3.984  -5.780  16.518  1.00 11.04 ? 134 ALA A CA  1 
ATOM   1083 C C   . ALA A 1 134 ? -4.232  -4.388  17.104  1.00 11.02 ? 134 ALA A C   1 
ATOM   1084 O O   . ALA A 1 134 ? -4.012  -4.147  18.295  1.00 11.10 ? 134 ALA A O   1 
ATOM   1085 C CB  . ALA A 1 134 ? -2.591  -5.879  15.900  1.00 11.18 ? 134 ALA A CB  1 
ATOM   1086 N N   . SER A 1 135 ? -4.704  -3.479  16.255  1.00 10.29 ? 135 SER A N   1 
ATOM   1087 C CA  . SER A 1 135 ? -5.084  -2.131  16.665  1.00 10.06 ? 135 SER A CA  1 
ATOM   1088 C C   . SER A 1 135 ? -6.053  -1.540  15.653  1.00 10.24 ? 135 SER A C   1 
ATOM   1089 O O   . SER A 1 135 ? -6.039  -1.899  14.474  1.00 9.43  ? 135 SER A O   1 
ATOM   1090 C CB  . SER A 1 135 ? -3.865  -1.217  16.794  1.00 10.39 ? 135 SER A CB  1 
ATOM   1091 O OG  . SER A 1 135 ? -3.165  -1.098  15.570  1.00 10.15 ? 135 SER A OG  1 
ATOM   1092 N N   . SER A 1 136 ? -6.887  -0.629  16.137  1.00 10.58 ? 136 SER A N   1 
ATOM   1093 C CA  . SER A 1 136 ? -7.833  0.094   15.301  1.00 11.05 ? 136 SER A CA  1 
ATOM   1094 C C   . SER A 1 136 ? -7.905  1.497   15.872  1.00 11.30 ? 136 SER A C   1 
ATOM   1095 O O   . SER A 1 136 ? -8.306  1.682   17.033  1.00 11.83 ? 136 SER A O   1 
ATOM   1096 C CB  . SER A 1 136 ? -9.200  -0.593  15.332  1.00 11.21 ? 136 SER A CB  1 
ATOM   1097 O OG  . SER A 1 136 ? -10.156 0.141   14.588  1.00 11.32 ? 136 SER A OG  1 
ATOM   1098 N N   . VAL A 1 137 ? -7.491  2.476   15.070  1.00 11.51 ? 137 VAL A N   1 
ATOM   1099 C CA  . VAL A 1 137 ? -7.386  3.864   15.514  1.00 12.28 ? 137 VAL A CA  1 
ATOM   1100 C C   . VAL A 1 137 ? -8.086  4.787   14.526  1.00 12.78 ? 137 VAL A C   1 
ATOM   1101 O O   . VAL A 1 137 ? -7.745  4.808   13.345  1.00 12.81 ? 137 VAL A O   1 
ATOM   1102 C CB  . VAL A 1 137 ? -5.911  4.311   15.689  1.00 12.16 ? 137 VAL A CB  1 
ATOM   1103 C CG1 . VAL A 1 137 ? -5.831  5.760   16.150  1.00 12.98 ? 137 VAL A CG1 1 
ATOM   1104 C CG2 . VAL A 1 137 ? -5.181  3.402   16.700  1.00 12.22 ? 137 VAL A CG2 1 
ATOM   1105 N N   . GLU A 1 138 ? -9.074  5.529   15.021  1.00 13.61 ? 138 GLU A N   1 
ATOM   1106 C CA  . GLU A 1 138 ? -9.774  6.525   14.212  1.00 14.70 ? 138 GLU A CA  1 
ATOM   1107 C C   . GLU A 1 138 ? -8.883  7.704   13.881  1.00 14.86 ? 138 GLU A C   1 
ATOM   1108 O O   . GLU A 1 138 ? -8.206  8.257   14.753  1.00 14.70 ? 138 GLU A O   1 
ATOM   1109 C CB  . GLU A 1 138 ? -11.001 7.049   14.939  1.00 14.89 ? 138 GLU A CB  1 
ATOM   1110 C CG  . GLU A 1 138 ? -12.163 6.098   15.032  1.00 18.09 ? 138 GLU A CG  1 
ATOM   1111 C CD  . GLU A 1 138 ? -13.359 6.761   15.686  1.00 21.98 ? 138 GLU A CD  1 
ATOM   1112 O OE1 . GLU A 1 138 ? -13.466 8.008   15.619  1.00 25.38 ? 138 GLU A OE1 1 
ATOM   1113 O OE2 . GLU A 1 138 ? -14.191 6.045   16.270  1.00 25.09 ? 138 GLU A OE2 1 
ATOM   1114 N N   . GLY A 1 139 ? -8.894  8.101   12.615  1.00 15.25 ? 139 GLY A N   1 
ATOM   1115 C CA  . GLY A 1 139 ? -8.208  9.306   12.189  1.00 16.63 ? 139 GLY A CA  1 
ATOM   1116 C C   . GLY A 1 139 ? -9.007  10.520  12.626  1.00 17.96 ? 139 GLY A C   1 
ATOM   1117 O O   . GLY A 1 139 ? -10.229 10.449  12.780  1.00 16.86 ? 139 GLY A O   1 
ATOM   1118 N N   . LYS A 1 140 ? -8.314  11.633  12.832  1.00 19.78 ? 140 LYS A N   1 
ATOM   1119 C CA  . LYS A 1 140 ? -8.965  12.860  13.271  1.00 22.06 ? 140 LYS A CA  1 
ATOM   1120 C C   . LYS A 1 140 ? -9.485  13.650  12.069  1.00 23.00 ? 140 LYS A C   1 
ATOM   1121 O O   . LYS A 1 140 ? -8.781  13.808  11.063  1.00 23.26 ? 140 LYS A O   1 
ATOM   1122 C CB  . LYS A 1 140 ? -8.012  13.693  14.144  1.00 22.57 ? 140 LYS A CB  1 
ATOM   1123 C CG  . LYS A 1 140 ? -7.513  12.966  15.414  1.00 24.54 ? 140 LYS A CG  1 
ATOM   1124 C CD  . LYS A 1 140 ? -8.611  12.851  16.476  1.00 27.75 ? 140 LYS A CD  1 
ATOM   1125 C CE  . LYS A 1 140 ? -8.279  11.807  17.543  1.00 29.80 ? 140 LYS A CE  1 
ATOM   1126 N NZ  . LYS A 1 140 ? -7.358  12.289  18.623  1.00 30.56 ? 140 LYS A NZ  1 
ATOM   1127 N N   . LEU A 1 141 ? -10.740 14.091  12.156  1.00 24.40 ? 141 LEU A N   1 
ATOM   1128 C CA  . LEU A 1 141 ? -11.342 14.934  11.121  1.00 25.82 ? 141 LEU A CA  1 
ATOM   1129 C C   . LEU A 1 141 ? -10.848 16.364  11.306  1.00 27.02 ? 141 LEU A C   1 
ATOM   1130 O O   . LEU A 1 141 ? -10.676 16.834  12.438  1.00 27.37 ? 141 LEU A O   1 
ATOM   1131 C CB  . LEU A 1 141 ? -12.871 14.869  11.152  1.00 25.83 ? 141 LEU A CB  1 
ATOM   1132 C CG  . LEU A 1 141 ? -13.621 13.674  10.557  1.00 25.60 ? 141 LEU A CG  1 
ATOM   1133 C CD1 . LEU A 1 141 ? -15.127 13.897  10.713  1.00 26.11 ? 141 LEU A CD1 1 
ATOM   1134 C CD2 . LEU A 1 141 ? -13.280 13.460  9.098   1.00 26.25 ? 141 LEU A CD2 1 
ATOM   1135 N N   . ASP A 1 142 ? -10.641 17.053  10.189  1.00 28.15 ? 142 ASP A N   1 
ATOM   1136 C CA  . ASP A 1 142 ? -9.712  18.171  10.140  1.00 29.14 ? 142 ASP A CA  1 
ATOM   1137 C C   . ASP A 1 142 ? -10.129 19.181  9.086   1.00 29.56 ? 142 ASP A C   1 
ATOM   1138 O O   . ASP A 1 142 ? -11.036 18.920  8.293   1.00 29.81 ? 142 ASP A O   1 
ATOM   1139 C CB  . ASP A 1 142 ? -8.344  17.613  9.747   1.00 29.61 ? 142 ASP A CB  1 
ATOM   1140 C CG  . ASP A 1 142 ? -7.203  18.384  10.336  1.00 29.88 ? 142 ASP A CG  1 
ATOM   1141 O OD1 . ASP A 1 142 ? -7.149  18.521  11.574  1.00 32.69 ? 142 ASP A OD1 1 
ATOM   1142 O OD2 . ASP A 1 142 ? -6.341  18.829  9.558   1.00 32.49 ? 142 ASP A OD2 1 
ATOM   1143 N N   . GLU A 1 143 ? -9.452  20.331  9.066   1.00 30.06 ? 143 GLU A N   1 
ATOM   1144 C CA  . GLU A 1 143 ? -9.601  21.279  7.964   1.00 30.22 ? 143 GLU A CA  1 
ATOM   1145 C C   . GLU A 1 143 ? -9.197  20.595  6.656   1.00 29.80 ? 143 GLU A C   1 
ATOM   1146 O O   . GLU A 1 143 ? -9.913  20.671  5.654   1.00 29.92 ? 143 GLU A O   1 
ATOM   1147 C CB  . GLU A 1 143 ? -8.743  22.535  8.176   1.00 30.81 ? 143 GLU A CB  1 
ATOM   1148 C CG  . GLU A 1 143 ? -8.908  23.224  9.529   1.00 32.48 ? 143 GLU A CG  1 
ATOM   1149 C CD  . GLU A 1 143 ? -7.957  22.680  10.586  1.00 34.50 ? 143 GLU A CD  1 
ATOM   1150 O OE1 . GLU A 1 143 ? -6.733  22.624  10.324  1.00 35.94 ? 143 GLU A OE1 1 
ATOM   1151 O OE2 . GLU A 1 143 ? -8.434  22.315  11.683  1.00 35.46 ? 143 GLU A OE2 1 
ATOM   1152 N N   . LYS A 1 144 ? -8.056  19.910  6.687   1.00 28.96 ? 144 LYS A N   1 
ATOM   1153 C CA  . LYS A 1 144 ? -7.487  19.296  5.490   1.00 28.08 ? 144 LYS A CA  1 
ATOM   1154 C C   . LYS A 1 144 ? -7.693  17.778  5.410   1.00 26.83 ? 144 LYS A C   1 
ATOM   1155 O O   . LYS A 1 144 ? -7.238  17.141  4.464   1.00 26.63 ? 144 LYS A O   1 
ATOM   1156 C CB  . LYS A 1 144 ? -6.005  19.657  5.367   1.00 28.61 ? 144 LYS A CB  1 
ATOM   1157 C CG  . LYS A 1 144 ? -5.755  21.153  5.180   1.00 30.03 ? 144 LYS A CG  1 
ATOM   1158 C CD  . LYS A 1 144 ? -4.420  21.423  4.495   1.00 32.18 ? 144 LYS A CD  1 
ATOM   1159 C CE  . LYS A 1 144 ? -4.122  22.919  4.424   1.00 32.95 ? 144 LYS A CE  1 
ATOM   1160 N NZ  . LYS A 1 144 ? -4.018  23.530  5.780   1.00 33.62 ? 144 LYS A NZ  1 
ATOM   1161 N N   . ASN A 1 145 ? -8.383  17.213  6.400   1.00 25.34 ? 145 ASN A N   1 
ATOM   1162 C CA  . ASN A 1 145 ? -8.732  15.789  6.413   1.00 23.92 ? 145 ASN A CA  1 
ATOM   1163 C C   . ASN A 1 145 ? -10.197 15.628  6.757   1.00 23.24 ? 145 ASN A C   1 
ATOM   1164 O O   . ASN A 1 145 ? -10.566 15.584  7.935   1.00 23.70 ? 145 ASN A O   1 
ATOM   1165 C CB  . ASN A 1 145 ? -7.883  15.021  7.425   1.00 23.64 ? 145 ASN A CB  1 
ATOM   1166 C CG  . ASN A 1 145 ? -6.410  15.130  7.142   1.00 22.74 ? 145 ASN A CG  1 
ATOM   1167 O OD1 . ASN A 1 145 ? -5.834  14.275  6.473   1.00 20.85 ? 145 ASN A OD1 1 
ATOM   1168 N ND2 . ASN A 1 145 ? -5.791  16.191  7.640   1.00 21.94 ? 145 ASN A ND2 1 
ATOM   1169 N N   . THR A 1 146 ? -11.023 15.544  5.722   1.00 22.11 ? 146 THR A N   1 
ATOM   1170 C CA  . THR A 1 146 ? -12.461 15.734  5.867   1.00 20.91 ? 146 THR A CA  1 
ATOM   1171 C C   . THR A 1 146 ? -13.268 14.456  5.611   1.00 19.60 ? 146 THR A C   1 
ATOM   1172 O O   . THR A 1 146 ? -14.505 14.473  5.598   1.00 19.29 ? 146 THR A O   1 
ATOM   1173 C CB  . THR A 1 146 ? -12.956 16.903  4.961   1.00 21.27 ? 146 THR A CB  1 
ATOM   1174 O OG1 . THR A 1 146 ? -12.397 16.768  3.652   1.00 21.85 ? 146 THR A OG1 1 
ATOM   1175 C CG2 . THR A 1 146 ? -12.535 18.248  5.540   1.00 22.31 ? 146 THR A CG2 1 
ATOM   1176 N N   . ILE A 1 147 ? -12.555 13.345  5.424   1.00 18.01 ? 147 ILE A N   1 
ATOM   1177 C CA  . ILE A 1 147 ? -13.173 12.046  5.199   1.00 16.21 ? 147 ILE A CA  1 
ATOM   1178 C C   . ILE A 1 147 ? -12.868 11.153  6.402   1.00 13.80 ? 147 ILE A C   1 
ATOM   1179 O O   . ILE A 1 147 ? -11.704 11.043  6.779   1.00 13.52 ? 147 ILE A O   1 
ATOM   1180 C CB  . ILE A 1 147 ? -12.586 11.355  3.947   1.00 17.00 ? 147 ILE A CB  1 
ATOM   1181 C CG1 . ILE A 1 147 ? -12.219 12.394  2.868   1.00 18.15 ? 147 ILE A CG1 1 
ATOM   1182 C CG2 . ILE A 1 147 ? -13.562 10.299  3.443   1.00 17.68 ? 147 ILE A CG2 1 
ATOM   1183 C CD1 . ILE A 1 147 ? -11.111 11.959  1.920   1.00 19.47 ? 147 ILE A CD1 1 
ATOM   1184 N N   . PRO A 1 148 ? -13.893 10.517  7.009   1.00 12.10 ? 148 PRO A N   1 
ATOM   1185 C CA  . PRO A 1 148 ? -13.553 9.662   8.148   1.00 10.77 ? 148 PRO A CA  1 
ATOM   1186 C C   . PRO A 1 148 ? -12.708 8.483   7.690   1.00 9.90  ? 148 PRO A C   1 
ATOM   1187 O O   . PRO A 1 148 ? -12.895 7.971   6.580   1.00 8.76  ? 148 PRO A O   1 
ATOM   1188 C CB  . PRO A 1 148 ? -14.914 9.188   8.669   1.00 10.97 ? 148 PRO A CB  1 
ATOM   1189 C CG  . PRO A 1 148 ? -15.909 10.102  8.052   1.00 12.06 ? 148 PRO A CG  1 
ATOM   1190 C CD  . PRO A 1 148 ? -15.343 10.503  6.741   1.00 11.98 ? 148 PRO A CD  1 
ATOM   1191 N N   . HIS A 1 149 ? -11.758 8.089   8.530   1.00 8.78  ? 149 HIS A N   1 
ATOM   1192 C CA  . HIS A 1 149 ? -10.802 7.046   8.175   1.00 8.51  ? 149 HIS A CA  1 
ATOM   1193 C C   . HIS A 1 149 ? -10.317 6.361   9.433   1.00 8.52  ? 149 HIS A C   1 
ATOM   1194 O O   . HIS A 1 149 ? -10.232 6.988   10.487  1.00 8.83  ? 149 HIS A O   1 
ATOM   1195 C CB  . HIS A 1 149 ? -9.629  7.621   7.369   1.00 8.65  ? 149 HIS A CB  1 
ATOM   1196 C CG  . HIS A 1 149 ? -8.962  8.808   8.005   1.00 9.09  ? 149 HIS A CG  1 
ATOM   1197 N ND1 . HIS A 1 149 ? -9.521  10.068  8.011   1.00 9.41  ? 149 HIS A ND1 1 
ATOM   1198 C CD2 . HIS A 1 149 ? -7.756  8.931   8.612   1.00 10.47 ? 149 HIS A CD2 1 
ATOM   1199 C CE1 . HIS A 1 149 ? -8.707  10.908  8.625   1.00 10.12 ? 149 HIS A CE1 1 
ATOM   1200 N NE2 . HIS A 1 149 ? -7.623  10.246  8.989   1.00 10.34 ? 149 HIS A NE2 1 
ATOM   1201 N N   . THR A 1 150 ? -10.025 5.071   9.324   1.00 8.49  ? 150 THR A N   1 
ATOM   1202 C CA  . THR A 1 150 ? -9.566  4.285   10.466  1.00 8.72  ? 150 THR A CA  1 
ATOM   1203 C C   . THR A 1 150 ? -8.307  3.524   10.076  1.00 8.31  ? 150 THR A C   1 
ATOM   1204 O O   . THR A 1 150 ? -8.264  2.869   9.030   1.00 8.23  ? 150 THR A O   1 
ATOM   1205 C CB  . THR A 1 150 ? -10.660 3.310   10.943  1.00 9.15  ? 150 THR A CB  1 
ATOM   1206 O OG1 . THR A 1 150 ? -11.891 4.025   11.130  1.00 10.78 ? 150 THR A OG1 1 
ATOM   1207 C CG2 . THR A 1 150 ? -10.268 2.626   12.257  1.00 9.33  ? 150 THR A CG2 1 
ATOM   1208 N N   . PHE A 1 151 ? -7.289  3.630   10.926  1.00 8.11  ? 151 PHE A N   1 
ATOM   1209 C CA  . PHE A 1 151 ? -6.041  2.901   10.749  1.00 8.30  ? 151 PHE A CA  1 
ATOM   1210 C C   . PHE A 1 151 ? -6.128  1.542   11.436  1.00 8.67  ? 151 PHE A C   1 
ATOM   1211 O O   . PHE A 1 151 ? -6.209  1.456   12.670  1.00 8.83  ? 151 PHE A O   1 
ATOM   1212 C CB  . PHE A 1 151 ? -4.868  3.718   11.304  1.00 8.36  ? 151 PHE A CB  1 
ATOM   1213 C CG  . PHE A 1 151 ? -4.744  5.089   10.702  1.00 8.67  ? 151 PHE A CG  1 
ATOM   1214 C CD1 . PHE A 1 151 ? -4.281  5.252   9.397   1.00 8.32  ? 151 PHE A CD1 1 
ATOM   1215 C CD2 . PHE A 1 151 ? -5.075  6.217   11.440  1.00 8.32  ? 151 PHE A CD2 1 
ATOM   1216 C CE1 . PHE A 1 151 ? -4.150  6.525   8.834   1.00 9.16  ? 151 PHE A CE1 1 
ATOM   1217 C CE2 . PHE A 1 151 ? -4.958  7.500   10.884  1.00 10.23 ? 151 PHE A CE2 1 
ATOM   1218 C CZ  . PHE A 1 151 ? -4.493  7.654   9.585   1.00 9.74  ? 151 PHE A CZ  1 
ATOM   1219 N N   . LEU A 1 152 ? -6.113  0.485   10.629  1.00 8.52  ? 152 LEU A N   1 
ATOM   1220 C CA  . LEU A 1 152 ? -6.147  -0.881  11.141  1.00 9.11  ? 152 LEU A CA  1 
ATOM   1221 C C   . LEU A 1 152 ? -4.785  -1.526  10.992  1.00 9.58  ? 152 LEU A C   1 
ATOM   1222 O O   . LEU A 1 152 ? -4.133  -1.384  9.962   1.00 9.66  ? 152 LEU A O   1 
ATOM   1223 C CB  . LEU A 1 152 ? -7.142  -1.733  10.356  1.00 9.54  ? 152 LEU A CB  1 
ATOM   1224 C CG  . LEU A 1 152 ? -8.613  -1.340  10.315  1.00 10.62 ? 152 LEU A CG  1 
ATOM   1225 C CD1 . LEU A 1 152 ? -9.379  -2.415  9.561   1.00 10.70 ? 152 LEU A CD1 1 
ATOM   1226 C CD2 . LEU A 1 152 ? -9.196  -1.131  11.709  1.00 12.22 ? 152 LEU A CD2 1 
ATOM   1227 N N   . HIS A 1 153 ? -4.369  -2.256  12.019  1.00 9.31  ? 153 HIS A N   1 
ATOM   1228 C CA  . HIS A 1 153 ? -3.248  -3.170  11.879  1.00 9.41  ? 153 HIS A CA  1 
ATOM   1229 C C   . HIS A 1 153 ? -3.798  -4.577  12.089  1.00 9.58  ? 153 HIS A C   1 
ATOM   1230 O O   . HIS A 1 153 ? -4.250  -4.917  13.183  1.00 9.15  ? 153 HIS A O   1 
ATOM   1231 C CB  . HIS A 1 153 ? -2.138  -2.838  12.877  1.00 9.32  ? 153 HIS A CB  1 
ATOM   1232 C CG  . HIS A 1 153 ? -0.942  -3.733  12.772  1.00 10.55 ? 153 HIS A CG  1 
ATOM   1233 N ND1 . HIS A 1 153 ? -0.126  -4.012  13.848  1.00 10.82 ? 153 HIS A ND1 1 
ATOM   1234 C CD2 . HIS A 1 153 ? -0.424  -4.414  11.720  1.00 9.78  ? 153 HIS A CD2 1 
ATOM   1235 C CE1 . HIS A 1 153 ? 0.844   -4.823  13.464  1.00 10.96 ? 153 HIS A CE1 1 
ATOM   1236 N NE2 . HIS A 1 153 ? 0.685   -5.085  12.178  1.00 9.66  ? 153 HIS A NE2 1 
ATOM   1237 N N   . LEU A 1 154 ? -3.775  -5.368  11.019  1.00 9.45  ? 154 LEU A N   1 
ATOM   1238 C CA  . LEU A 1 154 ? -4.307  -6.730  10.990  1.00 10.72 ? 154 LEU A CA  1 
ATOM   1239 C C   . LEU A 1 154 ? -3.174  -7.739  10.931  1.00 11.08 ? 154 LEU A C   1 
ATOM   1240 O O   . LEU A 1 154 ? -2.246  -7.573  10.150  1.00 10.45 ? 154 LEU A O   1 
ATOM   1241 C CB  . LEU A 1 154 ? -5.193  -6.911  9.750   1.00 10.43 ? 154 LEU A CB  1 
ATOM   1242 C CG  . LEU A 1 154 ? -6.708  -6.673  9.808   1.00 12.77 ? 154 LEU A CG  1 
ATOM   1243 C CD1 . LEU A 1 154 ? -7.186  -5.728  10.914  1.00 12.17 ? 154 LEU A CD1 1 
ATOM   1244 C CD2 . LEU A 1 154 ? -7.261  -6.270  8.436   1.00 12.04 ? 154 LEU A CD2 1 
ATOM   1245 N N   . ILE A 1 155 ? -3.254  -8.781  11.760  1.00 11.97 ? 155 ILE A N   1 
ATOM   1246 C CA  . ILE A 1 155 ? -2.230  -9.829  11.775  1.00 13.39 ? 155 ILE A CA  1 
ATOM   1247 C C   . ILE A 1 155 ? -2.880  -11.166 11.444  1.00 14.07 ? 155 ILE A C   1 
ATOM   1248 O O   . ILE A 1 155 ? -3.958  -11.485 11.949  1.00 13.86 ? 155 ILE A O   1 
ATOM   1249 C CB  . ILE A 1 155 ? -1.463  -9.907  13.134  1.00 13.21 ? 155 ILE A CB  1 
ATOM   1250 C CG1 . ILE A 1 155 ? -0.847  -8.548  13.493  1.00 12.86 ? 155 ILE A CG1 1 
ATOM   1251 C CG2 . ILE A 1 155 ? -0.367  -10.983 13.068  1.00 14.36 ? 155 ILE A CG2 1 
ATOM   1252 C CD1 . ILE A 1 155 ? -0.131  -8.521  14.836  1.00 14.16 ? 155 ILE A CD1 1 
ATOM   1253 N N   . ARG A 1 156 ? -2.228  -11.930 10.572  1.00 15.37 ? 156 ARG A N   1 
ATOM   1254 C CA  . ARG A 1 156 ? -2.758  -13.212 10.126  1.00 17.40 ? 156 ARG A CA  1 
ATOM   1255 C C   . ARG A 1 156 ? -2.901  -14.146 11.324  1.00 18.46 ? 156 ARG A C   1 
ATOM   1256 O O   . ARG A 1 156 ? -1.961  -14.311 12.093  1.00 18.73 ? 156 ARG A O   1 
ATOM   1257 C CB  . ARG A 1 156 ? -1.838  -13.824 9.061   1.00 16.89 ? 156 ARG A CB  1 
ATOM   1258 C CG  . ARG A 1 156 ? -2.411  -15.052 8.371   1.00 18.25 ? 156 ARG A CG  1 
ATOM   1259 C CD  . ARG A 1 156 ? -1.423  -15.655 7.379   1.00 17.62 ? 156 ARG A CD  1 
ATOM   1260 N NE  . ARG A 1 156 ? -1.045  -14.715 6.320   1.00 17.75 ? 156 ARG A NE  1 
ATOM   1261 C CZ  . ARG A 1 156 ? -1.798  -14.411 5.265   1.00 18.37 ? 156 ARG A CZ  1 
ATOM   1262 N NH1 . ARG A 1 156 ? -2.995  -14.970 5.088   1.00 18.44 ? 156 ARG A NH1 1 
ATOM   1263 N NH2 . ARG A 1 156 ? -1.345  -13.539 4.375   1.00 17.65 ? 156 ARG A NH2 1 
ATOM   1264 N N   . LYS A 1 157 ? -4.090  -14.717 11.493  1.00 19.87 ? 157 LYS A N   1 
ATOM   1265 C CA  . LYS A 1 157 ? -4.332  -15.678 12.570  1.00 21.54 ? 157 LYS A CA  1 
ATOM   1266 C C   . LYS A 1 157 ? -3.557  -16.969 12.324  1.00 22.31 ? 157 LYS A C   1 
ATOM   1267 O O   . LYS A 1 157 ? -3.000  -17.557 13.259  1.00 22.88 ? 157 LYS A O   1 
ATOM   1268 C CB  . LYS A 1 157 ? -5.824  -15.979 12.712  1.00 21.65 ? 157 LYS A CB  1 
ATOM   1269 C CG  . LYS A 1 157 ? -6.646  -14.826 13.250  1.00 22.34 ? 157 LYS A CG  1 
ATOM   1270 C CD  . LYS A 1 157 ? -8.084  -15.253 13.492  1.00 23.56 ? 157 LYS A CD  1 
ATOM   1271 C CE  . LYS A 1 157 ? -8.919  -14.093 13.988  1.00 25.02 ? 157 LYS A CE  1 
ATOM   1272 N NZ  . LYS A 1 157 ? -10.375 -14.424 14.010  1.00 26.85 ? 157 LYS A NZ  1 
ATOM   1273 O OXT . LYS A 1 157 ? -3.466  -17.444 11.187  1.00 23.10 ? 157 LYS A OXT 1 
HETATM 1274 C C1K A 11F B 2 .   ? -0.251  11.734  -3.511  0.60 22.61 ? 219 11F A C1K 1 
HETATM 1275 C C1K B 11F B 2 .   ? -2.609  10.634  -6.131  0.40 7.24  ? 219 11F A C1K 1 
HETATM 1276 C C1I A 11F B 2 .   ? -0.231  13.127  -3.626  0.60 23.02 ? 219 11F A C1I 1 
HETATM 1277 C C1I B 11F B 2 .   ? -3.024  11.795  -6.781  0.40 8.68  ? 219 11F A C1I 1 
HETATM 1278 C C1H A 11F B 2 .   ? 0.529   13.728  -4.629  0.60 22.73 ? 219 11F A C1H 1 
HETATM 1279 C C1H B 11F B 2 .   ? -2.481  12.134  -8.021  0.40 7.91  ? 219 11F A C1H 1 
HETATM 1280 C C1J A 11F B 2 .   ? 1.265   12.944  -5.519  0.60 23.17 ? 219 11F A C1J 1 
HETATM 1281 C C1J B 11F B 2 .   ? -1.523  11.306  -8.611  0.40 7.91  ? 219 11F A C1J 1 
HETATM 1282 C C1L A 11F B 2 .   ? 1.246   11.553  -5.405  0.60 22.64 ? 219 11F A C1L 1 
HETATM 1283 C C1L B 11F B 2 .   ? -1.103  10.147  -7.955  0.40 7.56  ? 219 11F A C1L 1 
HETATM 1284 C C1V A 11F B 2 .   ? 0.485   10.946  -4.400  0.60 21.81 ? 219 11F A C1V 1 
HETATM 1285 C C1V B 11F B 2 .   ? -1.649  9.801   -6.711  0.40 6.10  ? 219 11F A C1V 1 
HETATM 1286 C C1Z A 11F B 2 .   ? 0.470   9.555   -4.284  0.60 21.67 ? 219 11F A C1Z 1 
HETATM 1287 C C1Z B 11F B 2 .   ? -1.212  8.641   -6.070  0.40 6.73  ? 219 11F A C1Z 1 
HETATM 1288 C C1Y A 11F B 2 .   ? 1.223   8.916   -3.290  0.60 21.65 ? 219 11F A C1Y 1 
HETATM 1289 C C1Y B 11F B 2 .   ? -0.702  8.686   -4.760  0.40 6.69  ? 219 11F A C1Y 1 
HETATM 1290 C C1O A 11F B 2 .   ? 1.194   7.523   -3.181  0.60 21.21 ? 219 11F A C1O 1 
HETATM 1291 C C1O B 11F B 2 .   ? -0.271  7.511   -4.136  0.40 7.03  ? 219 11F A C1O 1 
HETATM 1292 O O1R A 11F B 2 .   ? 1.980   9.640   -2.410  0.60 22.22 ? 219 11F A O1R 1 
HETATM 1293 O O1R B 11F B 2 .   ? -0.664  9.872   -4.083  0.40 6.09  ? 219 11F A O1R 1 
HETATM 1294 C C1A A 11F B 2 .   ? 3.336   9.806   -2.880  0.60 23.24 ? 219 11F A C1A 1 
HETATM 1295 C C1A B 11F B 2 .   ? 0.347   9.976   -3.046  0.40 8.00  ? 219 11F A C1A 1 
HETATM 1296 C C1N A 11F B 2 .   ? -0.299  8.799   -5.167  0.60 21.62 ? 219 11F A C1N 1 
HETATM 1297 C C1N B 11F B 2 .   ? -1.260  7.419   -6.749  0.40 6.16  ? 219 11F A C1N 1 
HETATM 1298 C C1M A 11F B 2 .   ? -0.324  7.409   -5.059  0.60 21.46 ? 219 11F A C1M 1 
HETATM 1299 C C1M B 11F B 2 .   ? -0.815  6.260   -6.118  0.40 6.31  ? 219 11F A C1M 1 
HETATM 1300 C C1W A 11F B 2 .   ? 0.423   6.767   -4.063  0.60 20.89 ? 219 11F A C1W 1 
HETATM 1301 C C1W B 11F B 2 .   ? -0.330  6.295   -4.806  0.40 5.53  ? 219 11F A C1W 1 
HETATM 1302 C C2A A 11F B 2 .   ? 0.420   5.236   -3.940  0.60 19.60 ? 219 11F A C2A 1 
HETATM 1303 C C2A B 11F B 2 .   ? 0.191   5.013   -4.124  0.40 3.61  ? 219 11F A C2A 1 
HETATM 1304 C C1C A 11F B 2 .   ? -0.522  4.629   -4.966  0.60 19.30 ? 219 11F A C1C 1 
HETATM 1305 C C1C B 11F B 2 .   ? -0.232  3.794   -4.906  0.40 5.27  ? 219 11F A C1C 1 
HETATM 1306 C C1G A 11F B 2 .   ? -0.014  4.850   -2.595  0.60 18.99 ? 219 11F A C1G 1 
HETATM 1307 C C1G B 11F B 2 .   ? -0.238  4.823   -2.735  0.40 2.81  ? 219 11F A C1G 1 
HETATM 1308 C C1F A 11F B 2 .   ? -0.381  4.571   -1.481  0.60 19.08 ? 219 11F A C1F 1 
HETATM 1309 C C1F B 11F B 2 .   ? -0.565  4.613   -1.592  0.40 2.77  ? 219 11F A C1F 1 
HETATM 1310 C C5  A 11F B 2 .   ? -0.835  4.300   -0.153  0.60 18.58 ? 219 11F A C5  1 
HETATM 1311 C C5  B 11F B 2 .   ? -0.955  4.369   -0.236  0.40 2.00  ? 219 11F A C5  1 
HETATM 1312 C C6  A 11F B 2 .   ? -1.445  5.308   0.592   0.60 18.70 ? 219 11F A C6  1 
HETATM 1313 C C6  B 11F B 2 .   ? -1.547  5.388   0.504   0.40 2.11  ? 219 11F A C6  1 
HETATM 1314 C C1B A 11F B 2 .   ? -1.640  6.712   0.014   0.60 18.54 ? 219 11F A C1B 1 
HETATM 1315 C C1B B 11F B 2 .   ? -1.792  6.766   -0.109  0.40 2.00  ? 219 11F A C1B 1 
HETATM 1316 N N1  A 11F B 2 .   ? -1.871  5.039   1.834   0.60 18.32 ? 219 11F A N1  1 
HETATM 1317 N N1  B 11F B 2 .   ? -1.914  5.153   1.772   0.40 2.00  ? 219 11F A N1  1 
HETATM 1318 C C2  A 11F B 2 .   ? -1.714  3.818   2.370   0.60 18.58 ? 219 11F A C2  1 
HETATM 1319 C C2  B 11F B 2 .   ? -1.714  3.952   2.339   0.40 2.00  ? 219 11F A C2  1 
HETATM 1320 N N1D A 11F B 2 .   ? -2.142  3.590   3.610   0.60 18.54 ? 219 11F A N1D 1 
HETATM 1321 N N1D B 11F B 2 .   ? -2.083  3.762   3.607   0.40 2.00  ? 219 11F A N1D 1 
HETATM 1322 N N3  A 11F B 2 .   ? -1.121  2.833   1.673   0.60 18.42 ? 219 11F A N3  1 
HETATM 1323 N N3  B 11F B 2 .   ? -1.135  2.952   1.652   0.40 2.00  ? 219 11F A N3  1 
HETATM 1324 C C4  A 11F B 2 .   ? -0.681  3.040   0.422   0.60 18.66 ? 219 11F A C4  1 
HETATM 1325 C C4  B 11F B 2 .   ? -0.752  3.126   0.374   0.40 2.34  ? 219 11F A C4  1 
HETATM 1326 N N1E A 11F B 2 .   ? -0.112  2.047   -0.255  0.60 18.32 ? 219 11F A N1E 1 
HETATM 1327 N N1E B 11F B 2 .   ? -0.192  2.118   -0.292  0.40 2.00  ? 219 11F A N1E 1 
HETATM 1328 P PA  A NDP C 3 .   ? 0.081   -2.238  -10.473 0.30 14.99 ? 207 NDP A PA  1 
HETATM 1329 P PA  B NDP C 3 .   ? 0.380   -2.432  -10.338 0.70 7.38  ? 207 NDP A PA  1 
HETATM 1330 O O1A A NDP C 3 .   ? -0.234  -3.391  -9.601  0.30 14.97 ? 207 NDP A O1A 1 
HETATM 1331 O O1A B NDP C 3 .   ? 0.158   -3.659  -9.549  0.70 7.25  ? 207 NDP A O1A 1 
HETATM 1332 O O2A A NDP C 3 .   ? 0.639   -1.101  -9.714  0.30 14.79 ? 207 NDP A O2A 1 
HETATM 1333 O O2A B NDP C 3 .   ? 1.009   -1.332  -9.579  0.70 8.37  ? 207 NDP A O2A 1 
HETATM 1334 O O5B A NDP C 3 .   ? 1.115   -2.668  -11.624 0.30 15.30 ? 207 NDP A O5B 1 
HETATM 1335 O O5B B NDP C 3 .   ? 1.283   -2.752  -11.625 0.70 7.40  ? 207 NDP A O5B 1 
HETATM 1336 C C5B A NDP C 3 .   ? 1.022   -3.917  -12.272 0.30 15.85 ? 207 NDP A C5B 1 
HETATM 1337 C C5B B NDP C 3 .   ? 1.087   -3.892  -12.423 0.70 7.59  ? 207 NDP A C5B 1 
HETATM 1338 C C4B A NDP C 3 .   ? 2.385   -4.162  -12.894 0.30 16.61 ? 207 NDP A C4B 1 
HETATM 1339 C C4B B NDP C 3 .   ? 2.397   -4.102  -13.151 0.70 8.65  ? 207 NDP A C4B 1 
HETATM 1340 O O4B A NDP C 3 .   ? 3.253   -4.806  -11.981 0.30 16.82 ? 207 NDP A O4B 1 
HETATM 1341 O O4B B NDP C 3 .   ? 3.398   -4.532  -12.243 0.70 9.29  ? 207 NDP A O4B 1 
HETATM 1342 C C3B A NDP C 3 .   ? 2.329   -5.055  -14.117 0.30 16.82 ? 207 NDP A C3B 1 
HETATM 1343 C C3B B NDP C 3 .   ? 2.359   -5.147  -14.252 0.70 8.69  ? 207 NDP A C3B 1 
HETATM 1344 O O3B A NDP C 3 .   ? 2.028   -4.299  -15.270 0.30 16.78 ? 207 NDP A O3B 1 
HETATM 1345 O O3B B NDP C 3 .   ? 1.775   -4.673  -15.451 0.70 8.16  ? 207 NDP A O3B 1 
HETATM 1346 C C2B A NDP C 3 .   ? 3.726   -5.639  -14.142 0.30 17.14 ? 207 NDP A C2B 1 
HETATM 1347 C C2B B NDP C 3 .   ? 3.841   -5.448  -14.329 0.70 9.00  ? 207 NDP A C2B 1 
HETATM 1348 O O2B A NDP C 3 .   ? 4.605   -4.765  -14.807 0.30 17.22 ? 207 NDP A O2B 1 
HETATM 1349 O O2B B NDP C 3 .   ? 4.561   -4.377  -14.889 0.70 8.51  ? 207 NDP A O2B 1 
HETATM 1350 C C1B A NDP C 3 .   ? 4.145   -5.650  -12.680 0.30 17.18 ? 207 NDP A C1B 1 
HETATM 1351 C C1B B NDP C 3 .   ? 4.226   -5.486  -12.863 0.70 10.33 ? 207 NDP A C1B 1 
HETATM 1352 N N9A A NDP C 3 .   ? 4.121   -7.017  -12.125 0.30 17.45 ? 207 NDP A N9A 1 
HETATM 1353 N N9A B NDP C 3 .   ? 4.016   -6.816  -12.280 0.70 11.15 ? 207 NDP A N9A 1 
HETATM 1354 C C8A A NDP C 3 .   ? 3.148   -7.559  -11.323 0.30 17.45 ? 207 NDP A C8A 1 
HETATM 1355 C C8A B NDP C 3 .   ? 3.032   -7.216  -11.408 0.70 11.18 ? 207 NDP A C8A 1 
HETATM 1356 N N7A A NDP C 3 .   ? 3.497   -8.830  -11.020 0.30 17.63 ? 207 NDP A N7A 1 
HETATM 1357 N N7A B NDP C 3 .   ? 3.233   -8.526  -11.123 0.70 11.59 ? 207 NDP A N7A 1 
HETATM 1358 C C5A A NDP C 3 .   ? 4.678   -9.108  -11.615 0.30 17.49 ? 207 NDP A C5A 1 
HETATM 1359 C C5A B NDP C 3 .   ? 4.331   -8.951  -11.798 0.70 11.67 ? 207 NDP A C5A 1 
HETATM 1360 C C6A A NDP C 3 .   ? 5.481   -10.245 -11.632 0.30 17.49 ? 207 NDP A C6A 1 
HETATM 1361 C C6A B NDP C 3 .   ? 4.984   -10.178 -11.878 0.70 11.70 ? 207 NDP A C6A 1 
HETATM 1362 N N6A A NDP C 3 .   ? 5.107   -11.337 -10.973 0.30 17.53 ? 207 NDP A N6A 1 
HETATM 1363 N N6A B NDP C 3 .   ? 4.533   -11.218 -11.197 0.70 11.66 ? 207 NDP A N6A 1 
HETATM 1364 N N1A A NDP C 3 .   ? 6.670   -10.236 -12.344 0.30 17.39 ? 207 NDP A N1A 1 
HETATM 1365 N N1A B NDP C 3 .   ? 6.115   -10.306 -12.671 0.70 11.53 ? 207 NDP A N1A 1 
HETATM 1366 C C2A A NDP C 3 .   ? 7.057   -9.101  -13.032 0.30 17.40 ? 207 NDP A C2A 1 
HETATM 1367 C C2A B NDP C 3 .   ? 6.588   -9.217  -13.377 0.70 11.50 ? 207 NDP A C2A 1 
HETATM 1368 N N3A A NDP C 3 .   ? 6.256   -7.974  -13.007 0.30 17.74 ? 207 NDP A N3A 1 
HETATM 1369 N N3A B NDP C 3 .   ? 5.937   -8.004  -13.306 0.70 12.31 ? 207 NDP A N3A 1 
HETATM 1370 C C4A A NDP C 3 .   ? 5.086   -7.975  -12.311 0.30 17.47 ? 207 NDP A C4A 1 
HETATM 1371 C C4A B NDP C 3 .   ? 4.831   -7.880  -12.520 0.70 11.29 ? 207 NDP A C4A 1 
HETATM 1372 O O3  A NDP C 3 .   ? -1.209  -1.773  -11.314 0.30 14.15 ? 207 NDP A O3  1 
HETATM 1373 O O3  B NDP C 3 .   ? -0.987  -1.894  -10.985 0.70 7.01  ? 207 NDP A O3  1 
HETATM 1374 P PN  A NDP C 3 .   ? -2.781  -1.761  -10.988 0.30 13.51 ? 207 NDP A PN  1 
HETATM 1375 P PN  B NDP C 3 .   ? -2.312  -2.666  -11.447 0.70 6.95  ? 207 NDP A PN  1 
HETATM 1376 O O1N A NDP C 3 .   ? -3.469  -1.107  -12.124 0.30 13.46 ? 207 NDP A O1N 1 
HETATM 1377 O O1N B NDP C 3 .   ? -1.955  -3.744  -12.390 0.70 7.43  ? 207 NDP A O1N 1 
HETATM 1378 O O2N A NDP C 3 .   ? -3.174  -3.127  -10.572 0.30 13.81 ? 207 NDP A O2N 1 
HETATM 1379 O O2N B NDP C 3 .   ? -3.069  -3.009  -10.223 0.70 8.01  ? 207 NDP A O2N 1 
HETATM 1380 O O5D A NDP C 3 .   ? -2.884  -0.785  -9.702  0.30 12.95 ? 207 NDP A O5D 1 
HETATM 1381 O O5D B NDP C 3 .   ? -3.069  -1.547  -12.314 0.70 7.85  ? 207 NDP A O5D 1 
HETATM 1382 C C5D A NDP C 3 .   ? -2.595  0.599   -9.771  0.30 11.05 ? 207 NDP A C5D 1 
HETATM 1383 C C5D B NDP C 3 .   ? -4.231  -0.891  -11.871 0.70 8.67  ? 207 NDP A C5D 1 
HETATM 1384 C C4D A NDP C 3 .   ? -3.544  1.384   -8.857  0.30 10.24 ? 207 NDP A C4D 1 
HETATM 1385 C C4D B NDP C 3 .   ? -3.857  0.472   -11.325 0.70 10.24 ? 207 NDP A C4D 1 
HETATM 1386 O O4D A NDP C 3 .   ? -3.188  1.270   -7.482  0.30 9.87  ? 207 NDP A O4D 1 
HETATM 1387 O O4D B NDP C 3 .   ? -2.954  0.410   -10.241 0.70 9.03  ? 207 NDP A O4D 1 
HETATM 1388 C C3D A NDP C 3 .   ? -3.584  2.877   -9.181  0.30 10.17 ? 207 NDP A C3D 1 
HETATM 1389 C C3D B NDP C 3 .   ? -3.198  1.381   -12.368 0.70 10.87 ? 207 NDP A C3D 1 
HETATM 1390 O O3D A NDP C 3 .   ? -4.918  3.281   -9.378  0.30 9.24  ? 207 NDP A O3D 1 
HETATM 1391 O O3D B NDP C 3 .   ? -4.174  2.121   -13.061 0.70 9.95  ? 207 NDP A O3D 1 
HETATM 1392 C C2D A NDP C 3 .   ? -3.050  3.541   -7.930  0.30 9.90  ? 207 NDP A C2D 1 
HETATM 1393 C C2D B NDP C 3 .   ? -2.244  2.251   -11.570 0.70 12.35 ? 207 NDP A C2D 1 
HETATM 1394 O O2D A NDP C 3 .   ? -3.644  4.788   -7.654  0.30 10.48 ? 207 NDP A O2D 1 
HETATM 1395 O O2D B NDP C 3 .   ? -2.541  3.613   -11.653 0.70 17.30 ? 207 NDP A O2D 1 
HETATM 1396 C C1D A NDP C 3 .   ? -3.444  2.525   -6.876  0.30 8.73  ? 207 NDP A C1D 1 
HETATM 1397 C C1D B NDP C 3 .   ? -2.560  1.731   -10.214 0.70 12.48 ? 207 NDP A C1D 1 
HETATM 1398 N N1N A NDP C 3 .   ? -2.794  2.824   -5.579  0.30 7.85  ? 207 NDP A N1N 1 
HETATM 1399 N N1N B NDP C 3 .   ? -2.877  2.574   -9.086  0.70 12.27 ? 207 NDP A N1N 1 
HETATM 1400 C C2N A NDP C 3 .   ? -3.620  3.225   -4.568  0.30 6.93  ? 207 NDP A C2N 1 
HETATM 1401 C C2N B NDP C 3 .   ? -2.523  2.219   -7.827  0.70 11.34 ? 207 NDP A C2N 1 
HETATM 1402 C C3N A NDP C 3 .   ? -3.140  3.543   -3.303  0.30 5.53  ? 207 NDP A C3N 1 
HETATM 1403 C C3N B NDP C 3 .   ? -2.920  3.028   -6.780  0.70 10.97 ? 207 NDP A C3N 1 
HETATM 1404 C C7N A NDP C 3 .   ? -4.054  3.258   -2.140  0.30 3.39  ? 207 NDP A C7N 1 
HETATM 1405 C C7N B NDP C 3 .   ? -2.874  2.435   -5.411  0.70 10.36 ? 207 NDP A C7N 1 
HETATM 1406 O O7N A NDP C 3 .   ? -3.576  2.485   -1.072  0.30 2.00  ? 207 NDP A O7N 1 
HETATM 1407 O O7N B NDP C 3 .   ? -1.914  1.446   -5.169  0.70 11.10 ? 207 NDP A O7N 1 
HETATM 1408 N N7N A NDP C 3 .   ? -5.301  3.745   -2.150  0.30 2.00  ? 207 NDP A N7N 1 
HETATM 1409 N N7N B NDP C 3 .   ? -3.706  2.869   -4.468  0.70 12.01 ? 207 NDP A N7N 1 
HETATM 1410 C C4N A NDP C 3 .   ? -1.759  3.491   -3.096  0.30 7.88  ? 207 NDP A C4N 1 
HETATM 1411 C C4N B NDP C 3 .   ? -3.654  4.184   -7.011  0.70 11.58 ? 207 NDP A C4N 1 
HETATM 1412 C C5N A NDP C 3 .   ? -0.911  3.096   -4.135  0.30 8.64  ? 207 NDP A C5N 1 
HETATM 1413 C C5N B NDP C 3 .   ? -4.019  4.512   -8.304  0.70 13.03 ? 207 NDP A C5N 1 
HETATM 1414 C C6N A NDP C 3 .   ? -1.441  2.765   -5.380  0.30 7.85  ? 207 NDP A C6N 1 
HETATM 1415 C C6N B NDP C 3 .   ? -3.651  3.677   -9.339  0.70 13.39 ? 207 NDP A C6N 1 
HETATM 1416 P P2B A NDP C 3 .   ? 5.078   -5.042  -16.320 0.30 18.03 ? 207 NDP A P2B 1 
HETATM 1417 P P2B B NDP C 3 .   ? 4.951   -4.336  -16.461 0.70 7.81  ? 207 NDP A P2B 1 
HETATM 1418 O O1X A NDP C 3 .   ? 3.872   -4.968  -17.223 0.30 17.11 ? 207 NDP A O1X 1 
HETATM 1419 O O1X B NDP C 3 .   ? 3.654   -4.265  -17.229 0.70 7.12  ? 207 NDP A O1X 1 
HETATM 1420 O O2X A NDP C 3 .   ? 6.089   -3.998  -16.722 0.30 17.64 ? 207 NDP A O2X 1 
HETATM 1421 O O2X B NDP C 3 .   ? 5.802   -3.116  -16.698 0.70 7.61  ? 207 NDP A O2X 1 
HETATM 1422 O O3X A NDP C 3 .   ? 5.689   -6.414  -16.379 0.30 17.46 ? 207 NDP A O3X 1 
HETATM 1423 O O3X B NDP C 3 .   ? 5.693   -5.619  -16.748 0.70 8.03  ? 207 NDP A O3X 1 
HETATM 1424 O O   . HOH D 4 .   ? -2.413  2.102   6.030   1.00 8.24  ? 158 HOH A O   1 
HETATM 1425 O O   . HOH D 4 .   ? -8.511  -7.144  -6.098  1.00 10.51 ? 159 HOH A O   1 
HETATM 1426 O O   . HOH D 4 .   ? -2.695  1.067   9.375   1.00 9.53  ? 160 HOH A O   1 
HETATM 1427 O O   . HOH D 4 .   ? -13.758 -7.968  1.693   1.00 22.82 ? 161 HOH A O   1 
HETATM 1428 O O   . HOH D 4 .   ? -8.319  -4.887  18.834  1.00 11.75 ? 162 HOH A O   1 
HETATM 1429 O O   . HOH D 4 .   ? -4.729  8.369   1.146   1.00 15.68 ? 163 HOH A O   1 
HETATM 1430 O O   . HOH D 4 .   ? -6.200  3.754   -11.866 1.00 13.99 ? 164 HOH A O   1 
HETATM 1431 O O   . HOH D 4 .   ? 0.402   -0.080  -19.281 1.00 16.30 ? 165 HOH A O   1 
HETATM 1432 O O   . HOH D 4 .   ? -11.055 -7.621  -6.460  1.00 13.47 ? 166 HOH A O   1 
HETATM 1433 O O   . HOH D 4 .   ? -2.075  -13.985 -2.767  1.00 18.28 ? 167 HOH A O   1 
HETATM 1434 O O   . HOH D 4 .   ? -12.182 9.447   11.174  1.00 10.36 ? 168 HOH A O   1 
HETATM 1435 O O   . HOH D 4 .   ? -1.908  0.819   11.977  1.00 16.40 ? 169 HOH A O   1 
HETATM 1436 O O   . HOH D 4 .   ? 4.680   -5.060  10.958  1.00 14.93 ? 170 HOH A O   1 
HETATM 1437 O O   . HOH D 4 .   ? 3.813   3.045   -16.489 1.00 35.91 ? 171 HOH A O   1 
HETATM 1438 O O   . HOH D 4 .   ? 5.881   9.255   2.627   1.00 22.10 ? 172 HOH A O   1 
HETATM 1439 O O   . HOH D 4 .   ? -9.716  5.495   17.907  1.00 16.43 ? 173 HOH A O   1 
HETATM 1440 O O   . HOH D 4 .   ? -1.089  9.795   -11.474 1.00 20.47 ? 174 HOH A O   1 
HETATM 1441 O O   . HOH D 4 .   ? 13.667  -2.697  4.523   1.00 19.86 ? 175 HOH A O   1 
HETATM 1442 O O   . HOH D 4 .   ? -3.783  0.929   14.064  1.00 11.16 ? 176 HOH A O   1 
HETATM 1443 O O   . HOH D 4 .   ? -15.551 16.790  6.163   1.00 29.56 ? 177 HOH A O   1 
HETATM 1444 O O   . HOH D 4 .   ? -0.623  -2.482  16.094  1.00 14.70 ? 178 HOH A O   1 
HETATM 1445 O O   . HOH D 4 .   ? -16.919 0.798   -6.093  1.00 11.99 ? 179 HOH A O   1 
HETATM 1446 O O   . HOH D 4 .   ? -1.358  -2.111  -19.175 1.00 24.63 ? 180 HOH A O   1 
HETATM 1447 O O   . HOH D 4 .   ? -17.779 -1.888  -5.849  1.00 13.46 ? 181 HOH A O   1 
HETATM 1448 O O   . HOH D 4 .   ? 13.734  9.401   -9.940  1.00 29.85 ? 182 HOH A O   1 
HETATM 1449 O O   . HOH D 4 .   ? -14.577 10.311  12.314  1.00 18.36 ? 183 HOH A O   1 
HETATM 1450 O O   . HOH D 4 .   ? -15.790 9.237   -6.383  1.00 13.85 ? 184 HOH A O   1 
HETATM 1451 O O   . HOH D 4 .   ? -2.868  -10.417 -9.891  1.00 29.00 ? 185 HOH A O   1 
HETATM 1452 O O   . HOH D 4 .   ? -16.327 1.792   -8.559  1.00 12.61 ? 186 HOH A O   1 
HETATM 1453 O O   . HOH D 4 .   ? -8.416  8.295   17.530  1.00 13.37 ? 187 HOH A O   1 
HETATM 1454 O O   . HOH D 4 .   ? 13.898  -2.448  7.467   1.00 20.27 ? 188 HOH A O   1 
HETATM 1455 O O   . HOH D 4 .   ? 10.694  10.393  5.056   1.00 18.24 ? 189 HOH A O   1 
HETATM 1456 O O   . HOH D 4 .   ? 6.706   -13.473 -10.465 1.00 21.25 ? 190 HOH A O   1 
HETATM 1457 O O   . HOH D 4 .   ? -9.153  -13.229 4.118   1.00 22.20 ? 191 HOH A O   1 
HETATM 1458 O O   . HOH D 4 .   ? -13.216 6.672   11.699  1.00 16.73 ? 192 HOH A O   1 
HETATM 1459 O O   . HOH D 4 .   ? -8.872  10.099  -10.153 1.00 35.49 ? 193 HOH A O   1 
HETATM 1460 O O   . HOH D 4 .   ? -10.827 9.795   17.569  1.00 23.71 ? 194 HOH A O   1 
HETATM 1461 O O   . HOH D 4 .   ? -13.293 8.814   -8.143  1.00 23.59 ? 195 HOH A O   1 
HETATM 1462 O O   . HOH D 4 .   ? 0.322   4.171   -14.020 1.00 16.05 ? 196 HOH A O   1 
HETATM 1463 O O   . HOH D 4 .   ? 15.177  -4.098  1.412   1.00 23.08 ? 197 HOH A O   1 
HETATM 1464 O O   . HOH D 4 .   ? -4.572  0.017   -15.468 1.00 18.99 ? 198 HOH A O   1 
HETATM 1465 O O   . HOH D 4 .   ? 16.286  1.842   -11.782 1.00 27.61 ? 199 HOH A O   1 
HETATM 1466 O O   . HOH D 4 .   ? 7.508   0.823   10.858  1.00 23.37 ? 200 HOH A O   1 
HETATM 1467 O O   . HOH D 4 .   ? 0.161   2.238   -18.033 1.00 20.43 ? 201 HOH A O   1 
HETATM 1468 O O   . HOH D 4 .   ? -2.048  2.834   -15.129 1.00 28.02 ? 202 HOH A O   1 
HETATM 1469 O O   . HOH D 4 .   ? -10.166 -3.189  -11.112 1.00 18.96 ? 203 HOH A O   1 
HETATM 1470 O O   . HOH D 4 .   ? -6.826  -12.617 3.188   1.00 25.00 ? 204 HOH A O   1 
HETATM 1471 O O   . HOH D 4 .   ? -2.643  -4.092  -14.893 1.00 22.22 ? 205 HOH A O   1 
HETATM 1472 O O   . HOH D 4 .   ? 5.847   -1.614  11.578  1.00 23.93 ? 206 HOH A O   1 
HETATM 1473 O O   . HOH D 4 .   ? -0.726  -5.666  -16.095 1.00 22.77 ? 208 HOH A O   1 
HETATM 1474 O O   . HOH D 4 .   ? 17.821  -2.378  -9.991  1.00 22.53 ? 209 HOH A O   1 
HETATM 1475 O O   . HOH D 4 .   ? -3.511  17.656  7.429   1.00 27.40 ? 210 HOH A O   1 
HETATM 1476 O O   . HOH D 4 .   ? -9.823  15.556  2.936   1.00 25.97 ? 211 HOH A O   1 
HETATM 1477 O O   . HOH D 4 .   ? -12.162 -1.460  13.840  1.00 25.28 ? 212 HOH A O   1 
HETATM 1478 O O   . HOH D 4 .   ? 18.282  2.791   -10.382 1.00 34.16 ? 213 HOH A O   1 
HETATM 1479 O O   . HOH D 4 .   ? -1.331  10.548  10.733  1.00 27.29 ? 214 HOH A O   1 
HETATM 1480 O O   . HOH D 4 .   ? 11.331  9.467   -11.242 1.00 40.00 ? 215 HOH A O   1 
HETATM 1481 O O   . HOH D 4 .   ? -5.093  -14.671 2.961   1.00 18.48 ? 216 HOH A O   1 
HETATM 1482 O O   . HOH D 4 .   ? 18.288  -7.124  -1.594  1.00 31.27 ? 217 HOH A O   1 
HETATM 1483 O O   . HOH D 4 .   ? 15.493  3.178   -3.288  1.00 25.34 ? 218 HOH A O   1 
HETATM 1484 O O   . HOH D 4 .   ? 15.723  1.189   3.664   1.00 21.71 ? 220 HOH A O   1 
HETATM 1485 O O   . HOH D 4 .   ? -14.813 10.126  -10.252 1.00 23.40 ? 221 HOH A O   1 
HETATM 1486 O O   . HOH D 4 .   ? -12.289 -3.741  6.415   1.00 30.17 ? 222 HOH A O   1 
HETATM 1487 O O   . HOH D 4 .   ? 14.963  -3.330  -15.728 1.00 26.35 ? 223 HOH A O   1 
HETATM 1488 O O   . HOH D 4 .   ? 9.840   4.849   10.054  1.00 28.56 ? 224 HOH A O   1 
HETATM 1489 O O   . HOH D 4 .   ? 3.555   9.265   1.600   1.00 41.99 ? 225 HOH A O   1 
HETATM 1490 O O   . HOH D 4 .   ? 0.720   14.652  4.711   1.00 26.92 ? 226 HOH A O   1 
HETATM 1491 O O   . HOH D 4 .   ? 15.717  1.625   9.407   1.00 27.19 ? 227 HOH A O   1 
HETATM 1492 O O   . HOH D 4 .   ? -10.919 -10.509 13.662  1.00 25.60 ? 228 HOH A O   1 
HETATM 1493 O O   . HOH D 4 .   ? 9.411   -1.457  10.991  1.00 28.01 ? 229 HOH A O   1 
HETATM 1494 O O   . HOH D 4 .   ? -18.117 2.974   -10.110 1.00 24.65 ? 230 HOH A O   1 
HETATM 1495 O O   . HOH D 4 .   ? 11.557  -5.833  -21.838 1.00 24.67 ? 231 HOH A O   1 
HETATM 1496 O O   . HOH D 4 .   ? 16.999  -4.909  -22.111 1.00 24.66 ? 232 HOH A O   1 
HETATM 1497 O O   . HOH D 4 .   ? 15.620  8.447   -13.702 1.00 29.65 ? 233 HOH A O   1 
HETATM 1498 O O   . HOH D 4 .   ? -19.658 7.142   -5.110  1.00 25.83 ? 234 HOH A O   1 
HETATM 1499 O O   . HOH D 4 .   ? -11.860 10.884  15.163  1.00 22.10 ? 235 HOH A O   1 
HETATM 1500 O O   . HOH D 4 .   ? -11.782 1.909   15.596  1.00 24.26 ? 236 HOH A O   1 
HETATM 1501 O O   . HOH D 4 .   ? -11.008 10.347  -8.011  1.00 24.34 ? 237 HOH A O   1 
HETATM 1502 O O   . HOH D 4 .   ? 3.954   -8.147  -16.927 1.00 23.52 ? 238 HOH A O   1 
HETATM 1503 O O   . HOH D 4 .   ? 4.902   11.345  9.407   1.00 33.81 ? 239 HOH A O   1 
HETATM 1504 O O   . HOH D 4 .   ? 6.696   -5.726  12.598  1.00 27.94 ? 240 HOH A O   1 
HETATM 1505 O O   . HOH D 4 .   ? 10.233  2.313   12.101  1.00 30.90 ? 241 HOH A O   1 
HETATM 1506 O O   . HOH D 4 .   ? 9.715   -10.625 -15.473 1.00 26.23 ? 242 HOH A O   1 
HETATM 1507 O O   . HOH D 4 .   ? -15.075 -10.201 7.374   1.00 30.39 ? 243 HOH A O   1 
HETATM 1508 O O   . HOH D 4 .   ? -9.591  -12.360 -2.150  1.00 27.01 ? 244 HOH A O   1 
HETATM 1509 O O   . HOH D 4 .   ? -4.729  11.195  -0.264  1.00 27.12 ? 245 HOH A O   1 
HETATM 1510 O O   . HOH D 4 .   ? 16.031  9.429   -0.304  1.00 24.01 ? 246 HOH A O   1 
HETATM 1511 O O   . HOH D 4 .   ? 1.588   3.788   -16.352 1.00 22.94 ? 247 HOH A O   1 
HETATM 1512 O O   . HOH D 4 .   ? -13.157 10.254  18.632  1.00 38.14 ? 248 HOH A O   1 
HETATM 1513 O O   . HOH D 4 .   ? 7.371   10.533  10.504  1.00 36.35 ? 249 HOH A O   1 
HETATM 1514 O O   . HOH D 4 .   ? -14.597 -5.448  2.065   1.00 35.91 ? 250 HOH A O   1 
HETATM 1515 O O   . HOH D 4 .   ? -2.031  19.177  5.053   1.00 41.83 ? 251 HOH A O   1 
HETATM 1516 O O   . HOH D 4 .   ? 7.520   -12.625 -13.215 1.00 20.11 ? 252 HOH A O   1 
HETATM 1517 O O   . HOH D 4 .   ? -9.782  -9.324  16.029  1.00 23.76 ? 253 HOH A O   1 
HETATM 1518 O O   . HOH D 4 .   ? -13.454 3.087   13.237  1.00 26.60 ? 254 HOH A O   1 
HETATM 1519 O O   . HOH D 4 .   ? 11.804  -9.625  -16.981 1.00 34.31 ? 255 HOH A O   1 
HETATM 1520 O O   . HOH D 4 .   ? 15.717  6.992   -16.260 1.00 30.83 ? 256 HOH A O   1 
HETATM 1521 O O   . HOH D 4 .   ? 10.834  -9.840  2.403   1.00 41.22 ? 257 HOH A O   1 
HETATM 1522 O O   . HOH D 4 .   ? -3.518  -8.256  -13.259 1.00 28.87 ? 258 HOH A O   1 
HETATM 1523 O O   . HOH D 4 .   ? -15.945 0.442   8.102   1.00 31.16 ? 259 HOH A O   1 
HETATM 1524 O O   . HOH D 4 .   ? -2.623  12.431  -1.413  1.00 38.74 ? 260 HOH A O   1 
HETATM 1525 O O   . HOH D 4 .   ? -5.390  -13.224 -4.536  1.00 28.06 ? 261 HOH A O   1 
HETATM 1526 O O   . HOH D 4 .   ? -7.937  -12.445 0.850   1.00 28.37 ? 262 HOH A O   1 
HETATM 1527 O O   . HOH D 4 .   ? -15.514 -1.379  6.158   1.00 36.22 ? 263 HOH A O   1 
HETATM 1528 O O   . HOH D 4 .   ? -9.461  -1.139  -14.471 1.00 28.65 ? 264 HOH A O   1 
HETATM 1529 O O   . HOH D 4 .   ? -10.947 -10.468 -6.802  1.00 26.90 ? 265 HOH A O   1 
HETATM 1530 O O   . HOH D 4 .   ? -20.621 -1.980  -6.033  1.00 29.06 ? 266 HOH A O   1 
HETATM 1531 O O   . HOH D 4 .   ? -5.302  11.564  13.062  1.00 29.25 ? 267 HOH A O   1 
HETATM 1532 O O   . HOH D 4 .   ? 14.211  -3.648  9.938   1.00 36.73 ? 268 HOH A O   1 
HETATM 1533 O O   . HOH D 4 .   ? -9.953  -12.250 -5.174  1.00 40.76 ? 269 HOH A O   1 
HETATM 1534 O O   . HOH D 4 .   ? -2.270  3.770   14.084  1.00 32.43 ? 270 HOH A O   1 
HETATM 1535 O O   . HOH D 4 .   ? -10.699 -6.815  -11.083 1.00 30.28 ? 271 HOH A O   1 
HETATM 1536 O O   . HOH D 4 .   ? -6.368  -8.270  -11.623 1.00 28.27 ? 272 HOH A O   1 
HETATM 1537 O O   . HOH D 4 .   ? 18.923  -2.813  -21.481 1.00 13.07 ? 273 HOH A O   1 
HETATM 1538 O O   . HOH D 4 .   ? 2.095   -8.710  -14.738 1.00 27.18 ? 274 HOH A O   1 
HETATM 1539 O O   . HOH D 4 .   ? -7.462  -11.957 -5.574  1.00 30.20 ? 275 HOH A O   1 
HETATM 1540 O O   . HOH D 4 .   ? -13.326 -6.914  4.590   1.00 31.76 ? 276 HOH A O   1 
HETATM 1541 O O   . HOH D 4 .   ? 15.804  -9.378  6.991   1.00 34.83 ? 277 HOH A O   1 
HETATM 1542 O O   . HOH D 4 .   ? -13.575 0.387   9.414   1.00 39.28 ? 278 HOH A O   1 
HETATM 1543 O O   . HOH D 4 .   ? 3.178   -1.828  14.297  1.00 28.53 ? 279 HOH A O   1 
HETATM 1544 O O   . HOH D 4 .   ? -15.593 17.733  8.766   1.00 48.45 ? 280 HOH A O   1 
HETATM 1545 O O   . HOH D 4 .   ? 15.924  -1.392  6.091   1.00 29.18 ? 281 HOH A O   1 
HETATM 1546 O O   . HOH D 4 .   ? 1.514   12.360  -10.263 1.00 40.35 ? 282 HOH A O   1 
HETATM 1547 O O   . HOH D 4 .   ? 16.239  5.430   -1.453  1.00 34.55 ? 283 HOH A O   1 
HETATM 1548 O O   . HOH D 4 .   ? 1.781   -14.287 -9.770  1.00 37.47 ? 284 HOH A O   1 
HETATM 1549 O O   . HOH D 4 .   ? 1.649   -14.982 -6.028  1.00 41.86 ? 285 HOH A O   1 
HETATM 1550 O O   . HOH D 4 .   ? -4.252  14.765  13.130  1.00 38.00 ? 286 HOH A O   1 
HETATM 1551 O O   . HOH D 4 .   ? -16.529 2.545   -3.773  1.00 11.41 ? 287 HOH A O   1 
HETATM 1552 O O   . HOH D 4 .   ? -13.216 18.023  9.292   1.00 36.67 ? 288 HOH A O   1 
HETATM 1553 O O   . HOH D 4 .   ? -3.388  2.520   -1.076  0.70 7.37  ? 289 HOH A O   1 
HETATM 1554 O O   . HOH D 4 .   ? -2.122  0.975   -2.876  0.70 3.03  ? 290 HOH A O   1 
# 
